data_8ASD
#
_entry.id   8ASD
#
_cell.length_a   1.00
_cell.length_b   1.00
_cell.length_c   1.00
_cell.angle_alpha   90.00
_cell.angle_beta   90.00
_cell.angle_gamma   90.00
#
_symmetry.space_group_name_H-M   'P 1'
#
loop_
_entity.id
_entity.type
_entity.pdbx_description
1 polymer 'RNA-directed RNA polymerase'
2 polymer "RNA (5'-R(P*AP*AP*AP*AP*AP*AP*GP*AP*UP*CP*UP*GP*GP*GP*CP*GP*GP*UP*CP*UP*UP*UP*GP*UP*GP*U)-3')"
3 polymer "RNA (5'-R(P*AP*CP*AP*CP*AP*AP*AP*GP*AP*CP*CP*GP*CP*CP*CP*AP*GP*AP*CP*CP*UP*UP*UP*UP*UP*U)-3')"
4 polymer "RNA (5'-R(P*AP*CP*AP*CP*AP*GP*AP*GP*AP*CP*GP*CP*CP*CP*AP*GP*AP*UP*GP*A)-3')"
5 non-polymer 'MAGNESIUM ION'
6 non-polymer "5'-O-[(S)-hydroxy{[(S)-hydroxy(phosphonooxy)phosphoryl]amino}phosphoryl]uridine"
7 water water
#
loop_
_entity_poly.entity_id
_entity_poly.type
_entity_poly.pdbx_seq_one_letter_code
_entity_poly.pdbx_strand_id
1 'polypeptide(L)'
;MNLEVLCGRINVENGLSLGEPGLYDQIYDRPGLPDLDVTVDATGVTVDIGAVPDSASQLGSSINAGLITIQLSEAYKINH
DFTFSGLSKTTDRRLSEVFPITHDGSDGMTPAVIHTRLDGTIVVVEFSTTRSHNIGGLEAAYRTKIEKYRDPISRRVDIM
ENPRVFFGVIVVSSGGVLSNMPLTQDEAEELMYRFCIANEIYTKARSMDADIELQKSEEELEAISRALSFFSLFEPNIER
VEGTFPNSEIKMLEQFLSTPADVDFITKTLKAKEVEAYADLCDSHYLKPEKTIQERLEINRCEAIDKTQDLLAGLHARSN
KQTSLNRGTVKLPPWLPKPSSESIDIKTDSGFGSLMDHGAYGELWAKCLLDVSLGNVEGVVSDPAKELDIAISDDPEKDT
PKEAKITYRRFKPALSSSARQEFSLQGVEGKKWKRMAANQKKEKESHETLSPFLDVEDIGDFLTFNNLLTDSRYGDESIQ
RAVSILLEKASAMQDTELTHALNDSFKRNLSSNVVQWSLWVSCLAQELASALKQHCRAGEFIIKKLKFWPIYVIIKPTKS
SSHIFYSLGIRKADVTRRLTGRVFSDTIDAGEWELTEFKSLKTCKLTNLVNLPCTMLNSIAFWREKLGVAPWLVRKPCSE
LREQVGLTFLISLEDKSKTEEIITLTRYTQMEGFVSPPMLPKPQKMLGKLDGPLRTKLQVYLLRKHLDCMVRIASQPFSL
IPREGRVEWGGTFHAISGRSTNLENMVNSWYIGYYKNKEESTELNALGEMYKKIVEMEEDKPSSPEFLGWGDTDSPKKHE
FSRSFLRAACSSLEREIAQRHGRQWKQNLEERVLREIGTKNILDLASMKATSNFSKDWELYSEVQTKEYHRSKLLEKMAT
LIEKGVMWYIDAVGQAWKAVLDDGCMRICLFKKNQHGGLREIYVMDANARLVQFGVETMARCVCELSPHETVANPRLKNS
IIENHGLKSARSLGPGSININSSNDAKKWNQGHYTTKLALVLCWFMPAKFHRFIWAAISMFRRKKMMVDLRFLAHLSSKS
ESRSSDPFREAMTDAFHGNRDVSWMDKGRTYIKTETGMMQGILHFTSSLLHSCVQSFYKSYFVSKLKEGYMGESISGVVD
VIEGSDDSAIMISIRPKSDMDEVRSRFFVANLLHSVKFLNPLFGIYSSEKSTVNTVYCVEYNSEFHFHRHLVRPTLRWIA
ASHQISETEALASRQEDYSNLLTQCLEGGASFSLTYLIQCAQLLHHYMLLGLCLHPLFGTFMGMLISDPDPALGFFLMDN
PAFAGGAGFRFNLWRACKTTDLGRKYAYYFNEIQGKTKGDEDYRALDATSGGTLSHSVMVYWGDRKKYQALLNRMGLPED
WVEQIDENPGVLYRRAANKKELLLKLAEKVHSPGVTSSLSKGHVVPRVVAAGVYLLSRHCFRFSSSIHGRGSTQKASLIK
LLMMSSISAMKHGGSLNPNQERMLFPQAQEYDRVCTLLEEVEHLTGKFVVRERNIVRSRIDLFQEPVDLRCKAEDLVSEV
WFGLKRTKLGPRLLKEEWDKLRASFAWLSTDPSETLRDGPFLSHVQFRNFIAHVDAKSRSVRLLGAPVKKSGGVTTISQV
VRMNFFPGFSLEAEKSLDNQERLESISILKHVLFMVLNGPYTEEYKLEMIIEAFSTLVIPQPSEVIRKSRTMTLCLLSNY
LSSRGGSILDQIERAQSGTLGGFSKPQKTFVRPGGGVGYKGKGVWTGVMEDTHVQILIDGDGTSNWLEEIRLSSDARLYD
VIESIRRLCDDLGINNRVASAYRGHCMVRLSGFKIKPASRTDGCPVRIMERGFRIRELQNPDEVKMRVRGDILNLSVTIQ
EGRVMNILSYRPRDTDISESAAAYLWSNRDLFSFGKKEPSCSWICLKTLDNWAWSHASVLLANDRKTQGIDNRAMGNIFR
DCLEGSLRKQGLMRSKLTEMVEKNVVPLTTQELVDILEEDIDFSDVIAVELSEGSLDIESIFDGAPILWSAEVEEFGEGV
VAVSYSSKYYHLTLMDQAAITMCAIMGKEGCRGLLTEKRCMAAIREQVRPFLIFLQIPEDSISWVSDQFCDSRGLDEEST
IMWG
;
A
2 'polyribonucleotide' AAAAAAGAUCUGGGCGGUCUUUGUGU T
3 'polyribonucleotide' ACACAAAGACCGCCCAGACCUUUUUU G
4 'polyribonucleotide' ACACAGAGACGCCCAGAUGA E,P
#
loop_
_chem_comp.id
_chem_comp.type
_chem_comp.name
_chem_comp.formula
2KH non-polymer 5'-O-[(S)-hydroxy{[(S)-hydroxy(phosphonooxy)phosphoryl]amino}phosphoryl]uridine 'C9 H16 N3 O14 P3'
A RNA linking ADENOSINE-5'-MONOPHOSPHATE 'C10 H14 N5 O7 P'
C RNA linking CYTIDINE-5'-MONOPHOSPHATE 'C9 H14 N3 O8 P'
G RNA linking GUANOSINE-5'-MONOPHOSPHATE 'C10 H14 N5 O8 P'
MG non-polymer 'MAGNESIUM ION' 'Mg 2'
U RNA linking URIDINE-5'-MONOPHOSPHATE 'C9 H13 N2 O9 P'
#
# COMPACT_ATOMS: atom_id res chain seq x y z
N MET A 1 14.33 33.97 -16.96
CA MET A 1 14.06 34.14 -15.54
C MET A 1 15.01 35.15 -14.91
N ASN A 2 14.61 35.73 -13.79
CA ASN A 2 15.37 36.76 -13.11
C ASN A 2 15.62 36.33 -11.68
N LEU A 3 16.87 36.47 -11.23
CA LEU A 3 17.23 36.08 -9.86
C LEU A 3 16.71 37.08 -8.85
N GLU A 4 16.74 38.37 -9.17
CA GLU A 4 16.34 39.39 -8.22
C GLU A 4 14.86 39.28 -7.87
N VAL A 5 14.02 39.13 -8.90
CA VAL A 5 12.57 39.00 -8.67
C VAL A 5 12.26 37.72 -7.91
N LEU A 6 12.90 36.61 -8.32
CA LEU A 6 12.65 35.32 -7.70
C LEU A 6 13.04 35.32 -6.23
N CYS A 7 14.19 35.93 -5.91
CA CYS A 7 14.64 36.01 -4.53
C CYS A 7 13.87 37.05 -3.72
N GLY A 8 13.34 38.10 -4.35
CA GLY A 8 12.55 39.09 -3.67
C GLY A 8 11.10 38.74 -3.49
N ARG A 9 10.63 37.68 -4.12
CA ARG A 9 9.26 37.20 -3.92
C ARG A 9 9.18 36.19 -2.77
N ILE A 10 10.28 35.98 -2.05
CA ILE A 10 10.31 35.07 -0.91
C ILE A 10 9.96 35.87 0.34
N ASN A 11 9.10 35.31 1.19
CA ASN A 11 8.83 35.88 2.51
C ASN A 11 9.70 35.17 3.53
N VAL A 12 10.65 35.90 4.12
CA VAL A 12 11.62 35.34 5.04
C VAL A 12 11.27 35.80 6.46
N GLU A 13 11.42 34.89 7.41
CA GLU A 13 11.26 35.21 8.82
C GLU A 13 12.63 35.18 9.51
N ASN A 14 12.64 35.55 10.78
CA ASN A 14 13.88 35.62 11.54
C ASN A 14 14.47 34.23 11.74
N GLY A 15 15.78 34.13 11.58
CA GLY A 15 16.46 32.84 11.62
C GLY A 15 16.43 32.16 10.27
N LEU A 16 17.05 30.99 10.24
CA LEU A 16 17.15 30.22 9.00
C LEU A 16 15.85 29.47 8.75
N SER A 17 15.30 29.62 7.56
CA SER A 17 14.02 29.03 7.18
C SER A 17 14.21 28.20 5.92
N LEU A 18 14.23 26.87 6.07
CA LEU A 18 14.43 25.99 4.93
C LEU A 18 13.25 26.03 3.96
N GLY A 19 12.03 26.04 4.49
CA GLY A 19 10.86 26.04 3.63
C GLY A 19 10.40 24.63 3.30
N GLU A 20 9.67 24.52 2.19
CA GLU A 20 9.13 23.24 1.76
C GLU A 20 9.47 22.98 0.31
N PRO A 21 9.88 21.75 -0.03
CA PRO A 21 10.25 21.43 -1.42
C PRO A 21 9.02 21.23 -2.29
N GLY A 22 8.93 22.02 -3.36
CA GLY A 22 7.87 21.88 -4.35
C GLY A 22 8.39 21.24 -5.62
N LEU A 23 7.52 20.44 -6.25
CA LEU A 23 7.87 19.73 -7.46
C LEU A 23 7.12 20.33 -8.66
N TYR A 24 7.83 20.45 -9.78
CA TYR A 24 7.30 20.98 -11.02
C TYR A 24 7.49 19.94 -12.11
N ASP A 25 6.40 19.57 -12.77
CA ASP A 25 6.45 18.62 -13.87
C ASP A 25 6.58 19.38 -15.19
N GLN A 26 7.01 18.67 -16.22
CA GLN A 26 7.13 19.28 -17.53
C GLN A 26 5.74 19.21 -18.15
N ILE A 27 5.04 20.34 -18.19
CA ILE A 27 3.64 20.39 -18.56
C ILE A 27 3.44 21.07 -19.91
N TYR A 28 4.03 22.25 -20.09
CA TYR A 28 3.63 23.09 -21.20
C TYR A 28 4.22 22.58 -22.51
N ASP A 29 3.59 22.99 -23.61
CA ASP A 29 4.02 22.56 -24.93
C ASP A 29 5.41 23.12 -25.24
N ARG A 30 6.27 22.27 -25.78
CA ARG A 30 7.65 22.65 -25.94
C ARG A 30 8.00 22.77 -27.41
N PRO A 31 8.72 23.83 -27.82
CA PRO A 31 9.16 23.93 -29.20
C PRO A 31 10.26 22.94 -29.50
N GLY A 32 10.54 22.78 -30.79
CA GLY A 32 11.63 21.92 -31.20
C GLY A 32 12.96 22.42 -30.70
N LEU A 33 13.90 21.51 -30.60
CA LEU A 33 15.20 21.89 -30.09
C LEU A 33 16.01 22.63 -31.16
N PRO A 34 16.83 23.60 -30.75
CA PRO A 34 17.67 24.31 -31.72
C PRO A 34 18.73 23.40 -32.30
N ASP A 35 19.33 23.86 -33.39
CA ASP A 35 20.42 23.11 -34.02
C ASP A 35 21.70 23.27 -33.22
N LEU A 36 22.40 22.16 -32.98
CA LEU A 36 23.65 22.14 -32.25
C LEU A 36 24.80 21.71 -33.14
N ASP A 37 25.91 22.42 -33.03
CA ASP A 37 27.13 22.11 -33.77
C ASP A 37 28.27 22.17 -32.75
N VAL A 38 28.67 21.01 -32.24
CA VAL A 38 29.68 20.92 -31.19
C VAL A 38 31.00 20.50 -31.83
N THR A 39 32.06 21.23 -31.53
CA THR A 39 33.41 20.91 -31.99
C THR A 39 34.36 20.91 -30.81
N VAL A 40 35.33 19.99 -30.83
CA VAL A 40 36.35 19.89 -29.80
C VAL A 40 37.70 20.04 -30.51
N ASP A 41 38.30 21.23 -30.39
CA ASP A 41 39.57 21.55 -31.04
C ASP A 41 40.72 21.63 -30.04
N ALA A 42 40.53 21.09 -28.83
CA ALA A 42 41.50 21.02 -27.74
C ALA A 42 41.82 22.40 -27.15
N THR A 43 41.32 23.45 -27.78
CA THR A 43 41.28 24.78 -27.18
C THR A 43 39.88 25.05 -26.62
N GLY A 44 39.42 24.16 -25.77
CA GLY A 44 38.04 24.19 -25.32
C GLY A 44 37.09 23.53 -26.30
N VAL A 45 35.81 23.68 -25.99
CA VAL A 45 34.71 23.08 -26.74
C VAL A 45 33.85 24.22 -27.28
N THR A 46 33.69 24.27 -28.61
CA THR A 46 32.96 25.35 -29.25
C THR A 46 31.61 24.82 -29.74
N VAL A 47 30.53 25.40 -29.24
CA VAL A 47 29.18 25.04 -29.64
C VAL A 47 28.59 26.18 -30.46
N ASP A 48 27.97 25.82 -31.58
CA ASP A 48 27.33 26.76 -32.50
C ASP A 48 25.82 26.54 -32.39
N ILE A 49 25.20 27.23 -31.44
CA ILE A 49 23.78 27.06 -31.18
C ILE A 49 23.00 27.92 -32.17
N GLY A 50 22.11 27.28 -32.93
CA GLY A 50 21.23 27.99 -33.83
C GLY A 50 20.03 28.56 -33.11
N ALA A 51 19.13 29.14 -33.90
CA ALA A 51 17.93 29.76 -33.36
C ALA A 51 16.93 28.70 -32.94
N VAL A 52 16.15 29.03 -31.91
CA VAL A 52 15.02 28.16 -31.52
C VAL A 52 14.00 28.16 -32.65
N PRO A 53 13.49 26.99 -33.07
CA PRO A 53 12.48 26.95 -34.12
C PRO A 53 11.22 27.71 -33.72
N ASP A 54 10.53 28.25 -34.72
CA ASP A 54 9.43 29.16 -34.48
C ASP A 54 8.29 28.47 -33.74
N SER A 55 7.81 29.13 -32.68
CA SER A 55 6.65 28.72 -31.92
C SER A 55 6.12 29.96 -31.22
N ALA A 56 5.00 29.80 -30.51
CA ALA A 56 4.44 30.90 -29.72
C ALA A 56 4.07 30.36 -28.34
N SER A 57 5.05 30.28 -27.46
CA SER A 57 4.80 29.97 -26.05
C SER A 57 5.72 30.81 -25.16
N GLN A 58 6.58 31.62 -25.80
CA GLN A 58 7.66 32.35 -25.13
C GLN A 58 8.58 31.41 -24.36
N LEU A 59 8.61 30.13 -24.72
CA LEU A 59 9.44 29.14 -24.03
C LEU A 59 10.65 28.87 -24.91
N GLY A 60 11.83 28.90 -24.30
CA GLY A 60 13.07 28.80 -25.06
C GLY A 60 13.59 30.12 -25.58
N SER A 61 13.01 31.24 -25.16
CA SER A 61 13.42 32.56 -25.61
C SER A 61 14.67 33.07 -24.91
N SER A 62 15.17 32.37 -23.89
CA SER A 62 16.39 32.76 -23.20
C SER A 62 17.64 32.23 -23.86
N ILE A 63 17.51 31.43 -24.92
CA ILE A 63 18.64 30.81 -25.60
C ILE A 63 19.02 31.68 -26.79
N ASN A 64 20.26 32.14 -26.82
CA ASN A 64 20.75 33.05 -27.83
C ASN A 64 21.64 32.28 -28.81
N ALA A 65 21.39 32.46 -30.11
CA ALA A 65 22.21 31.83 -31.13
C ALA A 65 23.61 32.43 -31.14
N GLY A 66 24.57 31.65 -31.60
CA GLY A 66 25.93 32.11 -31.76
C GLY A 66 26.93 31.20 -31.07
N LEU A 67 28.20 31.46 -31.38
CA LEU A 67 29.30 30.63 -30.89
C LEU A 67 29.48 30.82 -29.39
N ILE A 68 29.70 29.71 -28.69
CA ILE A 68 30.00 29.72 -27.26
C ILE A 68 31.17 28.77 -27.01
N THR A 69 32.12 29.18 -26.19
CA THR A 69 33.30 28.39 -25.86
C THR A 69 33.27 27.99 -24.40
N ILE A 70 33.48 26.70 -24.13
CA ILE A 70 33.56 26.16 -22.78
C ILE A 70 34.82 25.30 -22.70
N GLN A 71 35.75 25.70 -21.83
CA GLN A 71 37.07 25.08 -21.79
C GLN A 71 37.02 23.61 -21.39
N LEU A 72 38.05 22.86 -21.79
CA LEU A 72 38.06 21.42 -21.58
C LEU A 72 38.04 21.05 -20.10
N SER A 73 38.81 21.78 -19.29
CA SER A 73 38.80 21.53 -17.85
C SER A 73 37.51 22.02 -17.20
N GLU A 74 36.76 22.88 -17.88
CA GLU A 74 35.46 23.34 -17.40
C GLU A 74 34.30 22.65 -18.10
N ALA A 75 34.58 21.66 -18.94
CA ALA A 75 33.57 21.03 -19.78
C ALA A 75 32.92 19.82 -19.13
N TYR A 76 33.38 19.40 -17.96
CA TYR A 76 32.65 18.37 -17.22
C TYR A 76 31.50 18.94 -16.40
N LYS A 77 31.35 20.26 -16.37
CA LYS A 77 30.32 20.94 -15.60
C LYS A 77 29.26 21.58 -16.49
N ILE A 78 29.16 21.13 -17.74
CA ILE A 78 28.31 21.81 -18.72
C ILE A 78 26.86 21.84 -18.27
N ASN A 79 26.34 20.70 -17.81
CA ASN A 79 24.93 20.61 -17.39
C ASN A 79 24.63 21.63 -16.30
N HIS A 80 25.56 21.81 -15.37
CA HIS A 80 25.38 22.83 -14.35
C HIS A 80 25.49 24.24 -14.92
N ASP A 81 26.46 24.46 -15.80
CA ASP A 81 26.76 25.84 -16.21
C ASP A 81 25.72 26.39 -17.17
N PHE A 82 25.34 25.63 -18.19
CA PHE A 82 24.43 26.13 -19.20
C PHE A 82 23.00 26.23 -18.69
N THR A 83 22.59 25.33 -17.80
CA THR A 83 21.22 25.36 -17.30
C THR A 83 20.92 26.63 -16.52
N PHE A 84 21.90 27.09 -15.73
CA PHE A 84 21.69 28.20 -14.81
C PHE A 84 22.38 29.47 -15.28
N SER A 85 22.70 29.57 -16.57
CA SER A 85 23.26 30.79 -17.15
C SER A 85 22.11 31.73 -17.50
N GLY A 86 21.92 32.77 -16.70
CA GLY A 86 20.82 33.68 -16.86
C GLY A 86 20.07 33.85 -15.56
N LEU A 87 19.93 32.75 -14.82
CA LEU A 87 19.54 32.84 -13.43
C LEU A 87 20.68 33.40 -12.59
N SER A 88 21.90 32.95 -12.86
CA SER A 88 23.08 33.44 -12.16
C SER A 88 24.23 33.51 -13.14
N LYS A 89 24.59 34.73 -13.55
CA LYS A 89 25.70 34.90 -14.49
C LYS A 89 27.04 34.69 -13.81
N THR A 90 27.12 34.90 -12.49
CA THR A 90 28.36 34.70 -11.76
C THR A 90 28.60 33.22 -11.52
N THR A 91 29.67 32.91 -10.79
CA THR A 91 30.11 31.53 -10.59
C THR A 91 29.96 31.08 -9.15
N ASP A 92 30.55 31.80 -8.19
CA ASP A 92 30.51 31.41 -6.80
C ASP A 92 30.76 32.63 -5.91
N ARG A 93 30.43 32.47 -4.63
CA ARG A 93 30.73 33.48 -3.62
C ARG A 93 30.90 32.77 -2.28
N ARG A 94 32.03 33.02 -1.63
CA ARG A 94 32.33 32.40 -0.35
C ARG A 94 31.44 32.97 0.75
N LEU A 95 31.28 32.18 1.81
CA LEU A 95 30.53 32.64 2.98
C LEU A 95 31.28 33.70 3.78
N SER A 96 32.57 33.89 3.51
CA SER A 96 33.37 34.84 4.30
C SER A 96 32.92 36.28 4.08
N GLU A 97 32.53 36.63 2.85
CA GLU A 97 32.26 38.02 2.51
C GLU A 97 30.80 38.43 2.67
N VAL A 98 29.94 37.55 3.16
CA VAL A 98 28.56 37.96 3.44
C VAL A 98 28.24 37.68 4.90
N PHE A 99 28.86 36.66 5.47
CA PHE A 99 28.58 36.21 6.81
C PHE A 99 29.73 36.60 7.75
N PRO A 100 29.47 36.67 9.06
CA PRO A 100 30.57 36.90 10.01
C PRO A 100 31.60 35.79 9.95
N ILE A 101 32.85 36.18 10.18
CA ILE A 101 33.98 35.26 10.05
C ILE A 101 33.91 34.24 11.20
N THR A 102 33.53 33.02 10.86
CA THR A 102 33.66 31.87 11.75
C THR A 102 35.08 31.32 11.57
N HIS A 103 35.48 30.42 12.47
CA HIS A 103 36.80 29.81 12.35
C HIS A 103 36.70 28.30 12.22
N ASP A 104 35.63 27.83 11.60
CA ASP A 104 35.52 26.43 11.21
C ASP A 104 36.26 26.22 9.89
N GLY A 105 36.15 25.02 9.35
CA GLY A 105 36.71 24.77 8.04
C GLY A 105 35.82 25.18 6.89
N SER A 106 34.65 25.75 7.18
CA SER A 106 33.63 26.02 6.18
C SER A 106 33.67 27.45 5.66
N ASP A 107 34.70 28.23 6.04
CA ASP A 107 34.76 29.62 5.60
C ASP A 107 35.01 29.72 4.09
N GLY A 108 35.62 28.71 3.50
CA GLY A 108 35.86 28.68 2.07
C GLY A 108 34.80 28.00 1.24
N MET A 109 33.70 27.54 1.84
CA MET A 109 32.65 26.90 1.07
C MET A 109 31.93 27.93 0.21
N THR A 110 31.56 27.52 -1.01
CA THR A 110 31.03 28.43 -2.02
C THR A 110 29.68 27.92 -2.52
N PRO A 111 28.58 28.37 -1.93
CA PRO A 111 27.28 28.18 -2.58
C PRO A 111 27.18 29.03 -3.83
N ALA A 112 26.28 28.61 -4.73
CA ALA A 112 26.23 29.21 -6.06
C ALA A 112 25.88 30.69 -6.01
N VAL A 113 24.88 31.06 -5.21
CA VAL A 113 24.44 32.45 -5.12
C VAL A 113 24.29 32.82 -3.65
N ILE A 114 24.77 33.98 -3.27
CA ILE A 114 24.47 34.59 -1.98
C ILE A 114 23.93 35.98 -2.27
N HIS A 115 22.62 36.09 -2.40
CA HIS A 115 21.95 37.35 -2.67
C HIS A 115 21.65 38.08 -1.37
N THR A 116 21.69 39.41 -1.43
CA THR A 116 21.41 40.25 -0.26
C THR A 116 20.52 41.40 -0.69
N ARG A 117 19.33 41.48 -0.08
CA ARG A 117 18.38 42.53 -0.41
C ARG A 117 18.81 43.84 0.25
N LEU A 118 17.97 44.87 0.12
CA LEU A 118 18.31 46.18 0.66
C LEU A 118 18.15 46.22 2.18
N ASP A 119 17.09 45.61 2.71
CA ASP A 119 16.86 45.63 4.15
C ASP A 119 17.94 44.85 4.90
N GLY A 120 18.38 43.73 4.36
CA GLY A 120 19.37 42.90 5.02
C GLY A 120 19.11 41.42 4.91
N THR A 121 18.02 41.06 4.23
CA THR A 121 17.68 39.66 4.05
C THR A 121 18.67 38.98 3.12
N ILE A 122 19.16 37.82 3.52
CA ILE A 122 20.15 37.06 2.78
C ILE A 122 19.48 35.81 2.24
N VAL A 123 19.70 35.51 0.96
CA VAL A 123 19.19 34.31 0.32
C VAL A 123 20.38 33.54 -0.23
N VAL A 124 20.63 32.36 0.32
CA VAL A 124 21.67 31.46 -0.18
C VAL A 124 21.02 30.45 -1.10
N VAL A 125 21.40 30.48 -2.38
CA VAL A 125 20.75 29.66 -3.40
C VAL A 125 21.77 28.69 -3.97
N GLU A 126 21.41 27.41 -4.01
CA GLU A 126 22.25 26.35 -4.55
C GLU A 126 21.58 25.73 -5.76
N PHE A 127 22.39 25.39 -6.77
CA PHE A 127 21.92 24.79 -8.01
C PHE A 127 22.38 23.35 -8.11
N SER A 128 21.59 22.52 -8.80
CA SER A 128 21.95 21.14 -9.01
C SER A 128 21.23 20.60 -10.24
N THR A 129 21.86 19.64 -10.90
CA THR A 129 21.26 18.92 -12.02
C THR A 129 21.46 17.43 -11.81
N THR A 130 20.50 16.65 -12.29
CA THR A 130 20.61 15.20 -12.27
C THR A 130 20.13 14.66 -13.61
N ARG A 131 20.75 13.56 -14.02
CA ARG A 131 20.39 12.88 -15.26
C ARG A 131 19.49 11.67 -15.02
N SER A 132 19.07 11.46 -13.78
CA SER A 132 18.09 10.43 -13.47
C SER A 132 16.74 10.77 -14.09
N HIS A 133 15.85 9.78 -14.10
CA HIS A 133 14.55 9.91 -14.72
C HIS A 133 13.39 9.80 -13.75
N ASN A 134 13.65 9.49 -12.48
CA ASN A 134 12.61 9.37 -11.48
C ASN A 134 12.71 10.48 -10.45
N ILE A 135 11.68 10.56 -9.61
CA ILE A 135 11.65 11.54 -8.53
C ILE A 135 12.72 11.24 -7.49
N GLY A 136 13.14 9.98 -7.39
CA GLY A 136 14.13 9.61 -6.39
C GLY A 136 15.48 10.29 -6.59
N GLY A 137 15.89 10.46 -7.85
CA GLY A 137 17.13 11.18 -8.12
C GLY A 137 17.05 12.63 -7.73
N LEU A 138 15.92 13.28 -8.03
CA LEU A 138 15.70 14.66 -7.62
C LEU A 138 15.74 14.79 -6.10
N GLU A 139 15.10 13.85 -5.40
CA GLU A 139 15.10 13.88 -3.94
C GLU A 139 16.50 13.68 -3.38
N ALA A 140 17.27 12.77 -3.97
CA ALA A 140 18.65 12.55 -3.52
C ALA A 140 19.51 13.80 -3.71
N ALA A 141 19.40 14.46 -4.86
CA ALA A 141 20.19 15.66 -5.10
C ALA A 141 19.76 16.80 -4.18
N TYR A 142 18.45 17.00 -4.00
CA TYR A 142 17.96 18.02 -3.07
C TYR A 142 18.47 17.76 -1.67
N ARG A 143 18.40 16.51 -1.23
CA ARG A 143 18.81 16.17 0.13
C ARG A 143 20.30 16.38 0.33
N THR A 144 21.13 15.98 -0.64
CA THR A 144 22.57 16.14 -0.45
C THR A 144 22.97 17.61 -0.50
N LYS A 145 22.29 18.42 -1.32
CA LYS A 145 22.62 19.84 -1.35
C LYS A 145 22.16 20.57 -0.09
N ILE A 146 21.02 20.19 0.49
CA ILE A 146 20.64 20.69 1.81
C ILE A 146 21.62 20.25 2.89
N GLU A 147 22.06 18.99 2.88
CA GLU A 147 22.94 18.47 3.91
C GLU A 147 24.31 19.15 3.87
N LYS A 148 24.82 19.46 2.67
CA LYS A 148 26.15 20.04 2.57
C LYS A 148 26.24 21.41 3.23
N TYR A 149 25.17 22.20 3.19
CA TYR A 149 25.25 23.60 3.58
C TYR A 149 24.34 24.01 4.73
N ARG A 150 23.48 23.14 5.26
CA ARG A 150 22.57 23.60 6.30
C ARG A 150 23.30 23.93 7.59
N ASP A 151 24.25 23.09 8.00
CA ASP A 151 24.89 23.29 9.30
C ASP A 151 25.81 24.50 9.35
N PRO A 152 26.79 24.70 8.44
CA PRO A 152 27.65 25.89 8.56
C PRO A 152 26.88 27.20 8.47
N ILE A 153 25.83 27.25 7.66
CA ILE A 153 25.01 28.44 7.57
C ILE A 153 24.34 28.73 8.90
N SER A 154 23.87 27.69 9.59
CA SER A 154 23.28 27.86 10.92
C SER A 154 24.31 28.35 11.94
N ARG A 155 25.53 27.80 11.88
CA ARG A 155 26.58 28.27 12.78
C ARG A 155 26.90 29.74 12.54
N ARG A 156 26.86 30.18 11.28
CA ARG A 156 27.02 31.60 10.99
C ARG A 156 25.81 32.40 11.45
N VAL A 157 24.62 31.79 11.40
CA VAL A 157 23.39 32.46 11.83
C VAL A 157 23.42 32.76 13.32
N ASP A 158 24.05 31.87 14.10
CA ASP A 158 24.15 32.08 15.54
C ASP A 158 24.85 33.40 15.88
N ILE A 159 25.86 33.78 15.10
CA ILE A 159 26.69 34.93 15.42
C ILE A 159 26.33 36.14 14.56
N MET A 160 25.11 36.20 14.05
CA MET A 160 24.60 37.37 13.34
C MET A 160 23.62 38.14 14.21
N GLU A 161 23.44 39.41 13.88
CA GLU A 161 22.46 40.26 14.56
C GLU A 161 21.33 40.60 13.61
N ASN A 162 20.10 40.28 14.04
CA ASN A 162 18.88 40.39 13.25
C ASN A 162 19.05 39.70 11.89
N PRO A 163 19.23 38.37 11.84
CA PRO A 163 19.45 37.71 10.55
C PRO A 163 18.18 37.17 9.92
N ARG A 164 18.09 37.23 8.59
CA ARG A 164 17.03 36.56 7.84
C ARG A 164 17.67 35.84 6.65
N VAL A 165 17.81 34.51 6.77
CA VAL A 165 18.44 33.69 5.75
C VAL A 165 17.48 32.58 5.35
N PHE A 166 17.46 32.26 4.05
CA PHE A 166 16.53 31.28 3.51
C PHE A 166 17.20 29.98 3.08
N PHE A 167 18.28 30.04 2.29
CA PHE A 167 18.93 28.85 1.74
C PHE A 167 17.99 28.01 0.88
N GLY A 168 17.63 28.52 -0.30
CA GLY A 168 16.93 27.72 -1.27
C GLY A 168 17.82 26.87 -2.17
N VAL A 169 17.22 25.83 -2.75
CA VAL A 169 17.89 24.89 -3.64
C VAL A 169 17.01 24.69 -4.88
N ILE A 170 17.62 24.61 -6.05
CA ILE A 170 16.94 24.27 -7.29
C ILE A 170 17.64 23.06 -7.89
N VAL A 171 16.88 21.98 -8.12
CA VAL A 171 17.39 20.78 -8.78
C VAL A 171 16.62 20.58 -10.07
N VAL A 172 17.33 20.44 -11.18
CA VAL A 172 16.73 20.37 -12.50
C VAL A 172 17.06 19.01 -13.11
N SER A 173 16.03 18.32 -13.59
CA SER A 173 16.18 17.08 -14.34
C SER A 173 15.49 17.26 -15.69
N SER A 174 15.42 16.17 -16.45
CA SER A 174 14.82 16.22 -17.78
C SER A 174 13.32 16.48 -17.70
N GLY A 175 12.64 15.86 -16.74
CA GLY A 175 11.20 16.00 -16.65
C GLY A 175 10.69 16.50 -15.31
N GLY A 176 11.54 17.15 -14.52
CA GLY A 176 11.12 17.64 -13.23
C GLY A 176 12.05 18.71 -12.70
N VAL A 177 11.50 19.58 -11.86
CA VAL A 177 12.26 20.56 -11.10
C VAL A 177 11.84 20.46 -9.64
N LEU A 178 12.81 20.28 -8.75
CA LEU A 178 12.55 20.19 -7.33
C LEU A 178 13.18 21.39 -6.64
N SER A 179 12.36 22.24 -6.03
CA SER A 179 12.88 23.47 -5.46
C SER A 179 11.91 24.02 -4.43
N ASN A 180 12.47 24.65 -3.40
CA ASN A 180 11.71 25.41 -2.43
C ASN A 180 11.62 26.90 -2.78
N MET A 181 12.23 27.32 -3.89
CA MET A 181 12.02 28.66 -4.41
C MET A 181 10.60 28.80 -4.95
N PRO A 182 10.02 30.00 -4.87
CA PRO A 182 8.69 30.23 -5.46
C PRO A 182 8.78 30.46 -6.97
N LEU A 183 9.25 29.43 -7.68
CA LEU A 183 9.34 29.51 -9.13
C LEU A 183 7.96 29.45 -9.76
N THR A 184 7.80 30.18 -10.86
CA THR A 184 6.62 29.98 -11.70
C THR A 184 6.81 28.73 -12.54
N GLN A 185 5.71 28.27 -13.15
CA GLN A 185 5.79 27.11 -14.02
C GLN A 185 6.65 27.40 -15.25
N ASP A 186 6.57 28.62 -15.79
CA ASP A 186 7.36 28.98 -16.96
C ASP A 186 8.85 28.94 -16.66
N GLU A 187 9.26 29.40 -15.47
CA GLU A 187 10.67 29.37 -15.11
C GLU A 187 11.19 27.94 -15.00
N ALA A 188 10.41 27.05 -14.39
CA ALA A 188 10.81 25.65 -14.30
C ALA A 188 10.87 25.01 -15.68
N GLU A 189 9.91 25.33 -16.56
CA GLU A 189 9.93 24.80 -17.92
C GLU A 189 11.16 25.29 -18.68
N GLU A 190 11.52 26.57 -18.51
CA GLU A 190 12.70 27.11 -19.15
C GLU A 190 13.96 26.44 -18.64
N LEU A 191 14.04 26.19 -17.33
CA LEU A 191 15.19 25.49 -16.78
C LEU A 191 15.29 24.07 -17.34
N MET A 192 14.15 23.37 -17.46
CA MET A 192 14.16 22.03 -18.03
C MET A 192 14.63 22.05 -19.48
N TYR A 193 14.15 23.02 -20.26
CA TYR A 193 14.54 23.13 -21.66
C TYR A 193 16.03 23.41 -21.81
N ARG A 194 16.53 24.38 -21.04
CA ARG A 194 17.97 24.68 -21.05
C ARG A 194 18.78 23.46 -20.64
N PHE A 195 18.28 22.68 -19.68
CA PHE A 195 18.96 21.45 -19.29
C PHE A 195 18.99 20.45 -20.44
N CYS A 196 17.92 20.39 -21.24
CA CYS A 196 17.91 19.49 -22.39
C CYS A 196 18.98 19.87 -23.41
N ILE A 197 19.08 21.16 -23.76
CA ILE A 197 20.17 21.59 -24.64
C ILE A 197 21.54 21.32 -24.01
N ALA A 198 21.69 21.59 -22.71
CA ALA A 198 22.98 21.39 -22.06
C ALA A 198 23.41 19.92 -22.09
N ASN A 199 22.47 19.00 -21.84
CA ASN A 199 22.80 17.59 -21.88
C ASN A 199 23.07 17.11 -23.30
N GLU A 200 22.39 17.68 -24.30
CA GLU A 200 22.73 17.40 -25.68
C GLU A 200 24.17 17.79 -26.01
N ILE A 201 24.56 19.00 -25.59
CA ILE A 201 25.94 19.47 -25.79
C ILE A 201 26.92 18.54 -25.10
N TYR A 202 26.62 18.17 -23.85
CA TYR A 202 27.53 17.35 -23.05
C TYR A 202 27.70 15.97 -23.67
N THR A 203 26.60 15.36 -24.11
CA THR A 203 26.68 14.03 -24.73
C THR A 203 27.45 14.07 -26.04
N LYS A 204 27.22 15.11 -26.86
CA LYS A 204 27.97 15.22 -28.11
C LYS A 204 29.46 15.41 -27.85
N ALA A 205 29.80 16.27 -26.89
CA ALA A 205 31.21 16.53 -26.58
C ALA A 205 31.89 15.30 -25.99
N ARG A 206 31.19 14.52 -25.18
CA ARG A 206 31.74 13.25 -24.71
C ARG A 206 31.94 12.27 -25.85
N SER A 207 30.99 12.24 -26.81
CA SER A 207 31.13 11.31 -27.93
C SER A 207 32.34 11.65 -28.78
N MET A 208 32.60 12.93 -29.03
CA MET A 208 33.70 13.30 -29.92
C MET A 208 35.06 13.03 -29.28
N ASP A 209 35.26 13.46 -28.05
CA ASP A 209 36.47 13.14 -27.29
C ASP A 209 36.07 12.63 -25.91
N ALA A 210 36.79 11.62 -25.42
CA ALA A 210 36.42 10.92 -24.19
C ALA A 210 37.12 11.46 -22.96
N ASP A 211 37.86 12.56 -23.04
CA ASP A 211 38.53 13.13 -21.88
C ASP A 211 37.81 14.33 -21.28
N ILE A 212 36.70 14.78 -21.88
CA ILE A 212 35.85 15.78 -21.25
C ILE A 212 35.25 15.26 -19.94
N GLU A 213 34.77 14.02 -19.95
CA GLU A 213 34.15 13.48 -18.75
C GLU A 213 35.20 13.19 -17.69
N LEU A 214 34.76 12.67 -16.56
CA LEU A 214 35.63 12.40 -15.42
C LEU A 214 35.70 10.89 -15.20
N GLN A 215 36.81 10.45 -14.62
CA GLN A 215 37.06 9.02 -14.44
C GLN A 215 35.99 8.40 -13.53
N LYS A 216 35.23 7.47 -14.08
CA LYS A 216 34.16 6.80 -13.36
C LYS A 216 34.71 5.57 -12.64
N SER A 217 33.87 4.97 -11.80
CA SER A 217 34.34 3.94 -10.88
C SER A 217 34.77 2.69 -11.63
N GLU A 218 35.64 1.91 -10.98
CA GLU A 218 36.11 0.66 -11.58
C GLU A 218 34.97 -0.31 -11.79
N GLU A 219 34.01 -0.35 -10.85
CA GLU A 219 32.90 -1.28 -10.94
C GLU A 219 31.98 -0.93 -12.11
N GLU A 220 31.73 0.37 -12.31
CA GLU A 220 30.91 0.81 -13.44
C GLU A 220 31.57 0.46 -14.77
N LEU A 221 32.88 0.68 -14.87
CA LEU A 221 33.61 0.34 -16.09
C LEU A 221 33.61 -1.17 -16.33
N GLU A 222 33.76 -1.96 -15.28
CA GLU A 222 33.72 -3.42 -15.44
C GLU A 222 32.34 -3.90 -15.89
N ALA A 223 31.28 -3.32 -15.33
CA ALA A 223 29.93 -3.67 -15.76
C ALA A 223 29.71 -3.34 -17.22
N ILE A 224 30.08 -2.12 -17.63
CA ILE A 224 29.92 -1.72 -19.02
C ILE A 224 30.77 -2.59 -19.93
N SER A 225 31.98 -2.96 -19.49
CA SER A 225 32.88 -3.73 -20.33
C SER A 225 32.37 -5.16 -20.52
N ARG A 226 31.88 -5.80 -19.46
CA ARG A 226 31.37 -7.15 -19.61
C ARG A 226 30.08 -7.16 -20.44
N ALA A 227 29.24 -6.13 -20.28
CA ALA A 227 28.04 -6.06 -21.12
C ALA A 227 28.40 -5.87 -22.59
N LEU A 228 29.35 -4.98 -22.88
CA LEU A 228 29.78 -4.77 -24.26
C LEU A 228 30.40 -6.03 -24.85
N SER A 229 31.24 -6.72 -24.09
CA SER A 229 31.86 -7.94 -24.59
C SER A 229 30.81 -9.01 -24.88
N PHE A 230 29.81 -9.15 -23.99
CA PHE A 230 28.74 -10.11 -24.24
C PHE A 230 27.98 -9.77 -25.51
N PHE A 231 27.53 -8.53 -25.64
CA PHE A 231 26.69 -8.18 -26.77
C PHE A 231 27.47 -8.09 -28.08
N SER A 232 28.80 -7.97 -28.02
CA SER A 232 29.58 -8.02 -29.24
C SER A 232 29.88 -9.45 -29.68
N LEU A 233 30.18 -10.34 -28.73
CA LEU A 233 30.56 -11.71 -29.07
C LEU A 233 29.39 -12.68 -29.06
N PHE A 234 28.18 -12.25 -28.75
CA PHE A 234 27.04 -13.16 -28.69
C PHE A 234 26.58 -13.53 -30.09
N GLU A 235 26.60 -14.82 -30.39
CA GLU A 235 26.01 -15.28 -31.65
C GLU A 235 24.92 -16.28 -31.30
N PRO A 236 23.65 -15.91 -31.42
CA PRO A 236 22.56 -16.82 -31.08
C PRO A 236 22.31 -17.91 -32.10
N ASN A 237 23.12 -17.98 -33.16
CA ASN A 237 22.92 -18.93 -34.27
C ASN A 237 21.54 -18.73 -34.90
N ILE A 238 21.40 -17.57 -35.55
CA ILE A 238 20.14 -17.17 -36.16
C ILE A 238 19.65 -18.16 -37.21
N GLU A 239 20.55 -18.87 -37.89
CA GLU A 239 20.11 -19.93 -38.80
C GLU A 239 19.39 -21.04 -38.04
N ARG A 240 19.94 -21.46 -36.89
CA ARG A 240 19.26 -22.46 -36.07
C ARG A 240 17.98 -21.90 -35.47
N VAL A 241 17.94 -20.60 -35.17
CA VAL A 241 16.72 -19.97 -34.67
C VAL A 241 15.63 -20.04 -35.72
N GLU A 242 15.97 -19.73 -36.97
CA GLU A 242 15.01 -19.79 -38.07
C GLU A 242 14.54 -21.22 -38.32
N GLY A 243 15.46 -22.18 -38.26
CA GLY A 243 15.07 -23.57 -38.41
C GLY A 243 14.34 -24.15 -37.22
N THR A 244 14.36 -23.46 -36.08
CA THR A 244 13.76 -23.96 -34.85
C THR A 244 12.45 -23.27 -34.49
N PHE A 245 12.35 -21.96 -34.66
CA PHE A 245 11.13 -21.30 -34.22
C PHE A 245 10.38 -20.68 -35.38
N PRO A 246 9.06 -20.79 -35.41
CA PRO A 246 8.28 -20.27 -36.54
C PRO A 246 8.40 -18.76 -36.67
N ASN A 247 8.46 -18.31 -37.93
CA ASN A 247 8.48 -16.89 -38.29
C ASN A 247 9.63 -16.13 -37.61
N SER A 248 10.80 -16.76 -37.58
CA SER A 248 11.98 -16.19 -36.93
C SER A 248 13.04 -15.73 -37.92
N GLU A 249 12.68 -15.56 -39.19
CA GLU A 249 13.62 -15.03 -40.16
C GLU A 249 13.96 -13.59 -39.83
N ILE A 250 15.26 -13.29 -39.76
CA ILE A 250 15.69 -11.96 -39.39
C ILE A 250 15.59 -10.98 -40.55
N LYS A 251 15.33 -11.48 -41.76
CA LYS A 251 15.05 -10.59 -42.89
C LYS A 251 13.79 -9.77 -42.66
N MET A 252 12.85 -10.30 -41.86
CA MET A 252 11.73 -9.50 -41.37
C MET A 252 12.21 -8.25 -40.65
N LEU A 253 13.14 -8.41 -39.71
CA LEU A 253 13.65 -7.28 -38.95
C LEU A 253 14.41 -6.31 -39.85
N GLU A 254 15.22 -6.83 -40.77
CA GLU A 254 15.98 -5.97 -41.66
C GLU A 254 15.06 -5.17 -42.57
N GLN A 255 13.96 -5.77 -43.01
CA GLN A 255 12.99 -5.05 -43.83
C GLN A 255 12.24 -4.01 -43.01
N PHE A 256 11.96 -4.31 -41.73
CA PHE A 256 11.18 -3.39 -40.91
C PHE A 256 11.93 -2.09 -40.64
N LEU A 257 13.24 -2.17 -40.46
CA LEU A 257 14.02 -0.98 -40.12
C LEU A 257 14.46 -0.16 -41.32
N SER A 258 14.41 -0.70 -42.52
CA SER A 258 14.91 0.01 -43.70
C SER A 258 13.82 0.45 -44.66
N THR A 259 12.71 -0.27 -44.75
CA THR A 259 11.62 0.14 -45.62
C THR A 259 10.77 1.18 -44.91
N PRO A 260 10.62 2.39 -45.47
CA PRO A 260 9.75 3.39 -44.83
C PRO A 260 8.29 2.99 -44.90
N ALA A 261 7.50 3.60 -44.02
CA ALA A 261 6.07 3.31 -43.96
C ALA A 261 5.37 3.77 -45.23
N ASP A 262 4.42 2.96 -45.69
CA ASP A 262 3.65 3.25 -46.89
C ASP A 262 2.67 4.38 -46.59
N VAL A 263 3.01 5.60 -47.01
CA VAL A 263 2.24 6.78 -46.65
C VAL A 263 0.86 6.75 -47.29
N ASP A 264 0.78 6.38 -48.57
CA ASP A 264 -0.51 6.30 -49.25
C ASP A 264 -1.40 5.24 -48.61
N PHE A 265 -0.84 4.09 -48.26
CA PHE A 265 -1.61 3.05 -47.58
C PHE A 265 -2.13 3.55 -46.24
N ILE A 266 -1.30 4.27 -45.48
CA ILE A 266 -1.74 4.80 -44.19
C ILE A 266 -2.87 5.79 -44.37
N THR A 267 -2.75 6.70 -45.35
CA THR A 267 -3.79 7.70 -45.57
C THR A 267 -5.11 7.06 -45.99
N LYS A 268 -5.03 6.12 -46.94
CA LYS A 268 -6.23 5.43 -47.43
C LYS A 268 -6.90 4.61 -46.33
N THR A 269 -6.10 3.90 -45.53
CA THR A 269 -6.66 3.11 -44.44
C THR A 269 -7.28 4.00 -43.37
N LEU A 270 -6.64 5.15 -43.08
CA LEU A 270 -7.20 6.07 -42.09
C LEU A 270 -8.54 6.63 -42.55
N LYS A 271 -8.65 7.01 -43.82
CA LYS A 271 -9.93 7.50 -44.34
C LYS A 271 -10.99 6.41 -44.28
N ALA A 272 -10.64 5.18 -44.69
CA ALA A 272 -11.61 4.09 -44.67
C ALA A 272 -12.09 3.78 -43.26
N LYS A 273 -11.17 3.75 -42.29
CA LYS A 273 -11.59 3.50 -40.91
C LYS A 273 -12.39 4.66 -40.35
N GLU A 274 -12.10 5.89 -40.78
CA GLU A 274 -12.92 7.03 -40.35
C GLU A 274 -14.36 6.88 -40.82
N VAL A 275 -14.55 6.54 -42.10
CA VAL A 275 -15.93 6.43 -42.58
C VAL A 275 -16.61 5.20 -41.98
N GLU A 276 -15.86 4.12 -41.72
CA GLU A 276 -16.47 2.96 -41.06
C GLU A 276 -16.89 3.28 -39.64
N ALA A 277 -16.06 4.02 -38.90
CA ALA A 277 -16.42 4.43 -37.55
C ALA A 277 -17.62 5.35 -37.55
N TYR A 278 -17.68 6.27 -38.51
CA TYR A 278 -18.83 7.16 -38.60
C TYR A 278 -20.11 6.40 -38.93
N ALA A 279 -20.04 5.44 -39.84
CA ALA A 279 -21.21 4.62 -40.16
C ALA A 279 -21.66 3.81 -38.95
N ASP A 280 -20.72 3.21 -38.22
CA ASP A 280 -21.07 2.45 -37.02
C ASP A 280 -21.70 3.35 -35.97
N LEU A 281 -21.15 4.55 -35.77
CA LEU A 281 -21.69 5.49 -34.80
C LEU A 281 -23.10 5.94 -35.18
N CYS A 282 -23.32 6.20 -36.47
CA CYS A 282 -24.64 6.66 -36.90
C CYS A 282 -25.67 5.54 -36.85
N ASP A 283 -25.27 4.31 -37.17
CA ASP A 283 -26.23 3.21 -37.17
C ASP A 283 -26.55 2.72 -35.77
N SER A 284 -25.56 2.67 -34.88
CA SER A 284 -25.77 2.09 -33.56
C SER A 284 -26.26 3.09 -32.52
N HIS A 285 -26.11 4.39 -32.77
CA HIS A 285 -26.63 5.42 -31.87
C HIS A 285 -27.76 6.22 -32.51
N TYR A 286 -28.27 5.75 -33.66
CA TYR A 286 -29.52 6.23 -34.26
C TYR A 286 -29.47 7.71 -34.64
N LEU A 287 -28.29 8.20 -35.03
CA LEU A 287 -28.15 9.62 -35.30
C LEU A 287 -28.88 10.03 -36.57
N LYS A 288 -28.96 9.14 -37.55
CA LYS A 288 -29.73 9.38 -38.76
C LYS A 288 -30.92 8.43 -38.78
N PRO A 289 -32.12 8.89 -39.19
CA PRO A 289 -32.50 10.12 -39.87
C PRO A 289 -32.88 11.32 -38.99
N GLU A 290 -32.03 11.64 -38.02
CA GLU A 290 -32.12 12.89 -37.24
C GLU A 290 -33.41 12.95 -36.41
N LYS A 291 -33.46 12.12 -35.38
CA LYS A 291 -34.49 12.18 -34.36
C LYS A 291 -34.00 13.03 -33.18
N THR A 292 -34.84 13.13 -32.15
CA THR A 292 -34.46 13.82 -30.92
C THR A 292 -33.92 12.81 -29.90
N ILE A 293 -33.46 13.34 -28.76
CA ILE A 293 -32.79 12.48 -27.77
C ILE A 293 -33.81 11.57 -27.10
N GLN A 294 -35.07 12.01 -26.96
CA GLN A 294 -36.08 11.18 -26.35
C GLN A 294 -36.36 9.93 -27.19
N GLU A 295 -36.52 10.10 -28.49
CA GLU A 295 -36.81 8.96 -29.37
C GLU A 295 -35.62 8.01 -29.46
N ARG A 296 -34.41 8.55 -29.53
CA ARG A 296 -33.23 7.70 -29.55
C ARG A 296 -33.06 6.94 -28.25
N LEU A 297 -33.38 7.58 -27.12
CA LEU A 297 -33.32 6.90 -25.84
C LEU A 297 -34.37 5.78 -25.76
N GLU A 298 -35.54 6.01 -26.34
CA GLU A 298 -36.55 4.96 -26.39
C GLU A 298 -36.13 3.79 -27.26
N ILE A 299 -35.51 4.06 -28.42
CA ILE A 299 -35.00 2.97 -29.25
C ILE A 299 -33.88 2.22 -28.53
N ASN A 300 -33.05 2.94 -27.78
CA ASN A 300 -32.02 2.31 -26.96
C ASN A 300 -32.64 1.39 -25.92
N ARG A 301 -33.71 1.85 -25.25
CA ARG A 301 -34.42 1.03 -24.27
C ARG A 301 -34.98 -0.24 -24.91
N CYS A 302 -35.57 -0.10 -26.09
CA CYS A 302 -36.13 -1.25 -26.78
C CYS A 302 -35.06 -2.26 -27.18
N GLU A 303 -33.93 -1.78 -27.70
CA GLU A 303 -32.84 -2.68 -28.06
C GLU A 303 -32.30 -3.41 -26.85
N ALA A 304 -32.11 -2.69 -25.74
CA ALA A 304 -31.61 -3.32 -24.52
C ALA A 304 -32.58 -4.38 -24.01
N ILE A 305 -33.88 -4.06 -24.03
CA ILE A 305 -34.90 -5.02 -23.58
C ILE A 305 -34.87 -6.27 -24.43
N ASP A 306 -34.79 -6.09 -25.76
CA ASP A 306 -34.80 -7.24 -26.67
C ASP A 306 -33.56 -8.11 -26.48
N LYS A 307 -32.39 -7.49 -26.31
CA LYS A 307 -31.17 -8.28 -26.13
C LYS A 307 -31.15 -9.01 -24.79
N THR A 308 -31.63 -8.37 -23.72
CA THR A 308 -31.73 -9.08 -22.45
C THR A 308 -32.76 -10.20 -22.51
N GLN A 309 -33.82 -10.04 -23.30
CA GLN A 309 -34.78 -11.13 -23.44
C GLN A 309 -34.18 -12.29 -24.22
N ASP A 310 -33.35 -12.00 -25.23
CA ASP A 310 -32.61 -13.06 -25.89
C ASP A 310 -31.68 -13.79 -24.92
N LEU A 311 -31.00 -13.04 -24.05
CA LEU A 311 -30.16 -13.65 -23.02
C LEU A 311 -30.97 -14.58 -22.12
N LEU A 312 -32.10 -14.09 -21.61
CA LEU A 312 -32.93 -14.88 -20.71
C LEU A 312 -33.44 -16.13 -21.39
N ALA A 313 -33.88 -16.02 -22.65
CA ALA A 313 -34.38 -17.18 -23.38
C ALA A 313 -33.28 -18.21 -23.62
N GLY A 314 -32.10 -17.76 -24.03
CA GLY A 314 -31.00 -18.69 -24.26
C GLY A 314 -30.57 -19.38 -22.98
N LEU A 315 -30.58 -18.66 -21.85
CA LEU A 315 -30.24 -19.29 -20.58
C LEU A 315 -31.32 -20.25 -20.12
N HIS A 316 -32.59 -19.96 -20.42
CA HIS A 316 -33.67 -20.84 -20.00
C HIS A 316 -33.72 -22.12 -20.84
N ALA A 317 -33.33 -22.04 -22.11
CA ALA A 317 -33.43 -23.21 -22.99
C ALA A 317 -32.51 -24.34 -22.54
N ARG A 318 -31.40 -24.03 -21.86
CA ARG A 318 -30.45 -25.02 -21.42
C ARG A 318 -30.58 -25.39 -19.95
N SER A 319 -31.59 -24.86 -19.25
CA SER A 319 -31.76 -25.12 -17.84
C SER A 319 -32.73 -26.29 -17.63
N ASN A 320 -33.04 -26.58 -16.36
CA ASN A 320 -34.05 -27.59 -16.06
C ASN A 320 -35.47 -27.06 -16.20
N LYS A 321 -35.63 -25.76 -16.43
CA LYS A 321 -36.93 -25.11 -16.70
C LYS A 321 -37.90 -25.30 -15.54
N GLN A 322 -37.39 -25.26 -14.32
CA GLN A 322 -38.21 -25.28 -13.12
C GLN A 322 -38.39 -23.86 -12.63
N THR A 323 -39.64 -23.48 -12.33
CA THR A 323 -39.96 -22.14 -11.87
C THR A 323 -40.18 -22.07 -10.37
N SER A 324 -39.85 -23.13 -9.63
CA SER A 324 -39.96 -23.14 -8.18
C SER A 324 -39.13 -24.28 -7.62
N LEU A 325 -38.44 -24.02 -6.51
CA LEU A 325 -37.76 -25.09 -5.79
C LEU A 325 -37.54 -24.63 -4.36
N ASN A 326 -37.11 -25.57 -3.53
CA ASN A 326 -36.72 -25.27 -2.15
C ASN A 326 -35.21 -25.49 -2.04
N ARG A 327 -34.46 -24.38 -2.08
CA ARG A 327 -33.01 -24.43 -1.90
C ARG A 327 -32.60 -23.16 -1.19
N GLY A 328 -32.22 -23.28 0.09
CA GLY A 328 -31.87 -22.12 0.86
C GLY A 328 -30.56 -21.49 0.40
N THR A 329 -30.55 -20.16 0.35
CA THR A 329 -29.31 -19.44 0.11
C THR A 329 -28.34 -19.62 1.26
N VAL A 330 -28.83 -19.49 2.49
CA VAL A 330 -28.03 -19.68 3.69
C VAL A 330 -28.23 -21.11 4.16
N LYS A 331 -27.13 -21.85 4.27
CA LYS A 331 -27.18 -23.24 4.69
C LYS A 331 -27.13 -23.40 6.20
N LEU A 332 -27.15 -22.30 6.94
CA LEU A 332 -27.16 -22.34 8.39
C LEU A 332 -28.54 -21.93 8.91
N PRO A 333 -28.96 -22.50 10.04
CA PRO A 333 -30.29 -22.19 10.59
C PRO A 333 -30.37 -20.76 11.10
N PRO A 334 -31.57 -20.18 11.17
CA PRO A 334 -31.69 -18.78 11.62
C PRO A 334 -31.76 -18.60 13.14
N TRP A 335 -31.33 -19.59 13.91
CA TRP A 335 -31.48 -19.55 15.37
C TRP A 335 -30.69 -18.39 15.98
N LEU A 336 -31.30 -17.75 16.98
CA LEU A 336 -30.64 -16.75 17.82
C LEU A 336 -30.81 -17.14 19.29
N PRO A 337 -30.05 -18.13 19.75
CA PRO A 337 -30.15 -18.52 21.16
C PRO A 337 -29.57 -17.44 22.07
N LYS A 338 -30.20 -17.25 23.21
CA LYS A 338 -29.65 -16.37 24.21
C LYS A 338 -28.34 -16.98 24.73
N PRO A 339 -27.24 -16.24 24.70
CA PRO A 339 -25.96 -16.81 25.17
C PRO A 339 -26.02 -17.17 26.64
N SER A 340 -25.34 -18.25 26.99
CA SER A 340 -25.35 -18.80 28.33
C SER A 340 -23.94 -18.73 28.92
N SER A 341 -23.79 -19.30 30.12
CA SER A 341 -22.51 -19.30 30.79
C SER A 341 -21.52 -20.22 30.06
N GLU A 342 -20.24 -19.93 30.25
CA GLU A 342 -19.16 -20.70 29.63
C GLU A 342 -19.22 -22.17 30.03
N SER A 343 -19.31 -23.03 29.03
CA SER A 343 -19.30 -24.48 29.21
C SER A 343 -19.18 -25.14 27.84
N ILE A 344 -18.42 -26.22 27.77
CA ILE A 344 -18.35 -27.05 26.58
C ILE A 344 -18.77 -28.49 26.88
N ASP A 345 -19.52 -28.69 27.96
CA ASP A 345 -19.97 -30.02 28.35
C ASP A 345 -21.20 -30.43 27.54
N ILE A 346 -21.41 -31.74 27.44
CA ILE A 346 -22.51 -32.29 26.65
C ILE A 346 -23.48 -33.00 27.60
N LYS A 347 -23.66 -32.44 28.79
CA LYS A 347 -24.62 -32.96 29.75
C LYS A 347 -26.02 -33.03 29.14
N THR A 348 -26.54 -34.25 28.98
CA THR A 348 -27.88 -34.45 28.45
C THR A 348 -28.54 -35.62 29.19
N ASP A 349 -29.80 -35.43 29.57
CA ASP A 349 -30.52 -36.40 30.38
C ASP A 349 -31.92 -36.61 29.82
N SER A 350 -32.63 -37.58 30.40
CA SER A 350 -34.05 -37.82 30.18
C SER A 350 -34.42 -38.13 28.74
N GLY A 351 -34.82 -37.11 27.98
CA GLY A 351 -35.42 -37.32 26.68
C GLY A 351 -34.48 -37.75 25.57
N PHE A 352 -34.58 -39.01 25.17
CA PHE A 352 -33.89 -39.52 23.99
C PHE A 352 -34.86 -40.34 23.16
N GLY A 353 -35.88 -40.90 23.82
CA GLY A 353 -36.80 -41.79 23.13
C GLY A 353 -37.66 -41.09 22.09
N SER A 354 -38.15 -39.90 22.42
CA SER A 354 -38.96 -39.15 21.47
C SER A 354 -38.14 -38.70 20.26
N LEU A 355 -36.84 -38.50 20.46
CA LEU A 355 -35.96 -38.18 19.35
C LEU A 355 -35.80 -39.36 18.41
N MET A 356 -35.91 -40.59 18.93
CA MET A 356 -35.64 -41.79 18.15
C MET A 356 -36.59 -41.94 16.97
N ASP A 357 -37.87 -41.67 17.19
CA ASP A 357 -38.89 -41.83 16.14
C ASP A 357 -39.15 -40.53 15.39
N HIS A 358 -38.10 -39.90 14.89
CA HIS A 358 -38.21 -38.65 14.14
C HIS A 358 -37.27 -38.65 12.94
N GLY A 359 -37.27 -39.74 12.18
CA GLY A 359 -36.48 -39.81 10.97
C GLY A 359 -35.05 -40.24 11.23
N ALA A 360 -34.27 -40.21 10.14
CA ALA A 360 -32.87 -40.63 10.20
C ALA A 360 -32.03 -39.70 11.07
N TYR A 361 -32.27 -38.39 10.97
CA TYR A 361 -31.49 -37.45 11.77
C TYR A 361 -31.88 -37.53 13.23
N GLY A 362 -33.16 -37.72 13.52
CA GLY A 362 -33.57 -37.99 14.89
C GLY A 362 -32.95 -39.26 15.43
N GLU A 363 -32.87 -40.30 14.60
CA GLU A 363 -32.20 -41.54 15.00
C GLU A 363 -30.74 -41.31 15.34
N LEU A 364 -30.04 -40.56 14.49
CA LEU A 364 -28.62 -40.27 14.72
C LEU A 364 -28.42 -39.48 16.01
N TRP A 365 -29.24 -38.45 16.22
CA TRP A 365 -29.06 -37.61 17.40
C TRP A 365 -29.44 -38.35 18.68
N ALA A 366 -30.50 -39.16 18.64
CA ALA A 366 -30.87 -39.95 19.81
C ALA A 366 -29.80 -40.97 20.14
N LYS A 367 -29.23 -41.64 19.13
CA LYS A 367 -28.16 -42.59 19.40
C LYS A 367 -26.90 -41.90 19.93
N CYS A 368 -26.57 -40.72 19.40
CA CYS A 368 -25.43 -39.96 19.91
C CYS A 368 -25.62 -39.59 21.38
N LEU A 369 -26.79 -39.05 21.73
CA LEU A 369 -27.00 -38.61 23.10
C LEU A 369 -27.17 -39.80 24.06
N LEU A 370 -27.72 -40.91 23.59
CA LEU A 370 -27.73 -42.13 24.38
C LEU A 370 -26.31 -42.61 24.68
N ASP A 371 -25.44 -42.60 23.68
CA ASP A 371 -24.06 -43.01 23.92
C ASP A 371 -23.34 -42.04 24.84
N VAL A 372 -23.65 -40.74 24.74
CA VAL A 372 -23.04 -39.76 25.63
C VAL A 372 -23.46 -40.00 27.07
N SER A 373 -24.76 -40.22 27.29
CA SER A 373 -25.25 -40.45 28.65
C SER A 373 -25.19 -41.92 29.05
N LEU A 374 -24.05 -42.55 28.77
CA LEU A 374 -23.73 -43.85 29.33
C LEU A 374 -22.25 -43.99 29.64
N GLY A 375 -21.44 -42.96 29.42
CA GLY A 375 -20.02 -42.99 29.71
C GLY A 375 -19.14 -43.54 28.62
N ASN A 376 -19.67 -43.87 27.45
CA ASN A 376 -18.87 -44.47 26.39
C ASN A 376 -18.30 -43.44 25.41
N VAL A 377 -18.53 -42.14 25.63
CA VAL A 377 -17.89 -41.09 24.86
C VAL A 377 -16.92 -40.37 25.77
N GLU A 378 -15.65 -40.34 25.38
CA GLU A 378 -14.60 -39.79 26.22
C GLU A 378 -14.54 -38.27 26.12
N GLY A 379 -14.32 -37.61 27.25
CA GLY A 379 -14.12 -36.18 27.27
C GLY A 379 -15.36 -35.34 27.12
N VAL A 380 -16.54 -35.90 27.40
CA VAL A 380 -17.78 -35.14 27.25
C VAL A 380 -17.86 -34.03 28.30
N VAL A 381 -17.31 -34.26 29.47
CA VAL A 381 -17.33 -33.28 30.56
C VAL A 381 -15.92 -32.73 30.70
N SER A 382 -15.74 -31.45 30.35
CA SER A 382 -14.43 -30.83 30.40
C SER A 382 -14.00 -30.58 31.84
N ASP A 383 -12.69 -30.53 32.05
CA ASP A 383 -12.09 -30.32 33.38
C ASP A 383 -11.14 -29.13 33.30
N PRO A 384 -11.64 -27.90 33.52
CA PRO A 384 -10.74 -26.74 33.51
C PRO A 384 -10.00 -26.58 34.84
N ALA A 385 -9.50 -27.68 35.37
CA ALA A 385 -8.61 -27.72 36.52
C ALA A 385 -7.38 -28.58 36.24
N LYS A 386 -7.55 -29.69 35.53
CA LYS A 386 -6.39 -30.43 35.04
C LYS A 386 -5.74 -29.73 33.85
N GLU A 387 -6.54 -29.05 33.03
CA GLU A 387 -5.98 -28.25 31.95
C GLU A 387 -5.16 -27.10 32.50
N LEU A 388 -5.58 -26.51 33.62
CA LEU A 388 -4.76 -25.50 34.27
C LEU A 388 -3.47 -26.10 34.81
N ASP A 389 -3.54 -27.31 35.36
CA ASP A 389 -2.34 -27.98 35.88
C ASP A 389 -1.35 -28.28 34.77
N ILE A 390 -1.86 -28.64 33.59
CA ILE A 390 -0.99 -28.79 32.42
C ILE A 390 -0.43 -27.43 32.00
N ALA A 391 -1.26 -26.37 32.10
CA ALA A 391 -0.82 -25.05 31.69
C ALA A 391 0.25 -24.47 32.60
N ILE A 392 0.23 -24.82 33.89
CA ILE A 392 1.17 -24.25 34.85
C ILE A 392 2.31 -25.22 35.08
N SER A 393 2.40 -26.25 34.24
CA SER A 393 3.35 -27.32 34.45
C SER A 393 4.78 -26.82 34.31
N ASP A 394 5.55 -26.93 35.39
CA ASP A 394 6.98 -26.63 35.32
C ASP A 394 7.74 -27.69 34.55
N ASP A 395 7.15 -28.86 34.34
CA ASP A 395 7.79 -29.98 33.65
C ASP A 395 6.84 -30.51 32.59
N PRO A 396 6.87 -29.95 31.38
CA PRO A 396 6.11 -30.52 30.27
C PRO A 396 6.69 -31.85 29.83
N GLU A 397 6.08 -32.41 28.78
CA GLU A 397 6.54 -33.61 28.07
C GLU A 397 6.34 -34.87 28.91
N LYS A 398 5.93 -34.71 30.17
CA LYS A 398 5.74 -35.85 31.06
C LYS A 398 4.36 -35.89 31.69
N ASP A 399 3.72 -34.75 31.92
CA ASP A 399 2.38 -34.72 32.48
C ASP A 399 1.31 -34.25 31.49
N THR A 400 1.58 -34.34 30.20
CA THR A 400 0.57 -34.09 29.18
C THR A 400 0.27 -35.37 28.41
N PRO A 401 -0.98 -35.86 28.44
CA PRO A 401 -1.31 -37.10 27.73
C PRO A 401 -1.18 -36.99 26.23
N LYS A 402 -0.74 -38.07 25.58
CA LYS A 402 -0.58 -38.05 24.12
C LYS A 402 -1.72 -38.78 23.42
N GLU A 403 -2.18 -39.89 24.01
CA GLU A 403 -3.15 -40.76 23.36
C GLU A 403 -4.59 -40.49 23.75
N ALA A 404 -4.83 -39.50 24.60
CA ALA A 404 -6.21 -39.18 24.97
C ALA A 404 -6.95 -38.51 23.82
N LYS A 405 -6.21 -37.77 22.97
CA LYS A 405 -6.84 -37.05 21.87
C LYS A 405 -7.40 -37.99 20.82
N ILE A 406 -6.97 -39.26 20.83
CA ILE A 406 -7.39 -40.22 19.82
C ILE A 406 -8.87 -40.54 19.95
N THR A 407 -9.36 -40.69 21.18
CA THR A 407 -10.76 -41.02 21.43
C THR A 407 -11.55 -39.84 21.97
N TYR A 408 -11.07 -38.61 21.74
CA TYR A 408 -11.69 -37.42 22.32
C TYR A 408 -13.03 -37.14 21.65
N ARG A 409 -14.11 -37.36 22.40
CA ARG A 409 -15.48 -37.01 21.99
C ARG A 409 -15.88 -37.71 20.69
N ARG A 410 -15.44 -38.96 20.53
CA ARG A 410 -15.75 -39.74 19.34
C ARG A 410 -16.75 -40.84 19.70
N PHE A 411 -17.83 -40.92 18.95
CA PHE A 411 -18.84 -41.95 19.13
C PHE A 411 -19.12 -42.62 17.80
N LYS A 412 -19.49 -43.90 17.87
CA LYS A 412 -19.73 -44.74 16.68
C LYS A 412 -21.14 -45.29 16.75
N PRO A 413 -22.11 -44.59 16.18
CA PRO A 413 -23.50 -45.07 16.24
C PRO A 413 -23.76 -46.17 15.23
N ALA A 414 -24.64 -47.10 15.62
CA ALA A 414 -25.01 -48.22 14.76
C ALA A 414 -26.28 -47.86 13.98
N LEU A 415 -26.10 -47.04 12.97
CA LEU A 415 -27.22 -46.55 12.18
C LEU A 415 -27.73 -47.62 11.22
N SER A 416 -29.03 -47.58 10.96
CA SER A 416 -29.64 -48.49 10.01
C SER A 416 -29.26 -48.10 8.59
N SER A 417 -29.54 -49.01 7.65
CA SER A 417 -29.16 -48.79 6.25
C SER A 417 -29.97 -47.66 5.64
N SER A 418 -31.20 -47.44 6.10
CA SER A 418 -31.99 -46.32 5.62
C SER A 418 -31.37 -44.99 6.01
N ALA A 419 -30.92 -44.88 7.27
CA ALA A 419 -30.27 -43.66 7.72
C ALA A 419 -28.95 -43.43 7.01
N ARG A 420 -28.20 -44.51 6.76
CA ARG A 420 -26.95 -44.38 6.01
C ARG A 420 -27.21 -43.94 4.58
N GLN A 421 -28.29 -44.44 3.95
CA GLN A 421 -28.69 -43.98 2.63
C GLN A 421 -29.02 -42.49 2.64
N GLU A 422 -29.81 -42.05 3.63
CA GLU A 422 -30.18 -40.64 3.71
C GLU A 422 -28.94 -39.76 3.89
N PHE A 423 -28.01 -40.18 4.74
CA PHE A 423 -26.81 -39.37 4.96
C PHE A 423 -25.89 -39.41 3.74
N SER A 424 -25.86 -40.53 3.02
CA SER A 424 -25.01 -40.64 1.84
C SER A 424 -25.54 -39.77 0.70
N LEU A 425 -26.86 -39.51 0.70
CA LEU A 425 -27.40 -38.57 -0.27
C LEU A 425 -26.80 -37.17 -0.09
N GLN A 426 -26.37 -36.83 1.12
CA GLN A 426 -25.72 -35.56 1.40
C GLN A 426 -24.20 -35.64 1.27
N GLY A 427 -23.68 -36.77 0.80
CA GLY A 427 -22.25 -36.94 0.66
C GLY A 427 -21.56 -37.59 1.83
N VAL A 428 -22.26 -37.85 2.92
CA VAL A 428 -21.66 -38.47 4.10
C VAL A 428 -21.44 -39.95 3.81
N GLU A 429 -20.18 -40.34 3.63
CA GLU A 429 -19.82 -41.66 3.12
C GLU A 429 -20.53 -41.95 1.80
N GLY A 430 -20.50 -40.96 0.91
CA GLY A 430 -21.24 -41.05 -0.34
C GLY A 430 -20.52 -41.77 -1.46
N LYS A 431 -19.20 -41.95 -1.36
CA LYS A 431 -18.48 -42.66 -2.40
C LYS A 431 -18.87 -44.14 -2.42
N LYS A 432 -19.11 -44.73 -1.25
CA LYS A 432 -19.49 -46.13 -1.18
C LYS A 432 -20.88 -46.37 -1.75
N TRP A 433 -21.80 -45.44 -1.51
CA TRP A 433 -23.18 -45.55 -1.99
C TRP A 433 -23.37 -44.99 -3.40
N LYS A 434 -22.29 -44.87 -4.18
CA LYS A 434 -22.34 -44.13 -5.43
C LYS A 434 -23.17 -44.83 -6.49
N ARG A 435 -23.20 -46.16 -6.50
CA ARG A 435 -23.90 -46.92 -7.53
C ARG A 435 -25.36 -47.20 -7.19
N MET A 436 -25.87 -46.67 -6.09
CA MET A 436 -27.28 -46.85 -5.76
C MET A 436 -28.13 -45.85 -6.53
N ALA A 437 -29.34 -46.29 -6.90
CA ALA A 437 -30.15 -45.57 -7.90
C ALA A 437 -30.50 -44.15 -7.44
N ALA A 438 -30.87 -43.98 -6.17
CA ALA A 438 -31.18 -42.64 -5.67
C ALA A 438 -29.98 -41.73 -5.73
N ASN A 439 -28.80 -42.26 -5.37
CA ASN A 439 -27.58 -41.47 -5.45
C ASN A 439 -27.23 -41.10 -6.89
N GLN A 440 -27.41 -42.03 -7.84
CA GLN A 440 -27.18 -41.70 -9.24
C GLN A 440 -28.14 -40.63 -9.73
N LYS A 441 -29.41 -40.72 -9.35
CA LYS A 441 -30.38 -39.73 -9.81
C LYS A 441 -30.09 -38.35 -9.22
N LYS A 442 -29.71 -38.31 -7.95
CA LYS A 442 -29.33 -37.04 -7.33
C LYS A 442 -28.08 -36.46 -7.96
N GLU A 443 -27.09 -37.31 -8.26
CA GLU A 443 -25.88 -36.84 -8.91
C GLU A 443 -26.18 -36.28 -10.31
N LYS A 444 -27.09 -36.94 -11.04
CA LYS A 444 -27.49 -36.43 -12.34
C LYS A 444 -28.18 -35.07 -12.22
N GLU A 445 -29.06 -34.93 -11.23
CA GLU A 445 -29.78 -33.66 -11.08
C GLU A 445 -28.88 -32.55 -10.55
N SER A 446 -27.76 -32.89 -9.91
CA SER A 446 -26.90 -31.86 -9.35
C SER A 446 -26.23 -31.03 -10.44
N HIS A 447 -26.07 -31.59 -11.64
CA HIS A 447 -25.40 -30.88 -12.72
C HIS A 447 -26.32 -29.94 -13.50
N GLU A 448 -27.62 -29.97 -13.27
CA GLU A 448 -28.55 -29.16 -14.05
C GLU A 448 -28.56 -27.71 -13.56
N THR A 449 -28.42 -26.78 -14.50
CA THR A 449 -28.44 -25.37 -14.19
C THR A 449 -29.87 -24.89 -13.93
N LEU A 450 -29.97 -23.69 -13.36
CA LEU A 450 -31.25 -23.12 -12.98
C LEU A 450 -31.79 -22.20 -14.08
N SER A 451 -33.10 -21.99 -14.04
CA SER A 451 -33.78 -21.13 -14.99
C SER A 451 -33.72 -19.68 -14.54
N PRO A 452 -33.60 -18.73 -15.48
CA PRO A 452 -33.64 -17.31 -15.09
C PRO A 452 -35.00 -16.85 -14.64
N PHE A 453 -36.08 -17.47 -15.11
CA PHE A 453 -37.44 -17.12 -14.72
C PHE A 453 -37.86 -17.83 -13.42
N LEU A 454 -36.89 -18.31 -12.66
CA LEU A 454 -37.15 -18.90 -11.36
C LEU A 454 -37.73 -17.88 -10.40
N ASP A 455 -38.68 -18.32 -9.58
CA ASP A 455 -39.29 -17.45 -8.58
C ASP A 455 -38.30 -17.19 -7.47
N VAL A 456 -37.71 -15.99 -7.47
CA VAL A 456 -36.83 -15.56 -6.38
C VAL A 456 -37.34 -14.22 -5.86
N GLU A 457 -38.30 -14.28 -4.93
CA GLU A 457 -38.84 -13.09 -4.31
C GLU A 457 -38.70 -13.10 -2.80
N ASP A 458 -38.40 -14.25 -2.20
CA ASP A 458 -38.00 -14.28 -0.80
C ASP A 458 -36.69 -13.52 -0.60
N ILE A 459 -35.83 -13.53 -1.60
CA ILE A 459 -34.54 -12.83 -1.49
C ILE A 459 -34.74 -11.32 -1.47
N GLY A 460 -35.58 -10.81 -2.38
CA GLY A 460 -35.85 -9.37 -2.40
C GLY A 460 -36.55 -8.88 -1.16
N ASP A 461 -37.52 -9.66 -0.67
CA ASP A 461 -38.20 -9.32 0.57
C ASP A 461 -37.25 -9.36 1.76
N PHE A 462 -36.36 -10.36 1.80
CA PHE A 462 -35.38 -10.41 2.89
C PHE A 462 -34.44 -9.20 2.84
N LEU A 463 -34.01 -8.82 1.63
CA LEU A 463 -33.12 -7.67 1.51
C LEU A 463 -33.80 -6.38 1.95
N THR A 464 -35.04 -6.16 1.51
CA THR A 464 -35.75 -4.95 1.92
C THR A 464 -36.21 -5.03 3.37
N PHE A 465 -36.76 -6.17 3.78
CA PHE A 465 -37.35 -6.34 5.11
C PHE A 465 -36.65 -7.48 5.84
N ASN A 466 -35.82 -7.14 6.81
CA ASN A 466 -35.17 -8.13 7.66
C ASN A 466 -35.00 -7.54 9.04
N ASN A 467 -34.76 -8.43 10.02
CA ASN A 467 -34.47 -8.02 11.38
C ASN A 467 -32.99 -8.15 11.73
N LEU A 468 -32.12 -8.03 10.73
CA LEU A 468 -30.69 -8.19 10.96
C LEU A 468 -30.15 -7.11 11.89
N LEU A 469 -30.68 -5.90 11.80
CA LEU A 469 -30.18 -4.76 12.56
C LEU A 469 -31.00 -4.47 13.80
N THR A 470 -31.94 -5.34 14.17
CA THR A 470 -32.67 -5.17 15.42
C THR A 470 -31.77 -5.50 16.60
N ASP A 471 -31.90 -4.70 17.66
CA ASP A 471 -31.23 -5.01 18.92
C ASP A 471 -31.71 -6.35 19.46
N SER A 472 -30.76 -7.19 19.88
CA SER A 472 -31.09 -8.54 20.33
C SER A 472 -31.37 -8.63 21.82
N ARG A 473 -31.14 -7.55 22.59
CA ARG A 473 -31.23 -7.59 24.06
C ARG A 473 -30.30 -8.64 24.67
N TYR A 474 -29.18 -8.92 24.01
CA TYR A 474 -28.16 -9.82 24.53
C TYR A 474 -26.94 -9.05 25.01
N GLY A 475 -27.11 -7.77 25.34
CA GLY A 475 -25.98 -6.91 25.64
C GLY A 475 -25.28 -7.19 26.94
N ASP A 476 -25.89 -7.98 27.82
CA ASP A 476 -25.29 -8.32 29.10
C ASP A 476 -24.97 -9.81 29.22
N GLU A 477 -24.86 -10.51 28.11
CA GLU A 477 -24.53 -11.93 28.13
C GLU A 477 -23.01 -12.12 28.04
N SER A 478 -22.60 -13.37 28.19
CA SER A 478 -21.22 -13.68 28.58
C SER A 478 -20.21 -13.26 27.52
N ILE A 479 -20.51 -13.48 26.24
CA ILE A 479 -19.57 -13.06 25.20
C ILE A 479 -19.47 -11.53 25.15
N GLN A 480 -20.60 -10.83 25.33
CA GLN A 480 -20.58 -9.39 25.44
C GLN A 480 -19.75 -8.92 26.63
N ARG A 481 -19.90 -9.56 27.79
CA ARG A 481 -19.13 -9.15 28.95
C ARG A 481 -17.63 -9.36 28.73
N ALA A 482 -17.25 -10.47 28.10
CA ALA A 482 -15.83 -10.72 27.84
C ALA A 482 -15.25 -9.66 26.90
N VAL A 483 -15.92 -9.42 25.77
CA VAL A 483 -15.42 -8.44 24.81
C VAL A 483 -15.40 -7.04 25.42
N SER A 484 -16.43 -6.71 26.21
CA SER A 484 -16.49 -5.40 26.85
C SER A 484 -15.37 -5.21 27.86
N ILE A 485 -15.06 -6.25 28.65
CA ILE A 485 -13.98 -6.14 29.61
C ILE A 485 -12.65 -5.91 28.90
N LEU A 486 -12.38 -6.68 27.83
CA LEU A 486 -11.13 -6.49 27.12
C LEU A 486 -11.05 -5.12 26.46
N LEU A 487 -12.15 -4.65 25.87
CA LEU A 487 -12.16 -3.35 25.21
C LEU A 487 -11.98 -2.21 26.22
N GLU A 488 -12.61 -2.30 27.40
CA GLU A 488 -12.47 -1.23 28.37
C GLU A 488 -11.09 -1.23 29.01
N LYS A 489 -10.49 -2.42 29.20
CA LYS A 489 -9.11 -2.45 29.67
C LYS A 489 -8.17 -1.82 28.65
N ALA A 490 -8.39 -2.09 27.36
CA ALA A 490 -7.58 -1.43 26.33
C ALA A 490 -7.85 0.07 26.28
N SER A 491 -9.08 0.49 26.57
CA SER A 491 -9.47 1.87 26.45
C SER A 491 -9.15 2.71 27.68
N ALA A 492 -8.72 2.08 28.78
CA ALA A 492 -8.29 2.85 29.94
C ALA A 492 -7.07 3.71 29.63
N MET A 493 -6.35 3.41 28.55
CA MET A 493 -5.24 4.25 28.11
C MET A 493 -5.74 5.64 27.72
N GLN A 494 -6.85 5.72 27.01
CA GLN A 494 -7.42 6.99 26.55
C GLN A 494 -8.84 7.19 27.09
N ASP A 495 -9.01 7.03 28.40
CA ASP A 495 -10.34 6.98 29.00
C ASP A 495 -11.00 8.36 29.01
N THR A 496 -11.48 8.79 27.84
CA THR A 496 -12.10 10.09 27.65
C THR A 496 -13.55 9.91 27.20
N GLU A 497 -14.19 11.03 26.86
CA GLU A 497 -15.60 10.99 26.46
C GLU A 497 -15.77 10.52 25.01
N LEU A 498 -14.84 10.88 24.12
CA LEU A 498 -14.89 10.35 22.76
C LEU A 498 -14.75 8.84 22.76
N THR A 499 -13.82 8.32 23.57
CA THR A 499 -13.62 6.88 23.67
C THR A 499 -14.90 6.19 24.15
N HIS A 500 -15.55 6.76 25.17
CA HIS A 500 -16.77 6.16 25.69
C HIS A 500 -17.89 6.18 24.65
N ALA A 501 -18.05 7.30 23.93
CA ALA A 501 -19.10 7.38 22.91
C ALA A 501 -18.87 6.37 21.80
N LEU A 502 -17.64 6.25 21.31
CA LEU A 502 -17.37 5.31 20.23
C LEU A 502 -17.45 3.86 20.70
N ASN A 503 -17.02 3.58 21.94
CA ASN A 503 -17.18 2.25 22.50
C ASN A 503 -18.65 1.88 22.65
N ASP A 504 -19.49 2.82 23.08
CA ASP A 504 -20.92 2.57 23.18
C ASP A 504 -21.52 2.29 21.80
N SER A 505 -21.10 3.03 20.79
CA SER A 505 -21.55 2.76 19.43
C SER A 505 -21.15 1.37 18.97
N PHE A 506 -19.91 0.96 19.25
CA PHE A 506 -19.46 -0.37 18.87
C PHE A 506 -20.25 -1.45 19.59
N LYS A 507 -20.53 -1.25 20.87
CA LYS A 507 -21.25 -2.28 21.62
C LYS A 507 -22.73 -2.32 21.24
N ARG A 508 -23.29 -1.21 20.78
CA ARG A 508 -24.62 -1.25 20.18
C ARG A 508 -24.62 -2.03 18.88
N ASN A 509 -23.60 -1.83 18.04
CA ASN A 509 -23.50 -2.60 16.81
C ASN A 509 -23.29 -4.08 17.10
N LEU A 510 -22.51 -4.40 18.13
CA LEU A 510 -22.25 -5.77 18.57
C LEU A 510 -23.48 -6.46 19.13
N SER A 511 -24.48 -5.71 19.57
CA SER A 511 -25.68 -6.27 20.17
C SER A 511 -26.80 -6.50 19.17
N SER A 512 -26.58 -6.21 17.89
CA SER A 512 -27.61 -6.44 16.88
C SER A 512 -27.76 -7.92 16.59
N ASN A 513 -28.89 -8.27 15.96
CA ASN A 513 -29.23 -9.67 15.71
C ASN A 513 -28.20 -10.36 14.84
N VAL A 514 -27.78 -9.70 13.75
CA VAL A 514 -26.91 -10.34 12.78
C VAL A 514 -25.53 -10.61 13.37
N VAL A 515 -25.04 -9.72 14.24
CA VAL A 515 -23.75 -9.94 14.86
C VAL A 515 -23.82 -11.07 15.88
N GLN A 516 -24.92 -11.15 16.64
CA GLN A 516 -25.08 -12.25 17.58
C GLN A 516 -25.15 -13.59 16.86
N TRP A 517 -25.84 -13.63 15.72
CA TRP A 517 -25.86 -14.84 14.90
C TRP A 517 -24.45 -15.19 14.38
N SER A 518 -23.73 -14.17 13.88
CA SER A 518 -22.41 -14.39 13.34
C SER A 518 -21.43 -14.88 14.39
N LEU A 519 -21.64 -14.50 15.65
CA LEU A 519 -20.72 -14.92 16.71
C LEU A 519 -20.73 -16.44 16.89
N TRP A 520 -21.93 -17.03 17.02
CA TRP A 520 -21.97 -18.49 17.16
C TRP A 520 -21.66 -19.20 15.84
N VAL A 521 -21.94 -18.56 14.70
CA VAL A 521 -21.53 -19.17 13.44
C VAL A 521 -20.01 -19.22 13.33
N SER A 522 -19.32 -18.16 13.77
CA SER A 522 -17.86 -18.15 13.79
C SER A 522 -17.31 -19.17 14.78
N CYS A 523 -17.95 -19.32 15.93
CA CYS A 523 -17.54 -20.36 16.88
C CYS A 523 -17.68 -21.75 16.27
N LEU A 524 -18.78 -21.99 15.54
CA LEU A 524 -18.95 -23.27 14.86
C LEU A 524 -17.87 -23.49 13.81
N ALA A 525 -17.52 -22.45 13.06
CA ALA A 525 -16.46 -22.55 12.07
C ALA A 525 -15.12 -22.87 12.71
N GLN A 526 -14.84 -22.26 13.87
CA GLN A 526 -13.60 -22.55 14.58
C GLN A 526 -13.59 -23.98 15.11
N GLU A 527 -14.74 -24.49 15.56
CA GLU A 527 -14.79 -25.88 16.00
C GLU A 527 -14.59 -26.84 14.84
N LEU A 528 -15.12 -26.51 13.66
CA LEU A 528 -14.88 -27.35 12.48
C LEU A 528 -13.41 -27.33 12.08
N ALA A 529 -12.78 -26.15 12.16
CA ALA A 529 -11.35 -26.05 11.88
C ALA A 529 -10.53 -26.89 12.85
N SER A 530 -10.92 -26.90 14.13
CA SER A 530 -10.30 -27.81 15.08
C SER A 530 -10.52 -29.27 14.70
N ALA A 531 -11.73 -29.61 14.26
CA ALA A 531 -12.04 -30.99 13.89
C ALA A 531 -11.35 -31.43 12.62
N LEU A 532 -10.74 -30.52 11.86
CA LEU A 532 -9.98 -30.90 10.68
C LEU A 532 -8.90 -31.94 10.99
N LYS A 533 -8.13 -31.72 12.05
CA LYS A 533 -7.06 -32.65 12.43
C LYS A 533 -7.53 -33.81 13.29
N GLN A 534 -8.79 -33.80 13.72
CA GLN A 534 -9.31 -34.82 14.63
C GLN A 534 -9.83 -35.99 13.81
N HIS A 535 -8.92 -36.93 13.53
CA HIS A 535 -9.21 -38.03 12.61
C HIS A 535 -10.25 -38.98 13.18
N CYS A 536 -11.10 -39.50 12.29
CA CYS A 536 -12.18 -40.42 12.64
C CYS A 536 -12.06 -41.67 11.80
N ARG A 537 -12.29 -42.83 12.41
CA ARG A 537 -12.40 -44.07 11.66
C ARG A 537 -13.77 -44.16 11.00
N ALA A 538 -14.00 -45.28 10.31
CA ALA A 538 -15.27 -45.48 9.63
C ALA A 538 -16.40 -45.61 10.64
N GLY A 539 -17.48 -44.87 10.40
CA GLY A 539 -18.61 -44.86 11.31
C GLY A 539 -18.45 -43.96 12.51
N GLU A 540 -17.32 -43.30 12.67
CA GLU A 540 -17.05 -42.47 13.85
C GLU A 540 -17.42 -41.02 13.57
N PHE A 541 -18.09 -40.41 14.54
CA PHE A 541 -18.48 -39.00 14.48
C PHE A 541 -17.91 -38.30 15.71
N ILE A 542 -17.97 -36.98 15.70
CA ILE A 542 -17.57 -36.16 16.84
C ILE A 542 -18.78 -35.36 17.30
N ILE A 543 -18.95 -35.26 18.62
CA ILE A 543 -20.02 -34.44 19.21
C ILE A 543 -19.37 -33.28 19.96
N LYS A 544 -19.81 -32.07 19.67
CA LYS A 544 -19.25 -30.87 20.27
C LYS A 544 -20.36 -29.93 20.67
N LYS A 545 -20.05 -29.03 21.60
CA LYS A 545 -20.95 -27.97 22.02
C LYS A 545 -20.23 -26.64 21.87
N LEU A 546 -20.97 -25.62 21.42
CA LEU A 546 -20.43 -24.27 21.37
C LEU A 546 -20.34 -23.71 22.79
N LYS A 547 -19.25 -22.98 23.06
CA LYS A 547 -18.92 -22.61 24.43
C LYS A 547 -19.98 -21.70 25.05
N PHE A 548 -20.48 -20.73 24.29
CA PHE A 548 -21.39 -19.73 24.83
C PHE A 548 -22.85 -19.97 24.48
N TRP A 549 -23.17 -21.03 23.74
CA TRP A 549 -24.53 -21.23 23.24
C TRP A 549 -24.96 -22.68 23.41
N PRO A 550 -26.28 -22.93 23.59
CA PRO A 550 -26.80 -24.29 23.74
C PRO A 550 -26.95 -25.06 22.43
N ILE A 551 -25.92 -24.99 21.59
CA ILE A 551 -25.94 -25.59 20.26
C ILE A 551 -24.99 -26.76 20.23
N TYR A 552 -25.44 -27.89 19.70
CA TYR A 552 -24.64 -29.10 19.60
C TYR A 552 -24.39 -29.43 18.13
N VAL A 553 -23.19 -29.90 17.82
CA VAL A 553 -22.82 -30.20 16.45
C VAL A 553 -22.24 -31.61 16.39
N ILE A 554 -22.71 -32.38 15.41
CA ILE A 554 -22.15 -33.68 15.06
C ILE A 554 -21.32 -33.50 13.81
N ILE A 555 -20.05 -33.89 13.85
CA ILE A 555 -19.08 -33.60 12.80
C ILE A 555 -18.54 -34.92 12.24
N LYS A 556 -18.45 -34.99 10.92
CA LYS A 556 -17.78 -36.08 10.20
C LYS A 556 -16.63 -35.49 9.41
N PRO A 557 -15.39 -35.65 9.88
CA PRO A 557 -14.23 -35.20 9.10
C PRO A 557 -13.86 -36.21 8.03
N THR A 558 -13.11 -35.72 7.05
CA THR A 558 -12.57 -36.54 5.98
C THR A 558 -11.11 -36.13 5.80
N LYS A 559 -10.53 -36.49 4.66
CA LYS A 559 -9.23 -35.95 4.26
C LYS A 559 -9.27 -34.43 4.28
N SER A 560 -8.18 -33.82 4.73
CA SER A 560 -8.17 -32.37 5.02
C SER A 560 -8.37 -31.51 3.78
N SER A 561 -8.08 -32.03 2.59
CA SER A 561 -8.43 -31.30 1.38
C SER A 561 -9.88 -31.53 0.96
N SER A 562 -10.53 -32.53 1.52
CA SER A 562 -11.90 -32.90 1.19
C SER A 562 -12.88 -32.22 2.17
N HIS A 563 -14.13 -32.68 2.17
CA HIS A 563 -15.21 -32.00 2.86
C HIS A 563 -15.21 -32.28 4.36
N ILE A 564 -15.79 -31.35 5.11
CA ILE A 564 -16.17 -31.52 6.50
C ILE A 564 -17.68 -31.51 6.54
N PHE A 565 -18.29 -32.57 7.07
CA PHE A 565 -19.74 -32.64 7.16
C PHE A 565 -20.17 -32.34 8.59
N TYR A 566 -21.30 -31.67 8.75
CA TYR A 566 -21.76 -31.30 10.08
C TYR A 566 -23.28 -31.23 10.12
N SER A 567 -23.83 -31.62 11.25
CA SER A 567 -25.25 -31.51 11.54
C SER A 567 -25.42 -30.79 12.87
N LEU A 568 -26.45 -29.96 12.96
CA LEU A 568 -26.65 -29.11 14.13
C LEU A 568 -27.93 -29.50 14.86
N GLY A 569 -27.91 -29.28 16.17
CA GLY A 569 -29.07 -29.59 16.99
C GLY A 569 -29.20 -28.63 18.17
N ILE A 570 -30.43 -28.20 18.42
CA ILE A 570 -30.74 -27.31 19.54
C ILE A 570 -32.08 -27.74 20.12
N ARG A 571 -32.33 -27.33 21.36
CA ARG A 571 -33.62 -27.50 22.00
C ARG A 571 -34.49 -26.32 21.60
N LYS A 572 -35.75 -26.60 21.25
CA LYS A 572 -36.65 -25.52 20.82
C LYS A 572 -36.93 -24.53 21.95
N ALA A 573 -36.82 -24.97 23.20
CA ALA A 573 -36.94 -24.04 24.32
C ALA A 573 -35.74 -23.10 24.39
N ASP A 574 -34.62 -23.51 23.78
CA ASP A 574 -33.41 -22.68 23.85
C ASP A 574 -33.39 -21.64 22.73
N VAL A 575 -34.31 -21.74 21.78
CA VAL A 575 -34.39 -20.77 20.69
C VAL A 575 -35.16 -19.56 21.17
N THR A 576 -34.43 -18.50 21.55
CA THR A 576 -35.10 -17.31 22.08
C THR A 576 -35.65 -16.45 20.94
N ARG A 577 -34.81 -16.12 19.96
CA ARG A 577 -35.21 -15.34 18.81
C ARG A 577 -34.86 -16.11 17.53
N ARG A 578 -35.24 -15.54 16.40
CA ARG A 578 -34.89 -16.07 15.10
C ARG A 578 -34.65 -14.91 14.15
N LEU A 579 -33.82 -15.15 13.14
CA LEU A 579 -33.66 -14.20 12.05
C LEU A 579 -34.79 -14.39 11.06
N THR A 580 -35.53 -13.33 10.78
CA THR A 580 -36.65 -13.43 9.86
C THR A 580 -36.15 -13.56 8.43
N GLY A 581 -36.98 -14.16 7.58
CA GLY A 581 -36.63 -14.34 6.19
C GLY A 581 -36.77 -15.77 5.72
N ARG A 582 -36.93 -15.96 4.42
CA ARG A 582 -37.07 -17.27 3.81
C ARG A 582 -35.85 -17.65 2.98
N VAL A 583 -34.68 -17.12 3.34
CA VAL A 583 -33.44 -17.46 2.64
C VAL A 583 -32.68 -18.58 3.33
N PHE A 584 -33.17 -19.08 4.45
CA PHE A 584 -32.48 -20.11 5.22
C PHE A 584 -33.00 -21.49 4.83
N SER A 585 -32.11 -22.48 4.93
CA SER A 585 -32.49 -23.86 4.66
C SER A 585 -33.45 -24.37 5.73
N ASP A 586 -34.34 -25.27 5.32
CA ASP A 586 -35.32 -25.83 6.24
C ASP A 586 -34.64 -26.68 7.30
N THR A 587 -35.20 -26.67 8.50
CA THR A 587 -34.73 -27.49 9.60
C THR A 587 -35.72 -28.62 9.85
N ILE A 588 -35.42 -29.45 10.84
CA ILE A 588 -36.16 -30.68 11.12
C ILE A 588 -36.78 -30.57 12.50
N ASP A 589 -38.09 -30.79 12.57
CA ASP A 589 -38.81 -30.90 13.82
C ASP A 589 -38.64 -32.30 14.39
N ALA A 590 -38.10 -32.38 15.61
CA ALA A 590 -37.77 -33.63 16.27
C ALA A 590 -38.27 -33.58 17.71
N GLY A 591 -39.55 -33.29 17.86
CA GLY A 591 -40.17 -33.26 19.16
C GLY A 591 -39.73 -32.07 19.98
N GLU A 592 -38.91 -32.32 20.99
CA GLU A 592 -38.30 -31.26 21.78
C GLU A 592 -37.16 -30.58 21.04
N TRP A 593 -36.57 -31.23 20.05
CA TRP A 593 -35.35 -30.73 19.41
C TRP A 593 -35.64 -30.18 18.02
N GLU A 594 -34.87 -29.18 17.63
CA GLU A 594 -34.76 -28.79 16.24
C GLU A 594 -33.40 -29.22 15.72
N LEU A 595 -33.40 -29.95 14.60
CA LEU A 595 -32.20 -30.52 14.03
C LEU A 595 -31.94 -29.92 12.65
N THR A 596 -30.72 -30.14 12.17
CA THR A 596 -30.28 -29.62 10.88
C THR A 596 -29.69 -30.77 10.07
N GLU A 597 -30.01 -30.81 8.78
CA GLU A 597 -29.44 -31.81 7.89
C GLU A 597 -27.93 -31.60 7.76
N PHE A 598 -27.25 -32.64 7.28
CA PHE A 598 -25.81 -32.58 7.10
C PHE A 598 -25.46 -31.57 6.00
N LYS A 599 -24.62 -30.59 6.35
CA LYS A 599 -24.09 -29.65 5.39
C LYS A 599 -22.58 -29.83 5.32
N SER A 600 -21.98 -29.30 4.27
CA SER A 600 -20.57 -29.51 3.98
C SER A 600 -19.83 -28.19 3.90
N LEU A 601 -18.56 -28.22 4.32
CA LEU A 601 -17.68 -27.08 4.18
C LEU A 601 -16.26 -27.58 3.92
N LYS A 602 -15.57 -26.91 2.99
CA LYS A 602 -14.18 -27.18 2.75
C LYS A 602 -13.32 -26.20 3.55
N THR A 603 -12.01 -26.39 3.44
CA THR A 603 -11.07 -25.57 4.20
C THR A 603 -11.15 -24.11 3.81
N CYS A 604 -11.29 -23.82 2.50
CA CYS A 604 -11.31 -22.43 2.05
C CYS A 604 -12.62 -21.74 2.44
N LYS A 605 -13.71 -22.50 2.56
CA LYS A 605 -14.99 -21.91 2.89
C LYS A 605 -15.11 -21.54 4.37
N LEU A 606 -14.23 -22.06 5.21
CA LEU A 606 -14.25 -21.78 6.64
C LEU A 606 -13.91 -20.33 6.96
N THR A 607 -12.97 -19.75 6.21
CA THR A 607 -12.45 -18.42 6.53
C THR A 607 -13.56 -17.38 6.59
N ASN A 608 -14.43 -17.34 5.58
CA ASN A 608 -15.51 -16.37 5.54
C ASN A 608 -16.43 -16.52 6.75
N LEU A 609 -16.62 -17.76 7.22
CA LEU A 609 -17.44 -17.95 8.40
C LEU A 609 -16.71 -17.56 9.67
N VAL A 610 -15.38 -17.72 9.69
CA VAL A 610 -14.61 -17.33 10.86
C VAL A 610 -14.63 -15.81 11.03
N ASN A 611 -14.52 -15.08 9.93
CA ASN A 611 -14.44 -13.63 9.95
C ASN A 611 -15.79 -12.95 9.92
N LEU A 612 -16.89 -13.72 9.91
CA LEU A 612 -18.21 -13.14 9.71
C LEU A 612 -18.62 -12.07 10.72
N PRO A 613 -18.41 -12.21 12.05
CA PRO A 613 -18.81 -11.11 12.95
C PRO A 613 -18.10 -9.80 12.67
N CYS A 614 -16.80 -9.83 12.39
CA CYS A 614 -16.07 -8.61 12.08
C CYS A 614 -16.52 -8.02 10.76
N THR A 615 -16.78 -8.88 9.77
CA THR A 615 -17.33 -8.43 8.49
C THR A 615 -18.65 -7.69 8.68
N MET A 616 -19.55 -8.26 9.47
CA MET A 616 -20.85 -7.64 9.66
C MET A 616 -20.75 -6.35 10.46
N LEU A 617 -19.92 -6.32 11.51
CA LEU A 617 -19.73 -5.10 12.28
C LEU A 617 -19.18 -3.98 11.41
N ASN A 618 -18.18 -4.30 10.59
CA ASN A 618 -17.57 -3.30 9.71
C ASN A 618 -18.56 -2.82 8.65
N SER A 619 -19.37 -3.73 8.09
CA SER A 619 -20.35 -3.32 7.10
C SER A 619 -21.40 -2.40 7.71
N ILE A 620 -21.86 -2.71 8.92
CA ILE A 620 -22.84 -1.85 9.59
C ILE A 620 -22.27 -0.46 9.82
N ALA A 621 -21.05 -0.39 10.36
CA ALA A 621 -20.43 0.90 10.62
C ALA A 621 -20.19 1.70 9.34
N PHE A 622 -19.68 1.02 8.30
CA PHE A 622 -19.37 1.70 7.04
C PHE A 622 -20.63 2.24 6.38
N TRP A 623 -21.68 1.42 6.29
CA TRP A 623 -22.88 1.88 5.62
C TRP A 623 -23.69 2.84 6.47
N ARG A 624 -23.48 2.88 7.79
CA ARG A 624 -24.05 3.97 8.58
C ARG A 624 -23.33 5.28 8.33
N GLU A 625 -21.99 5.24 8.22
CA GLU A 625 -21.26 6.46 7.88
C GLU A 625 -21.61 6.97 6.49
N LYS A 626 -21.74 6.06 5.52
CA LYS A 626 -22.04 6.47 4.15
C LYS A 626 -23.46 6.99 3.98
N LEU A 627 -24.35 6.74 4.94
CA LEU A 627 -25.69 7.30 4.93
C LEU A 627 -25.82 8.56 5.77
N GLY A 628 -24.71 9.05 6.32
CA GLY A 628 -24.72 10.29 7.08
C GLY A 628 -25.11 10.16 8.53
N VAL A 629 -25.23 8.95 9.07
CA VAL A 629 -25.67 8.75 10.44
C VAL A 629 -24.44 8.70 11.34
N ALA A 630 -24.40 9.60 12.32
CA ALA A 630 -23.25 9.68 13.21
C ALA A 630 -23.20 8.48 14.14
N PRO A 631 -22.00 8.02 14.51
CA PRO A 631 -21.90 6.86 15.42
C PRO A 631 -22.54 7.09 16.79
N TRP A 632 -22.55 8.33 17.28
CA TRP A 632 -23.10 8.64 18.59
C TRP A 632 -24.60 8.91 18.55
N LEU A 633 -25.29 8.43 17.53
CA LEU A 633 -26.72 8.63 17.37
C LEU A 633 -27.43 7.28 17.36
N VAL A 634 -28.56 7.20 18.04
CA VAL A 634 -29.42 6.02 18.03
C VAL A 634 -30.59 6.31 17.09
N ARG A 635 -30.73 5.47 16.07
CA ARG A 635 -31.64 5.75 14.97
C ARG A 635 -32.02 4.43 14.31
N LYS A 636 -33.32 4.21 14.11
CA LYS A 636 -33.77 2.96 13.54
C LYS A 636 -33.37 2.88 12.06
N PRO A 637 -33.04 1.68 11.56
CA PRO A 637 -32.44 1.58 10.23
C PRO A 637 -33.43 1.88 9.12
N CYS A 638 -32.95 2.58 8.10
CA CYS A 638 -33.72 2.82 6.89
C CYS A 638 -33.63 1.60 5.97
N SER A 639 -34.34 1.67 4.85
CA SER A 639 -34.38 0.52 3.94
C SER A 639 -33.06 0.32 3.22
N GLU A 640 -32.34 1.40 2.91
CA GLU A 640 -31.07 1.29 2.21
C GLU A 640 -30.02 0.58 3.06
N LEU A 641 -29.95 0.91 4.35
CA LEU A 641 -29.00 0.24 5.24
C LEU A 641 -29.32 -1.25 5.35
N ARG A 642 -30.60 -1.60 5.47
CA ARG A 642 -30.99 -3.00 5.52
C ARG A 642 -30.62 -3.72 4.23
N GLU A 643 -30.85 -3.09 3.09
CA GLU A 643 -30.51 -3.70 1.81
C GLU A 643 -29.01 -3.95 1.70
N GLN A 644 -28.20 -2.96 2.06
CA GLN A 644 -26.74 -3.09 1.92
C GLN A 644 -26.21 -4.15 2.86
N VAL A 645 -26.63 -4.12 4.14
CA VAL A 645 -26.13 -5.08 5.11
C VAL A 645 -26.59 -6.49 4.79
N GLY A 646 -27.85 -6.65 4.36
CA GLY A 646 -28.34 -7.96 3.98
C GLY A 646 -27.65 -8.51 2.76
N LEU A 647 -27.35 -7.65 1.78
CA LEU A 647 -26.60 -8.09 0.61
C LEU A 647 -25.21 -8.55 1.00
N THR A 648 -24.53 -7.81 1.88
CA THR A 648 -23.21 -8.22 2.35
C THR A 648 -23.28 -9.56 3.09
N PHE A 649 -24.31 -9.73 3.92
CA PHE A 649 -24.59 -10.99 4.61
C PHE A 649 -24.69 -12.15 3.62
N LEU A 650 -25.51 -11.99 2.59
CA LEU A 650 -25.75 -13.07 1.63
C LEU A 650 -24.51 -13.37 0.80
N ILE A 651 -23.77 -12.34 0.39
CA ILE A 651 -22.55 -12.56 -0.38
C ILE A 651 -21.52 -13.30 0.45
N SER A 652 -21.36 -12.91 1.72
CA SER A 652 -20.40 -13.58 2.59
C SER A 652 -20.80 -15.05 2.79
N LEU A 653 -22.09 -15.31 2.99
CA LEU A 653 -22.50 -16.67 3.31
C LEU A 653 -22.51 -17.60 2.10
N GLU A 654 -22.91 -17.11 0.92
CA GLU A 654 -22.94 -17.99 -0.24
C GLU A 654 -21.53 -18.38 -0.69
N ASP A 655 -20.64 -17.40 -0.81
CA ASP A 655 -19.22 -17.64 -1.08
C ASP A 655 -18.99 -18.40 -2.39
N LYS A 656 -19.55 -17.89 -3.47
CA LYS A 656 -19.39 -18.50 -4.80
C LYS A 656 -18.90 -17.48 -5.79
N SER A 657 -18.17 -17.96 -6.80
CA SER A 657 -17.45 -17.08 -7.72
C SER A 657 -18.39 -16.35 -8.68
N LYS A 658 -19.35 -17.07 -9.26
CA LYS A 658 -20.27 -16.45 -10.20
C LYS A 658 -21.11 -15.37 -9.53
N THR A 659 -21.46 -15.58 -8.26
CA THR A 659 -22.23 -14.61 -7.50
C THR A 659 -21.52 -13.27 -7.41
N GLU A 660 -20.23 -13.28 -7.07
CA GLU A 660 -19.49 -12.03 -7.01
C GLU A 660 -19.12 -11.50 -8.39
N GLU A 661 -19.01 -12.37 -9.39
CA GLU A 661 -18.70 -11.93 -10.75
C GLU A 661 -19.84 -11.09 -11.33
N ILE A 662 -21.09 -11.52 -11.08
CA ILE A 662 -22.25 -10.77 -11.53
C ILE A 662 -22.26 -9.36 -10.91
N ILE A 663 -21.93 -9.27 -9.62
CA ILE A 663 -21.90 -7.97 -8.94
C ILE A 663 -20.75 -7.12 -9.45
N THR A 664 -19.61 -7.74 -9.73
CA THR A 664 -18.46 -7.01 -10.25
C THR A 664 -18.75 -6.37 -11.61
N LEU A 665 -19.45 -7.09 -12.49
CA LEU A 665 -19.75 -6.53 -13.81
C LEU A 665 -20.67 -5.32 -13.78
N THR A 666 -21.36 -5.07 -12.67
CA THR A 666 -22.24 -3.92 -12.58
C THR A 666 -21.47 -2.60 -12.67
N ARG A 667 -20.17 -2.60 -12.35
CA ARG A 667 -19.38 -1.39 -12.51
C ARG A 667 -19.32 -0.94 -13.95
N TYR A 668 -18.99 -1.87 -14.86
CA TYR A 668 -18.94 -1.54 -16.28
C TYR A 668 -20.33 -1.34 -16.86
N THR A 669 -21.34 -2.02 -16.31
CA THR A 669 -22.71 -1.75 -16.73
C THR A 669 -23.12 -0.31 -16.39
N GLN A 670 -22.74 0.18 -15.21
CA GLN A 670 -23.23 1.46 -14.72
C GLN A 670 -22.33 2.63 -15.11
N MET A 671 -21.09 2.38 -15.53
CA MET A 671 -20.25 3.47 -16.01
C MET A 671 -20.75 4.05 -17.34
N GLU A 672 -21.64 3.34 -18.04
CA GLU A 672 -22.20 3.85 -19.28
C GLU A 672 -23.17 4.99 -19.05
N GLY A 673 -23.64 5.20 -17.81
CA GLY A 673 -24.50 6.33 -17.52
C GLY A 673 -23.82 7.68 -17.58
N PHE A 674 -22.49 7.70 -17.63
CA PHE A 674 -21.75 8.95 -17.77
C PHE A 674 -21.41 9.28 -19.22
N VAL A 675 -21.86 8.47 -20.17
CA VAL A 675 -21.58 8.73 -21.57
C VAL A 675 -22.43 9.91 -22.05
N SER A 676 -21.79 10.86 -22.71
CA SER A 676 -22.39 12.13 -23.10
C SER A 676 -22.87 12.10 -24.54
N PRO A 677 -23.77 13.01 -24.91
CA PRO A 677 -24.17 13.11 -26.31
C PRO A 677 -22.97 13.49 -27.17
N PRO A 678 -22.98 13.11 -28.46
CA PRO A 678 -24.07 12.52 -29.26
C PRO A 678 -24.22 11.00 -29.14
N MET A 679 -23.55 10.38 -28.18
CA MET A 679 -23.69 8.95 -27.98
C MET A 679 -24.69 8.65 -26.87
N LEU A 680 -25.28 7.50 -26.95
CA LEU A 680 -26.19 6.94 -25.96
C LEU A 680 -25.46 5.90 -25.12
N PRO A 681 -25.90 5.67 -23.89
CA PRO A 681 -25.34 4.56 -23.11
C PRO A 681 -25.70 3.23 -23.73
N LYS A 682 -24.72 2.33 -23.79
CA LYS A 682 -24.93 0.96 -24.26
C LYS A 682 -24.46 -0.02 -23.18
N PRO A 683 -25.22 -0.15 -22.09
CA PRO A 683 -24.86 -1.18 -21.08
C PRO A 683 -25.13 -2.60 -21.55
N GLN A 684 -25.84 -2.78 -22.66
CA GLN A 684 -26.09 -4.12 -23.19
C GLN A 684 -24.83 -4.77 -23.73
N LYS A 685 -23.76 -4.01 -23.93
CA LYS A 685 -22.47 -4.53 -24.34
C LYS A 685 -21.89 -5.54 -23.36
N MET A 686 -22.33 -5.52 -22.10
CA MET A 686 -21.86 -6.45 -21.09
C MET A 686 -22.62 -7.78 -21.15
N LEU A 687 -23.64 -7.88 -22.01
CA LEU A 687 -24.48 -9.08 -22.03
C LEU A 687 -23.73 -10.34 -22.41
N GLY A 688 -22.60 -10.22 -23.10
CA GLY A 688 -21.80 -11.39 -23.42
C GLY A 688 -21.11 -11.98 -22.21
N LYS A 689 -20.86 -11.17 -21.18
CA LYS A 689 -20.17 -11.65 -19.98
C LYS A 689 -21.12 -12.18 -18.92
N LEU A 690 -22.43 -12.01 -19.09
CA LEU A 690 -23.42 -12.53 -18.16
C LEU A 690 -24.00 -13.86 -18.64
N ASP A 691 -23.44 -14.43 -19.69
CA ASP A 691 -23.89 -15.71 -20.22
C ASP A 691 -23.06 -16.82 -19.58
N GLY A 692 -23.74 -17.72 -18.87
CA GLY A 692 -23.08 -18.77 -18.15
C GLY A 692 -24.06 -19.51 -17.27
N PRO A 693 -23.64 -20.65 -16.72
CA PRO A 693 -24.55 -21.45 -15.88
C PRO A 693 -24.97 -20.70 -14.62
N LEU A 694 -26.25 -20.82 -14.28
CA LEU A 694 -26.81 -20.27 -13.05
C LEU A 694 -27.15 -21.44 -12.15
N ARG A 695 -26.62 -21.42 -10.92
CA ARG A 695 -26.70 -22.59 -10.05
C ARG A 695 -27.29 -22.32 -8.68
N THR A 696 -27.56 -21.07 -8.31
CA THR A 696 -28.19 -20.74 -7.05
C THR A 696 -29.30 -19.74 -7.29
N LYS A 697 -30.21 -19.65 -6.32
CA LYS A 697 -31.30 -18.68 -6.40
C LYS A 697 -30.79 -17.25 -6.30
N LEU A 698 -29.74 -17.03 -5.50
CA LEU A 698 -29.16 -15.69 -5.40
C LEU A 698 -28.52 -15.26 -6.71
N GLN A 699 -27.91 -16.19 -7.44
CA GLN A 699 -27.35 -15.86 -8.75
C GLN A 699 -28.45 -15.44 -9.71
N VAL A 700 -29.61 -16.11 -9.66
CA VAL A 700 -30.74 -15.72 -10.51
C VAL A 700 -31.24 -14.34 -10.13
N TYR A 701 -31.39 -14.09 -8.83
CA TYR A 701 -31.87 -12.79 -8.37
C TYR A 701 -30.92 -11.67 -8.79
N LEU A 702 -29.62 -11.89 -8.63
CA LEU A 702 -28.64 -10.87 -8.97
C LEU A 702 -28.58 -10.63 -10.47
N LEU A 703 -28.69 -11.71 -11.28
CA LEU A 703 -28.72 -11.53 -12.73
C LEU A 703 -29.94 -10.73 -13.16
N ARG A 704 -31.11 -11.03 -12.61
CA ARG A 704 -32.30 -10.27 -12.99
C ARG A 704 -32.18 -8.81 -12.58
N LYS A 705 -31.66 -8.54 -11.38
CA LYS A 705 -31.55 -7.15 -10.95
C LYS A 705 -30.49 -6.41 -11.77
N HIS A 706 -29.43 -7.11 -12.17
CA HIS A 706 -28.44 -6.54 -13.09
C HIS A 706 -29.07 -6.18 -14.43
N LEU A 707 -29.94 -7.04 -14.95
CA LEU A 707 -30.57 -6.74 -16.24
C LEU A 707 -31.56 -5.59 -16.12
N ASP A 708 -32.26 -5.47 -14.99
CA ASP A 708 -33.08 -4.28 -14.75
C ASP A 708 -32.23 -3.02 -14.70
N CYS A 709 -31.08 -3.09 -14.03
CA CYS A 709 -30.14 -1.98 -14.01
C CYS A 709 -29.70 -1.60 -15.42
N MET A 710 -29.44 -2.61 -16.26
CA MET A 710 -29.00 -2.37 -17.62
C MET A 710 -30.09 -1.67 -18.44
N VAL A 711 -31.33 -2.14 -18.33
CA VAL A 711 -32.43 -1.50 -19.02
C VAL A 711 -32.65 -0.08 -18.52
N ARG A 712 -32.47 0.15 -17.22
CA ARG A 712 -32.60 1.49 -16.66
C ARG A 712 -31.52 2.43 -17.19
N ILE A 713 -30.28 1.96 -17.27
CA ILE A 713 -29.18 2.79 -17.76
C ILE A 713 -29.37 3.13 -19.23
N ALA A 714 -29.77 2.14 -20.04
CA ALA A 714 -29.88 2.35 -21.48
C ALA A 714 -30.94 3.36 -21.85
N SER A 715 -31.93 3.60 -20.98
CA SER A 715 -32.99 4.55 -21.25
C SER A 715 -32.77 5.90 -20.59
N GLN A 716 -31.79 6.03 -19.70
CA GLN A 716 -31.59 7.29 -18.99
C GLN A 716 -30.16 7.43 -18.51
N PRO A 717 -29.33 8.21 -19.20
CA PRO A 717 -28.00 8.53 -18.67
C PRO A 717 -28.08 9.40 -17.42
N PHE A 718 -27.02 9.34 -16.62
CA PHE A 718 -26.91 10.20 -15.46
C PHE A 718 -26.84 11.66 -15.89
N SER A 719 -27.52 12.52 -15.15
CA SER A 719 -27.65 13.91 -15.56
C SER A 719 -26.49 14.77 -15.04
N LEU A 720 -26.01 15.67 -15.89
CA LEU A 720 -25.01 16.66 -15.47
C LEU A 720 -25.68 17.81 -14.75
N ILE A 721 -25.08 18.22 -13.64
CA ILE A 721 -25.53 19.37 -12.85
C ILE A 721 -24.31 20.24 -12.55
N PRO A 722 -23.98 21.20 -13.41
CA PRO A 722 -22.98 22.22 -13.02
C PRO A 722 -23.68 23.38 -12.31
N ARG A 723 -23.27 23.66 -11.08
CA ARG A 723 -23.97 24.66 -10.27
C ARG A 723 -23.12 25.89 -9.97
N GLU A 724 -21.97 25.75 -9.30
CA GLU A 724 -21.16 26.91 -8.94
C GLU A 724 -19.81 26.88 -9.64
N GLY A 725 -18.98 25.88 -9.37
CA GLY A 725 -17.75 25.69 -10.09
C GLY A 725 -17.42 24.22 -10.20
N ARG A 726 -18.35 23.39 -9.73
CA ARG A 726 -18.20 21.95 -9.74
C ARG A 726 -19.20 21.33 -10.70
N VAL A 727 -18.95 20.07 -11.03
CA VAL A 727 -19.85 19.27 -11.85
C VAL A 727 -20.31 18.10 -10.99
N GLU A 728 -21.62 17.97 -10.85
CA GLU A 728 -22.23 16.93 -10.05
C GLU A 728 -23.08 16.06 -10.96
N TRP A 729 -23.33 14.82 -10.57
CA TRP A 729 -24.14 13.91 -11.36
C TRP A 729 -25.38 13.51 -10.58
N GLY A 730 -26.52 13.49 -11.27
CA GLY A 730 -27.76 13.03 -10.71
C GLY A 730 -28.22 11.74 -11.37
N GLY A 731 -29.11 11.04 -10.67
CA GLY A 731 -29.68 9.81 -11.17
C GLY A 731 -28.92 8.56 -10.85
N THR A 732 -27.90 8.63 -10.00
CA THR A 732 -27.14 7.44 -9.62
C THR A 732 -27.93 6.59 -8.65
N PHE A 733 -27.68 5.28 -8.68
CA PHE A 733 -28.43 4.35 -7.87
C PHE A 733 -27.62 3.08 -7.66
N HIS A 734 -27.98 2.34 -6.60
CA HIS A 734 -27.41 1.02 -6.38
C HIS A 734 -27.86 0.08 -7.50
N ALA A 735 -26.90 -0.64 -8.08
CA ALA A 735 -27.24 -1.52 -9.20
C ALA A 735 -28.15 -2.66 -8.76
N ILE A 736 -27.91 -3.22 -7.56
CA ILE A 736 -28.64 -4.41 -7.16
C ILE A 736 -29.99 -4.04 -6.56
N SER A 737 -30.03 -3.13 -5.59
CA SER A 737 -31.31 -2.79 -4.98
C SER A 737 -32.14 -1.88 -5.86
N GLY A 738 -31.50 -0.97 -6.60
CA GLY A 738 -32.20 0.00 -7.41
C GLY A 738 -32.52 1.30 -6.71
N ARG A 739 -32.23 1.42 -5.42
CA ARG A 739 -32.54 2.63 -4.67
C ARG A 739 -31.56 3.74 -5.04
N SER A 740 -32.08 4.97 -5.12
CA SER A 740 -31.26 6.13 -5.43
C SER A 740 -30.28 6.41 -4.29
N THR A 741 -29.08 6.86 -4.65
CA THR A 741 -28.05 7.12 -3.66
C THR A 741 -26.99 8.03 -4.26
N ASN A 742 -25.95 8.31 -3.46
CA ASN A 742 -24.85 9.17 -3.88
C ASN A 742 -23.98 8.48 -4.93
N LEU A 743 -23.10 9.28 -5.53
CA LEU A 743 -22.10 8.74 -6.45
C LEU A 743 -21.11 7.83 -5.73
N GLU A 744 -20.63 8.26 -4.56
CA GLU A 744 -19.68 7.44 -3.80
C GLU A 744 -20.31 6.12 -3.36
N ASN A 745 -21.58 6.16 -2.99
CA ASN A 745 -22.26 4.93 -2.57
C ASN A 745 -22.40 3.95 -3.73
N MET A 746 -22.68 4.45 -4.94
CA MET A 746 -22.74 3.58 -6.11
C MET A 746 -21.37 2.98 -6.42
N VAL A 747 -20.33 3.80 -6.38
CA VAL A 747 -18.98 3.31 -6.62
C VAL A 747 -18.58 2.26 -5.60
N ASN A 748 -18.98 2.45 -4.35
CA ASN A 748 -18.66 1.46 -3.33
C ASN A 748 -19.50 0.20 -3.47
N SER A 749 -20.76 0.34 -3.90
CA SER A 749 -21.60 -0.82 -4.16
C SER A 749 -21.10 -1.65 -5.33
N TRP A 750 -20.27 -1.06 -6.19
CA TRP A 750 -19.63 -1.87 -7.23
C TRP A 750 -18.66 -2.90 -6.68
N TYR A 751 -18.28 -2.83 -5.40
CA TYR A 751 -17.27 -3.72 -4.83
C TYR A 751 -17.82 -4.63 -3.74
N ILE A 752 -19.15 -4.79 -3.64
CA ILE A 752 -19.72 -5.66 -2.62
C ILE A 752 -19.34 -7.12 -2.87
N GLY A 753 -19.10 -7.49 -4.12
CA GLY A 753 -18.64 -8.83 -4.44
C GLY A 753 -17.27 -9.18 -3.90
N TYR A 754 -16.52 -8.19 -3.40
CA TYR A 754 -15.21 -8.47 -2.82
C TYR A 754 -15.30 -9.22 -1.50
N TYR A 755 -16.49 -9.33 -0.90
CA TYR A 755 -16.66 -10.10 0.32
C TYR A 755 -16.55 -11.60 0.08
N LYS A 756 -16.64 -12.06 -1.16
CA LYS A 756 -16.35 -13.44 -1.47
C LYS A 756 -14.86 -13.70 -1.35
N ASN A 757 -14.50 -14.85 -0.77
CA ASN A 757 -13.11 -15.16 -0.50
C ASN A 757 -12.33 -15.46 -1.78
N LYS A 758 -11.21 -14.74 -1.96
CA LYS A 758 -10.36 -14.99 -3.12
C LYS A 758 -9.70 -16.36 -3.06
N GLU A 759 -9.29 -16.78 -1.87
CA GLU A 759 -8.39 -17.93 -1.72
C GLU A 759 -9.17 -19.25 -1.72
N GLU A 760 -9.98 -19.44 -2.76
CA GLU A 760 -10.62 -20.73 -2.93
C GLU A 760 -9.67 -21.72 -3.59
N SER A 761 -9.89 -23.00 -3.30
CA SER A 761 -9.13 -24.06 -3.93
C SER A 761 -9.91 -24.59 -5.12
N THR A 762 -9.27 -24.62 -6.29
CA THR A 762 -9.92 -25.09 -7.49
C THR A 762 -9.91 -26.61 -7.55
N GLU A 763 -11.00 -27.18 -8.05
CA GLU A 763 -11.13 -28.62 -8.19
C GLU A 763 -10.64 -29.06 -9.57
N LEU A 764 -10.47 -30.37 -9.73
CA LEU A 764 -9.93 -30.90 -10.99
C LEU A 764 -10.88 -30.65 -12.15
N ASN A 765 -12.18 -30.87 -11.96
CA ASN A 765 -13.16 -30.68 -13.02
C ASN A 765 -13.34 -29.22 -13.39
N ALA A 766 -12.93 -28.30 -12.53
CA ALA A 766 -12.91 -26.87 -12.85
C ALA A 766 -11.63 -26.44 -13.54
N LEU A 767 -10.70 -27.37 -13.76
CA LEU A 767 -9.37 -27.00 -14.22
C LEU A 767 -9.27 -26.96 -15.74
N GLY A 768 -10.19 -27.60 -16.45
CA GLY A 768 -10.17 -27.58 -17.90
C GLY A 768 -10.52 -26.25 -18.53
N GLU A 769 -11.32 -25.42 -17.83
CA GLU A 769 -11.67 -24.10 -18.33
C GLU A 769 -10.43 -23.27 -18.64
N MET A 770 -9.43 -23.32 -17.75
CA MET A 770 -8.15 -22.69 -18.02
C MET A 770 -7.58 -23.11 -19.36
N TYR A 771 -7.52 -24.43 -19.59
CA TYR A 771 -6.99 -24.91 -20.86
C TYR A 771 -7.85 -24.42 -22.00
N LYS A 772 -9.17 -24.36 -21.79
CA LYS A 772 -10.05 -23.79 -22.79
C LYS A 772 -9.67 -22.36 -23.10
N LYS A 773 -9.35 -21.57 -22.06
CA LYS A 773 -9.01 -20.17 -22.30
C LYS A 773 -7.75 -20.03 -23.15
N ILE A 774 -6.90 -21.06 -23.18
CA ILE A 774 -5.64 -20.94 -23.90
C ILE A 774 -5.80 -21.35 -25.37
N VAL A 775 -6.79 -22.20 -25.66
CA VAL A 775 -6.76 -22.93 -26.93
C VAL A 775 -7.39 -22.14 -28.07
N GLU A 776 -8.60 -21.55 -27.87
CA GLU A 776 -9.25 -20.90 -29.01
C GLU A 776 -8.47 -19.69 -29.52
N MET A 777 -7.63 -19.09 -28.69
CA MET A 777 -6.74 -18.06 -29.23
C MET A 777 -5.70 -18.69 -30.16
N GLU A 778 -5.07 -19.79 -29.73
CA GLU A 778 -4.15 -20.51 -30.60
C GLU A 778 -4.87 -21.05 -31.83
N GLU A 779 -6.14 -21.42 -31.68
CA GLU A 779 -6.91 -21.91 -32.83
C GLU A 779 -7.22 -20.78 -33.81
N ASP A 780 -7.10 -19.52 -33.38
CA ASP A 780 -7.35 -18.40 -34.28
C ASP A 780 -6.09 -17.92 -34.99
N LYS A 781 -5.02 -18.69 -34.95
CA LYS A 781 -3.78 -18.30 -35.61
C LYS A 781 -3.99 -18.27 -37.11
N PRO A 782 -3.52 -17.23 -37.81
CA PRO A 782 -3.66 -17.20 -39.27
C PRO A 782 -2.88 -18.32 -39.92
N SER A 783 -3.48 -18.89 -40.97
CA SER A 783 -2.83 -19.96 -41.72
C SER A 783 -1.70 -19.45 -42.60
N SER A 784 -1.64 -18.15 -42.87
CA SER A 784 -0.59 -17.56 -43.66
C SER A 784 0.19 -16.54 -42.84
N PRO A 785 1.50 -16.47 -43.01
CA PRO A 785 2.32 -15.53 -42.22
C PRO A 785 2.57 -14.18 -42.85
N GLU A 786 1.88 -13.83 -43.94
CA GLU A 786 2.17 -12.59 -44.65
C GLU A 786 1.82 -11.35 -43.84
N PHE A 787 0.89 -11.45 -42.89
CA PHE A 787 0.51 -10.31 -42.07
C PHE A 787 0.88 -10.53 -40.61
N LEU A 788 1.96 -11.26 -40.37
CA LEU A 788 2.55 -11.40 -39.05
C LEU A 788 3.90 -10.69 -38.97
N GLY A 789 4.08 -9.63 -39.76
CA GLY A 789 5.29 -8.86 -39.73
C GLY A 789 5.82 -8.44 -41.10
N TRP A 790 5.28 -9.02 -42.17
CA TRP A 790 5.84 -8.79 -43.49
C TRP A 790 5.13 -7.63 -44.22
N GLY A 791 3.82 -7.73 -44.39
CA GLY A 791 3.09 -6.84 -45.27
C GLY A 791 2.08 -5.97 -44.56
N ASP A 792 1.25 -5.32 -45.36
CA ASP A 792 0.24 -4.38 -44.89
C ASP A 792 -1.14 -4.82 -45.32
N THR A 793 -2.10 -4.74 -44.40
CA THR A 793 -3.49 -5.01 -44.70
C THR A 793 -4.37 -3.99 -43.98
N ASP A 794 -5.48 -3.64 -44.63
CA ASP A 794 -6.46 -2.74 -44.04
C ASP A 794 -7.52 -3.47 -43.21
N SER A 795 -7.65 -4.78 -43.39
CA SER A 795 -8.65 -5.59 -42.69
C SER A 795 -7.95 -6.78 -42.04
N PRO A 796 -7.20 -6.55 -40.97
CA PRO A 796 -6.49 -7.66 -40.32
C PRO A 796 -7.44 -8.55 -39.56
N LYS A 797 -7.10 -9.84 -39.50
CA LYS A 797 -7.82 -10.80 -38.69
C LYS A 797 -7.16 -10.88 -37.31
N LYS A 798 -7.53 -11.90 -36.53
CA LYS A 798 -6.99 -12.06 -35.19
C LYS A 798 -5.50 -12.40 -35.27
N HIS A 799 -4.73 -11.78 -34.38
CA HIS A 799 -3.27 -11.87 -34.23
C HIS A 799 -2.50 -11.14 -35.32
N GLU A 800 -3.18 -10.53 -36.29
CA GLU A 800 -2.52 -9.88 -37.41
C GLU A 800 -2.31 -8.39 -37.14
N PHE A 801 -1.36 -7.81 -37.88
CA PHE A 801 -1.08 -6.38 -37.81
C PHE A 801 -0.44 -5.95 -39.12
N SER A 802 -0.41 -4.64 -39.34
CA SER A 802 0.18 -4.08 -40.54
C SER A 802 1.53 -3.45 -40.21
N ARG A 803 2.51 -3.67 -41.11
CA ARG A 803 3.87 -3.20 -40.88
C ARG A 803 3.97 -1.67 -40.89
N SER A 804 3.24 -1.01 -41.81
CA SER A 804 3.37 0.43 -41.97
C SER A 804 2.85 1.18 -40.75
N PHE A 805 1.71 0.75 -40.21
CA PHE A 805 1.15 1.42 -39.03
C PHE A 805 2.03 1.21 -37.82
N LEU A 806 2.61 0.03 -37.67
CA LEU A 806 3.54 -0.23 -36.58
C LEU A 806 4.76 0.67 -36.69
N ARG A 807 5.30 0.82 -37.90
CA ARG A 807 6.46 1.68 -38.09
C ARG A 807 6.11 3.15 -37.83
N ALA A 808 4.92 3.58 -38.24
CA ALA A 808 4.50 4.96 -37.98
C ALA A 808 4.32 5.22 -36.49
N ALA A 809 3.78 4.24 -35.76
CA ALA A 809 3.64 4.40 -34.31
C ALA A 809 5.01 4.48 -33.63
N CYS A 810 5.95 3.64 -34.08
CA CYS A 810 7.32 3.71 -33.55
C CYS A 810 7.94 5.07 -33.84
N SER A 811 7.73 5.60 -35.05
CA SER A 811 8.24 6.92 -35.40
C SER A 811 7.64 8.02 -34.53
N SER A 812 6.34 7.93 -34.24
CA SER A 812 5.69 8.92 -33.39
C SER A 812 6.27 8.91 -31.98
N LEU A 813 6.42 7.72 -31.40
CA LEU A 813 7.00 7.67 -30.06
C LEU A 813 8.43 8.16 -30.07
N GLU A 814 9.19 7.82 -31.11
CA GLU A 814 10.57 8.30 -31.22
C GLU A 814 10.61 9.82 -31.29
N ARG A 815 9.64 10.43 -31.99
CA ARG A 815 9.57 11.89 -32.03
C ARG A 815 9.32 12.48 -30.66
N GLU A 816 8.40 11.90 -29.89
CA GLU A 816 8.16 12.41 -28.54
C GLU A 816 9.39 12.23 -27.63
N ILE A 817 10.06 11.08 -27.75
CA ILE A 817 11.26 10.82 -26.96
C ILE A 817 12.37 11.80 -27.31
N ALA A 818 12.56 12.07 -28.61
CA ALA A 818 13.59 13.02 -29.03
C ALA A 818 13.25 14.44 -28.61
N GLN A 819 11.95 14.77 -28.56
CA GLN A 819 11.56 16.07 -28.02
C GLN A 819 11.91 16.19 -26.54
N ARG A 820 11.65 15.14 -25.76
CA ARG A 820 11.85 15.24 -24.32
C ARG A 820 13.32 15.13 -23.92
N HIS A 821 14.04 14.15 -24.47
CA HIS A 821 15.38 13.80 -24.00
C HIS A 821 16.48 14.24 -24.94
N GLY A 822 16.16 14.99 -25.99
CA GLY A 822 17.17 15.43 -26.93
C GLY A 822 17.42 14.42 -28.03
N ARG A 823 18.22 14.85 -29.01
CA ARG A 823 18.48 14.07 -30.21
C ARG A 823 19.48 12.94 -29.99
N GLN A 824 20.16 12.90 -28.85
CA GLN A 824 21.14 11.87 -28.54
C GLN A 824 20.63 10.92 -27.45
N TRP A 825 19.32 10.67 -27.43
CA TRP A 825 18.73 9.85 -26.38
C TRP A 825 19.19 8.40 -26.47
N LYS A 826 19.44 7.91 -27.69
CA LYS A 826 19.79 6.51 -27.86
C LYS A 826 21.20 6.21 -27.39
N GLN A 827 22.11 7.17 -27.54
CA GLN A 827 23.46 7.03 -27.00
C GLN A 827 23.44 6.85 -25.49
N ASN A 828 22.62 7.65 -24.80
CA ASN A 828 22.54 7.54 -23.35
C ASN A 828 21.78 6.28 -22.93
N LEU A 829 20.78 5.90 -23.72
CA LEU A 829 20.06 4.65 -23.48
C LEU A 829 21.00 3.45 -23.54
N GLU A 830 21.94 3.46 -24.49
CA GLU A 830 22.90 2.37 -24.60
C GLU A 830 23.74 2.24 -23.34
N GLU A 831 24.27 3.34 -22.84
CA GLU A 831 25.08 3.30 -21.62
C GLU A 831 24.25 2.85 -20.43
N ARG A 832 23.01 3.33 -20.32
CA ARG A 832 22.13 2.90 -19.23
C ARG A 832 21.88 1.40 -19.28
N VAL A 833 21.60 0.86 -20.46
CA VAL A 833 21.31 -0.56 -20.60
C VAL A 833 22.54 -1.39 -20.31
N LEU A 834 23.70 -0.98 -20.81
CA LEU A 834 24.93 -1.74 -20.54
C LEU A 834 25.26 -1.74 -19.06
N ARG A 835 25.11 -0.60 -18.39
CA ARG A 835 25.29 -0.54 -16.94
C ARG A 835 24.34 -1.48 -16.22
N GLU A 836 23.06 -1.47 -16.58
CA GLU A 836 22.08 -2.31 -15.92
C GLU A 836 22.39 -3.80 -16.10
N ILE A 837 22.72 -4.19 -17.33
CA ILE A 837 22.93 -5.61 -17.62
C ILE A 837 24.24 -6.10 -17.00
N GLY A 838 25.31 -5.30 -17.09
CA GLY A 838 26.58 -5.74 -16.56
C GLY A 838 26.67 -5.69 -15.04
N THR A 839 25.92 -4.81 -14.39
CA THR A 839 25.94 -4.74 -12.94
C THR A 839 25.19 -5.89 -12.28
N LYS A 840 24.18 -6.43 -12.96
CA LYS A 840 23.20 -7.30 -12.32
C LYS A 840 23.83 -8.64 -11.96
N ASN A 841 23.44 -9.18 -10.81
CA ASN A 841 24.07 -10.33 -10.20
C ASN A 841 23.15 -11.55 -10.23
N ILE A 842 23.76 -12.73 -10.06
CA ILE A 842 22.98 -13.97 -10.02
C ILE A 842 22.16 -14.06 -8.74
N LEU A 843 22.71 -13.61 -7.62
CA LEU A 843 21.98 -13.63 -6.35
C LEU A 843 20.77 -12.70 -6.39
N ASP A 844 20.78 -11.69 -7.26
CA ASP A 844 19.60 -10.86 -7.46
C ASP A 844 18.44 -11.64 -8.07
N LEU A 845 18.73 -12.76 -8.73
CA LEU A 845 17.71 -13.60 -9.34
C LEU A 845 17.32 -14.78 -8.45
N ALA A 846 17.93 -14.89 -7.27
CA ALA A 846 17.64 -15.99 -6.36
C ALA A 846 16.45 -15.64 -5.44
N SER A 847 15.29 -15.49 -6.08
CA SER A 847 14.10 -15.06 -5.37
C SER A 847 13.40 -16.24 -4.70
N MET A 848 12.31 -15.93 -4.02
CA MET A 848 11.52 -16.92 -3.31
C MET A 848 10.40 -17.50 -4.17
N LYS A 849 10.37 -17.14 -5.45
CA LYS A 849 9.25 -17.51 -6.30
C LYS A 849 9.45 -18.90 -6.89
N ALA A 850 8.34 -19.51 -7.33
CA ALA A 850 8.38 -20.85 -7.90
C ALA A 850 8.92 -20.82 -9.32
N THR A 851 9.48 -21.95 -9.75
CA THR A 851 9.93 -22.14 -11.12
C THR A 851 9.45 -23.49 -11.62
N SER A 852 9.40 -23.62 -12.95
CA SER A 852 8.90 -24.83 -13.58
C SER A 852 9.98 -25.91 -13.62
N ASN A 853 9.57 -27.14 -13.30
CA ASN A 853 10.43 -28.31 -13.43
C ASN A 853 10.09 -29.11 -14.69
N PHE A 854 9.25 -28.57 -15.57
CA PHE A 854 8.87 -29.27 -16.79
C PHE A 854 10.07 -29.40 -17.72
N SER A 855 10.26 -30.59 -18.28
CA SER A 855 11.37 -30.85 -19.18
C SER A 855 10.95 -31.94 -20.16
N LYS A 856 11.94 -32.46 -20.91
CA LYS A 856 11.65 -33.48 -21.92
C LYS A 856 11.27 -34.81 -21.30
N ASP A 857 11.78 -35.11 -20.10
CA ASP A 857 11.48 -36.36 -19.42
C ASP A 857 10.06 -36.40 -18.85
N TRP A 858 9.35 -35.27 -18.85
CA TRP A 858 7.98 -35.19 -18.37
C TRP A 858 6.95 -35.17 -19.49
N GLU A 859 7.38 -35.29 -20.75
CA GLU A 859 6.49 -35.03 -21.87
C GLU A 859 5.50 -36.16 -22.13
N LEU A 860 5.92 -37.41 -21.98
CA LEU A 860 5.10 -38.55 -22.35
C LEU A 860 4.44 -39.13 -21.11
N TYR A 861 3.10 -39.24 -21.16
CA TYR A 861 2.33 -39.57 -19.96
C TYR A 861 2.57 -40.99 -19.48
N SER A 862 2.91 -41.91 -20.39
CA SER A 862 3.11 -43.30 -19.99
C SER A 862 4.32 -43.48 -19.07
N GLU A 863 5.31 -42.59 -19.17
CA GLU A 863 6.47 -42.64 -18.29
C GLU A 863 6.30 -41.79 -17.03
N VAL A 864 5.17 -41.12 -16.89
CA VAL A 864 4.98 -40.11 -15.85
C VAL A 864 3.84 -40.45 -14.91
N GLN A 865 2.88 -41.29 -15.32
CA GLN A 865 1.62 -41.47 -14.61
C GLN A 865 1.79 -41.90 -13.16
N THR A 866 2.90 -42.55 -12.83
CA THR A 866 3.16 -42.97 -11.46
C THR A 866 3.91 -41.92 -10.64
N LYS A 867 4.33 -40.82 -11.27
CA LYS A 867 5.10 -39.79 -10.59
C LYS A 867 4.21 -38.62 -10.18
N GLU A 868 4.76 -37.77 -9.33
CA GLU A 868 4.10 -36.54 -8.89
C GLU A 868 4.97 -35.35 -9.30
N TYR A 869 4.37 -34.40 -10.00
CA TYR A 869 5.09 -33.21 -10.43
C TYR A 869 5.08 -32.17 -9.32
N HIS A 870 6.23 -31.52 -9.10
CA HIS A 870 6.35 -30.44 -8.14
C HIS A 870 7.19 -29.32 -8.75
N ARG A 871 6.79 -28.08 -8.48
CA ARG A 871 7.61 -26.95 -8.84
C ARG A 871 8.74 -26.77 -7.82
N SER A 872 9.78 -26.08 -8.23
CA SER A 872 10.92 -25.77 -7.37
C SER A 872 10.91 -24.30 -7.00
N LYS A 873 11.92 -23.88 -6.24
CA LYS A 873 12.16 -22.48 -5.94
C LYS A 873 13.32 -21.99 -6.79
N LEU A 874 13.22 -20.75 -7.28
CA LEU A 874 14.29 -20.17 -8.09
C LEU A 874 15.58 -20.05 -7.29
N LEU A 875 15.48 -19.95 -5.97
CA LEU A 875 16.65 -19.91 -5.11
C LEU A 875 17.51 -21.17 -5.26
N GLU A 876 16.87 -22.34 -5.42
CA GLU A 876 17.64 -23.57 -5.60
C GLU A 876 18.45 -23.57 -6.89
N LYS A 877 17.82 -23.20 -8.01
CA LYS A 877 18.53 -23.17 -9.29
C LYS A 877 19.65 -22.14 -9.28
N MET A 878 19.39 -20.97 -8.70
CA MET A 878 20.42 -19.94 -8.64
C MET A 878 21.56 -20.36 -7.71
N ALA A 879 21.24 -21.05 -6.60
CA ALA A 879 22.28 -21.53 -5.70
C ALA A 879 23.12 -22.61 -6.35
N THR A 880 22.51 -23.47 -7.15
CA THR A 880 23.27 -24.46 -7.91
C THR A 880 24.18 -23.77 -8.92
N LEU A 881 23.70 -22.71 -9.56
CA LEU A 881 24.55 -21.97 -10.49
C LEU A 881 25.71 -21.28 -9.77
N ILE A 882 25.47 -20.77 -8.57
CA ILE A 882 26.52 -20.09 -7.81
C ILE A 882 27.57 -21.10 -7.31
N GLU A 883 27.13 -22.28 -6.88
CA GLU A 883 28.06 -23.29 -6.40
C GLU A 883 29.00 -23.76 -7.51
N LYS A 884 28.46 -23.91 -8.72
CA LYS A 884 29.26 -24.35 -9.87
C LYS A 884 30.26 -23.28 -10.32
N GLY A 885 30.02 -22.01 -10.02
CA GLY A 885 31.01 -20.97 -10.24
C GLY A 885 30.51 -19.75 -11.00
N VAL A 886 29.29 -19.75 -11.53
CA VAL A 886 28.79 -18.58 -12.25
C VAL A 886 28.46 -17.48 -11.26
N MET A 887 28.92 -16.26 -11.56
CA MET A 887 28.80 -15.14 -10.63
C MET A 887 28.10 -13.93 -11.22
N TRP A 888 28.07 -13.79 -12.54
CA TRP A 888 27.36 -12.69 -13.20
C TRP A 888 26.22 -13.23 -14.06
N TYR A 889 25.23 -12.37 -14.28
CA TYR A 889 24.10 -12.72 -15.15
C TYR A 889 24.54 -12.90 -16.59
N ILE A 890 25.56 -12.16 -17.01
CA ILE A 890 26.09 -12.30 -18.38
C ILE A 890 26.60 -13.72 -18.61
N ASP A 891 27.36 -14.25 -17.66
CA ASP A 891 27.95 -15.58 -17.84
C ASP A 891 26.90 -16.68 -17.77
N ALA A 892 25.73 -16.41 -17.22
CA ALA A 892 24.66 -17.39 -17.12
C ALA A 892 23.68 -17.35 -18.28
N VAL A 893 23.43 -16.16 -18.83
CA VAL A 893 22.41 -16.03 -19.86
C VAL A 893 22.85 -16.70 -21.16
N GLY A 894 24.15 -16.77 -21.43
CA GLY A 894 24.61 -17.46 -22.63
C GLY A 894 24.31 -18.95 -22.59
N GLN A 895 24.61 -19.59 -21.45
CA GLN A 895 24.30 -21.00 -21.31
C GLN A 895 22.79 -21.24 -21.24
N ALA A 896 22.05 -20.31 -20.63
CA ALA A 896 20.59 -20.43 -20.62
C ALA A 896 20.03 -20.39 -22.03
N TRP A 897 20.52 -19.48 -22.87
CA TRP A 897 20.04 -19.41 -24.24
C TRP A 897 20.44 -20.64 -25.04
N LYS A 898 21.67 -21.15 -24.83
CA LYS A 898 22.07 -22.38 -25.52
C LYS A 898 21.18 -23.55 -25.13
N ALA A 899 20.87 -23.69 -23.84
CA ALA A 899 19.99 -24.76 -23.39
C ALA A 899 18.58 -24.60 -23.96
N VAL A 900 18.08 -23.37 -24.01
CA VAL A 900 16.74 -23.13 -24.57
C VAL A 900 16.72 -23.49 -26.06
N LEU A 901 17.73 -23.05 -26.81
CA LEU A 901 17.75 -23.31 -28.24
C LEU A 901 17.91 -24.80 -28.53
N ASP A 902 18.71 -25.51 -27.73
CA ASP A 902 18.81 -26.95 -27.90
C ASP A 902 17.50 -27.64 -27.54
N ASP A 903 16.80 -27.14 -26.52
CA ASP A 903 15.49 -27.69 -26.19
C ASP A 903 14.49 -27.47 -27.31
N GLY A 904 14.57 -26.32 -27.97
CA GLY A 904 13.68 -26.01 -29.07
C GLY A 904 12.35 -25.40 -28.68
N CYS A 905 12.15 -25.09 -27.40
CA CYS A 905 10.89 -24.54 -26.93
C CYS A 905 11.17 -23.73 -25.68
N MET A 906 10.11 -23.27 -25.03
CA MET A 906 10.18 -22.80 -23.66
C MET A 906 9.19 -23.61 -22.82
N ARG A 907 9.67 -24.06 -21.66
CA ARG A 907 8.94 -24.99 -20.80
C ARG A 907 8.15 -24.19 -19.77
N ILE A 908 6.84 -24.40 -19.74
CA ILE A 908 5.93 -23.65 -18.86
C ILE A 908 5.08 -24.65 -18.10
N CYS A 909 4.74 -24.31 -16.86
CA CYS A 909 3.67 -24.99 -16.14
C CYS A 909 2.63 -23.96 -15.73
N LEU A 910 1.42 -24.43 -15.41
CA LEU A 910 0.27 -23.57 -15.28
C LEU A 910 -0.31 -23.64 -13.88
N PHE A 911 -0.95 -22.54 -13.45
CA PHE A 911 -1.90 -22.61 -12.34
C PHE A 911 -2.92 -21.48 -12.48
N LYS A 912 -3.90 -21.48 -11.60
CA LYS A 912 -5.02 -20.54 -11.65
C LYS A 912 -4.83 -19.48 -10.58
N LYS A 913 -4.93 -18.22 -10.98
CA LYS A 913 -4.82 -17.12 -10.02
C LYS A 913 -6.02 -17.09 -9.09
N ASN A 914 -5.76 -16.68 -7.85
CA ASN A 914 -6.80 -16.45 -6.86
C ASN A 914 -7.14 -14.96 -6.91
N GLN A 915 -8.19 -14.62 -7.65
CA GLN A 915 -8.51 -13.22 -7.92
C GLN A 915 -10.01 -13.03 -7.98
N HIS A 916 -10.43 -11.78 -7.80
CA HIS A 916 -11.79 -11.35 -8.10
C HIS A 916 -11.91 -11.07 -9.59
N GLY A 917 -13.15 -10.88 -10.03
CA GLY A 917 -13.41 -10.42 -11.39
C GLY A 917 -13.28 -11.46 -12.49
N GLY A 918 -13.14 -12.74 -12.15
CA GLY A 918 -13.15 -13.76 -13.18
C GLY A 918 -12.00 -14.74 -13.16
N LEU A 919 -11.69 -15.30 -14.32
CA LEU A 919 -10.67 -16.33 -14.46
C LEU A 919 -9.42 -15.76 -15.10
N ARG A 920 -8.26 -16.09 -14.55
CA ARG A 920 -6.97 -15.73 -15.13
C ARG A 920 -6.01 -16.89 -14.95
N GLU A 921 -5.48 -17.39 -16.07
CA GLU A 921 -4.46 -18.43 -16.02
C GLU A 921 -3.10 -17.80 -15.83
N ILE A 922 -2.20 -18.52 -15.15
CA ILE A 922 -0.89 -18.02 -14.78
C ILE A 922 0.17 -19.00 -15.24
N TYR A 923 1.23 -18.46 -15.83
CA TYR A 923 2.30 -19.23 -16.46
C TYR A 923 3.57 -19.13 -15.62
N VAL A 924 4.26 -20.25 -15.45
CA VAL A 924 5.51 -20.32 -14.71
C VAL A 924 6.57 -20.89 -15.64
N MET A 925 7.68 -20.16 -15.80
CA MET A 925 8.78 -20.60 -16.64
C MET A 925 9.79 -21.42 -15.85
N ASP A 926 10.60 -22.18 -16.57
CA ASP A 926 11.79 -22.76 -15.97
C ASP A 926 12.89 -21.69 -15.88
N ALA A 927 13.98 -22.05 -15.21
CA ALA A 927 15.01 -21.07 -14.88
C ALA A 927 15.72 -20.54 -16.12
N ASN A 928 15.88 -21.37 -17.16
CA ASN A 928 16.55 -20.94 -18.39
C ASN A 928 15.74 -19.85 -19.10
N ALA A 929 14.45 -20.09 -19.27
CA ALA A 929 13.59 -19.08 -19.89
C ALA A 929 13.50 -17.82 -19.05
N ARG A 930 13.52 -17.96 -17.72
CA ARG A 930 13.53 -16.78 -16.85
C ARG A 930 14.80 -15.96 -17.05
N LEU A 931 15.95 -16.65 -17.15
CA LEU A 931 17.21 -15.95 -17.37
C LEU A 931 17.21 -15.23 -18.72
N VAL A 932 16.63 -15.84 -19.75
CA VAL A 932 16.57 -15.18 -21.04
C VAL A 932 15.60 -14.00 -21.01
N GLN A 933 14.44 -14.17 -20.37
CA GLN A 933 13.42 -13.13 -20.33
C GLN A 933 13.87 -11.90 -19.55
N PHE A 934 14.75 -12.10 -18.56
CA PHE A 934 15.15 -11.00 -17.69
C PHE A 934 15.85 -9.89 -18.46
N GLY A 935 16.74 -10.25 -19.39
CA GLY A 935 17.47 -9.23 -20.14
C GLY A 935 16.59 -8.40 -21.06
N VAL A 936 15.68 -9.05 -21.79
CA VAL A 936 14.82 -8.29 -22.69
C VAL A 936 13.85 -7.43 -21.89
N GLU A 937 13.39 -7.89 -20.73
CA GLU A 937 12.54 -7.03 -19.90
C GLU A 937 13.33 -5.88 -19.31
N THR A 938 14.62 -6.07 -19.03
CA THR A 938 15.46 -4.97 -18.59
C THR A 938 15.58 -3.89 -19.67
N MET A 939 15.85 -4.31 -20.91
CA MET A 939 15.93 -3.36 -22.01
C MET A 939 14.59 -2.65 -22.24
N ALA A 940 13.50 -3.40 -22.19
CA ALA A 940 12.18 -2.81 -22.38
C ALA A 940 11.85 -1.81 -21.27
N ARG A 941 12.23 -2.10 -20.03
CA ARG A 941 12.02 -1.16 -18.94
C ARG A 941 12.84 0.11 -19.16
N CYS A 942 14.08 -0.04 -19.61
CA CYS A 942 14.90 1.14 -19.89
C CYS A 942 14.33 1.99 -21.02
N VAL A 943 13.73 1.37 -22.03
CA VAL A 943 13.09 2.16 -23.08
C VAL A 943 11.80 2.84 -22.56
N CYS A 944 10.98 2.11 -21.80
CA CYS A 944 9.75 2.66 -21.27
C CYS A 944 10.02 3.79 -20.28
N GLU A 945 11.20 3.80 -19.68
CA GLU A 945 11.60 4.89 -18.80
C GLU A 945 11.67 6.22 -19.54
N LEU A 946 11.95 6.20 -20.85
CA LEU A 946 12.07 7.41 -21.63
C LEU A 946 10.74 7.93 -22.17
N SER A 947 9.67 7.15 -22.11
CA SER A 947 8.40 7.58 -22.67
C SER A 947 7.76 8.63 -21.79
N PRO A 948 7.27 9.74 -22.35
CA PRO A 948 6.69 10.82 -21.53
C PRO A 948 5.32 10.52 -20.98
N HIS A 949 4.70 9.39 -21.35
CA HIS A 949 3.35 9.11 -20.88
C HIS A 949 3.11 7.65 -20.49
N GLU A 950 4.15 6.82 -20.48
CA GLU A 950 4.01 5.42 -20.06
C GLU A 950 4.12 5.32 -18.54
N THR A 951 3.13 4.69 -17.91
CA THR A 951 2.99 4.79 -16.46
C THR A 951 3.55 3.61 -15.67
N VAL A 952 3.81 2.46 -16.31
CA VAL A 952 4.34 1.33 -15.57
C VAL A 952 5.77 1.61 -15.13
N ALA A 953 6.59 2.16 -16.03
CA ALA A 953 7.96 2.51 -15.70
C ALA A 953 8.10 3.90 -15.09
N ASN A 954 7.03 4.70 -15.09
CA ASN A 954 7.04 6.06 -14.54
C ASN A 954 5.87 6.18 -13.59
N PRO A 955 6.06 5.80 -12.33
CA PRO A 955 4.91 5.77 -11.39
C PRO A 955 4.24 7.11 -11.16
N ARG A 956 4.99 8.22 -11.15
CA ARG A 956 4.35 9.51 -10.91
C ARG A 956 3.32 9.83 -11.99
N LEU A 957 3.58 9.40 -13.22
CA LEU A 957 2.65 9.65 -14.32
C LEU A 957 1.31 8.96 -14.14
N LYS A 958 1.17 8.04 -13.16
CA LYS A 958 -0.16 7.53 -12.83
C LYS A 958 -1.13 8.66 -12.53
N ASN A 959 -0.63 9.72 -11.91
CA ASN A 959 -1.48 10.84 -11.50
C ASN A 959 -1.22 12.12 -12.27
N SER A 960 0.05 12.48 -12.47
CA SER A 960 0.39 13.84 -12.87
C SER A 960 -0.21 14.22 -14.22
N ILE A 961 -0.33 13.25 -15.14
CA ILE A 961 -0.89 13.57 -16.46
C ILE A 961 -2.37 13.95 -16.33
N ILE A 962 -3.11 13.25 -15.47
CA ILE A 962 -4.54 13.52 -15.35
C ILE A 962 -4.79 14.86 -14.70
N GLU A 963 -4.05 15.17 -13.62
CA GLU A 963 -4.34 16.39 -12.87
C GLU A 963 -3.60 17.61 -13.41
N ASN A 964 -2.69 17.44 -14.37
CA ASN A 964 -2.12 18.59 -15.07
C ASN A 964 -2.82 18.88 -16.39
N HIS A 965 -3.86 18.13 -16.74
CA HIS A 965 -4.60 18.42 -17.96
C HIS A 965 -5.39 19.72 -17.82
N GLY A 966 -5.85 20.03 -16.60
CA GLY A 966 -6.59 21.26 -16.38
C GLY A 966 -5.74 22.50 -16.57
N LEU A 967 -4.53 22.50 -16.03
CA LEU A 967 -3.63 23.64 -16.21
C LEU A 967 -3.23 23.80 -17.68
N LYS A 968 -2.91 22.70 -18.35
CA LYS A 968 -2.52 22.76 -19.75
C LYS A 968 -3.65 23.29 -20.62
N SER A 969 -4.88 22.83 -20.37
CA SER A 969 -6.02 23.31 -21.14
C SER A 969 -6.35 24.76 -20.79
N ALA A 970 -6.20 25.16 -19.53
CA ALA A 970 -6.47 26.54 -19.15
C ALA A 970 -5.47 27.49 -19.80
N ARG A 971 -4.21 27.08 -19.89
CA ARG A 971 -3.23 27.91 -20.60
C ARG A 971 -3.52 27.96 -22.09
N SER A 972 -3.75 26.82 -22.72
CA SER A 972 -3.83 26.78 -24.18
C SER A 972 -5.14 27.34 -24.71
N LEU A 973 -6.25 27.18 -23.97
CA LEU A 973 -7.56 27.54 -24.46
C LEU A 973 -8.23 28.66 -23.66
N GLY A 974 -7.64 29.08 -22.55
CA GLY A 974 -8.32 29.98 -21.64
C GLY A 974 -9.29 29.22 -20.76
N PRO A 975 -10.12 29.95 -20.03
CA PRO A 975 -11.07 29.31 -19.11
C PRO A 975 -12.35 28.87 -19.82
N GLY A 976 -13.19 28.17 -19.06
CA GLY A 976 -14.44 27.65 -19.59
C GLY A 976 -14.29 26.57 -20.65
N SER A 977 -13.40 25.61 -20.42
CA SER A 977 -13.14 24.56 -21.40
C SER A 977 -13.92 23.30 -21.08
N ILE A 978 -14.33 22.60 -22.14
CA ILE A 978 -15.09 21.36 -22.04
C ILE A 978 -14.14 20.19 -22.21
N ASN A 979 -14.17 19.27 -21.24
CA ASN A 979 -13.29 18.11 -21.23
C ASN A 979 -14.07 16.85 -21.57
N ILE A 980 -13.56 16.08 -22.52
CA ILE A 980 -14.17 14.84 -22.97
C ILE A 980 -13.11 13.75 -22.91
N ASN A 981 -13.42 12.66 -22.24
CA ASN A 981 -12.44 11.63 -21.94
C ASN A 981 -12.92 10.27 -22.43
N SER A 982 -11.95 9.39 -22.61
CA SER A 982 -12.22 7.97 -22.86
C SER A 982 -11.29 7.14 -21.99
N SER A 983 -11.85 6.14 -21.32
CA SER A 983 -11.10 5.18 -20.52
C SER A 983 -11.21 3.82 -21.20
N ASN A 984 -10.09 3.30 -21.66
CA ASN A 984 -10.07 2.14 -22.54
C ASN A 984 -9.30 0.99 -21.90
N ASP A 985 -9.80 -0.21 -22.18
CA ASP A 985 -9.21 -1.48 -21.78
C ASP A 985 -9.18 -2.38 -23.00
N ALA A 986 -8.24 -3.32 -23.04
CA ALA A 986 -8.08 -4.21 -24.17
C ALA A 986 -8.60 -5.61 -23.85
N LYS A 987 -8.95 -6.33 -24.89
CA LYS A 987 -9.56 -7.66 -24.78
C LYS A 987 -8.48 -8.72 -24.91
N LYS A 988 -8.24 -9.47 -23.83
CA LYS A 988 -7.28 -10.56 -23.80
C LYS A 988 -5.91 -10.09 -24.29
N TRP A 989 -5.34 -9.16 -23.51
CA TRP A 989 -4.19 -8.37 -23.98
C TRP A 989 -2.98 -9.25 -24.28
N ASN A 990 -2.65 -10.16 -23.37
CA ASN A 990 -1.45 -10.97 -23.57
C ASN A 990 -1.66 -12.05 -24.62
N GLN A 991 -2.90 -12.48 -24.82
CA GLN A 991 -3.17 -13.59 -25.74
C GLN A 991 -3.15 -13.13 -27.19
N GLY A 992 -3.42 -11.85 -27.45
CA GLY A 992 -3.52 -11.34 -28.79
C GLY A 992 -2.24 -10.81 -29.40
N HIS A 993 -1.12 -10.87 -28.69
CA HIS A 993 0.12 -10.26 -29.14
C HIS A 993 1.03 -11.31 -29.73
N TYR A 994 1.10 -11.36 -31.06
CA TYR A 994 2.13 -12.17 -31.71
C TYR A 994 3.48 -11.50 -31.49
N THR A 995 4.45 -12.29 -31.01
CA THR A 995 5.66 -11.72 -30.43
C THR A 995 6.64 -11.16 -31.46
N THR A 996 6.43 -11.41 -32.77
CA THR A 996 7.23 -10.73 -33.78
C THR A 996 7.03 -9.22 -33.70
N LYS A 997 5.79 -8.78 -33.46
CA LYS A 997 5.50 -7.37 -33.32
C LYS A 997 6.23 -6.76 -32.13
N LEU A 998 6.25 -7.47 -31.00
CA LEU A 998 6.98 -6.99 -29.83
C LEU A 998 8.47 -6.90 -30.11
N ALA A 999 9.02 -7.89 -30.82
CA ALA A 999 10.44 -7.85 -31.18
C ALA A 999 10.75 -6.67 -32.10
N LEU A 1000 9.89 -6.41 -33.10
CA LEU A 1000 10.11 -5.29 -34.00
C LEU A 1000 10.06 -3.96 -33.26
N VAL A 1001 9.08 -3.80 -32.36
CA VAL A 1001 8.95 -2.56 -31.60
C VAL A 1001 10.18 -2.35 -30.71
N LEU A 1002 10.63 -3.41 -30.01
CA LEU A 1002 11.79 -3.25 -29.15
C LEU A 1002 13.06 -2.98 -29.93
N CYS A 1003 13.24 -3.64 -31.08
CA CYS A 1003 14.43 -3.39 -31.89
C CYS A 1003 14.40 -2.04 -32.58
N TRP A 1004 13.24 -1.40 -32.72
CA TRP A 1004 13.20 -0.04 -33.24
C TRP A 1004 13.95 0.93 -32.32
N PHE A 1005 13.81 0.76 -31.01
CA PHE A 1005 14.37 1.72 -30.07
C PHE A 1005 15.74 1.30 -29.56
N MET A 1006 16.13 0.06 -29.74
CA MET A 1006 17.43 -0.31 -29.20
C MET A 1006 18.53 -0.12 -30.25
N PRO A 1007 19.75 0.16 -29.82
CA PRO A 1007 20.88 0.21 -30.76
C PRO A 1007 21.14 -1.17 -31.35
N ALA A 1008 21.73 -1.17 -32.57
CA ALA A 1008 21.79 -2.36 -33.39
C ALA A 1008 22.57 -3.51 -32.74
N LYS A 1009 23.54 -3.21 -31.87
CA LYS A 1009 24.33 -4.25 -31.24
C LYS A 1009 23.51 -5.17 -30.35
N PHE A 1010 22.32 -4.74 -29.93
CA PHE A 1010 21.42 -5.58 -29.14
C PHE A 1010 20.46 -6.38 -30.00
N HIS A 1011 20.35 -6.06 -31.30
CA HIS A 1011 19.27 -6.60 -32.12
C HIS A 1011 19.34 -8.12 -32.20
N ARG A 1012 20.54 -8.66 -32.42
CA ARG A 1012 20.73 -10.11 -32.51
C ARG A 1012 20.26 -10.81 -31.24
N PHE A 1013 20.44 -10.17 -30.09
CA PHE A 1013 19.97 -10.77 -28.85
C PHE A 1013 18.45 -10.63 -28.71
N ILE A 1014 17.90 -9.49 -29.15
CA ILE A 1014 16.47 -9.27 -28.95
C ILE A 1014 15.65 -10.18 -29.84
N TRP A 1015 16.07 -10.33 -31.10
CA TRP A 1015 15.30 -11.14 -32.04
C TRP A 1015 15.28 -12.61 -31.61
N ALA A 1016 16.39 -13.13 -31.11
CA ALA A 1016 16.44 -14.53 -30.70
C ALA A 1016 15.67 -14.75 -29.40
N ALA A 1017 15.86 -13.88 -28.42
CA ALA A 1017 15.30 -14.09 -27.08
C ALA A 1017 13.78 -14.06 -27.09
N ILE A 1018 13.19 -13.21 -27.94
CA ILE A 1018 11.73 -13.21 -28.07
C ILE A 1018 11.25 -14.35 -28.96
N SER A 1019 12.13 -14.87 -29.82
CA SER A 1019 11.75 -15.91 -30.77
C SER A 1019 11.26 -17.17 -30.06
N MET A 1020 11.84 -17.50 -28.91
CA MET A 1020 11.44 -18.69 -28.16
C MET A 1020 9.99 -18.62 -27.68
N PHE A 1021 9.37 -17.44 -27.69
CA PHE A 1021 7.97 -17.33 -27.35
C PHE A 1021 7.04 -17.90 -28.42
N ARG A 1022 7.57 -18.27 -29.58
CA ARG A 1022 6.73 -18.80 -30.65
C ARG A 1022 6.72 -20.33 -30.69
N ARG A 1023 7.27 -20.99 -29.67
CA ARG A 1023 7.00 -22.42 -29.45
C ARG A 1023 7.06 -22.66 -27.93
N LYS A 1024 5.89 -22.62 -27.30
CA LYS A 1024 5.76 -22.76 -25.85
C LYS A 1024 5.08 -24.07 -25.54
N LYS A 1025 5.72 -24.90 -24.71
CA LYS A 1025 5.13 -26.16 -24.27
C LYS A 1025 4.69 -26.00 -22.82
N MET A 1026 3.40 -26.20 -22.57
CA MET A 1026 2.74 -25.86 -21.31
C MET A 1026 2.17 -27.11 -20.68
N MET A 1027 2.76 -27.55 -19.57
CA MET A 1027 2.35 -28.78 -18.91
C MET A 1027 0.98 -28.62 -18.26
N VAL A 1028 0.13 -29.63 -18.43
CA VAL A 1028 -1.16 -29.67 -17.78
C VAL A 1028 -1.04 -30.55 -16.53
N ASP A 1029 -2.06 -30.50 -15.68
CA ASP A 1029 -2.04 -31.23 -14.42
C ASP A 1029 -2.06 -32.73 -14.65
N LEU A 1030 -1.25 -33.46 -13.87
CA LEU A 1030 -1.13 -34.90 -14.08
C LEU A 1030 -2.35 -35.65 -13.56
N ARG A 1031 -3.00 -35.14 -12.52
CA ARG A 1031 -4.22 -35.78 -12.02
CA ARG A 1031 -4.22 -35.78 -12.02
C ARG A 1031 -5.38 -35.57 -12.98
N PHE A 1032 -5.51 -34.36 -13.53
CA PHE A 1032 -6.51 -34.09 -14.55
C PHE A 1032 -6.29 -34.98 -15.76
N LEU A 1033 -5.03 -35.15 -16.16
CA LEU A 1033 -4.71 -35.96 -17.32
C LEU A 1033 -4.87 -37.45 -17.02
N ALA A 1034 -4.75 -37.84 -15.76
CA ALA A 1034 -4.99 -39.22 -15.37
C ALA A 1034 -6.47 -39.56 -15.44
N HIS A 1035 -7.32 -38.65 -14.97
CA HIS A 1035 -8.76 -38.87 -15.11
C HIS A 1035 -9.20 -38.77 -16.55
N LEU A 1036 -8.54 -37.93 -17.35
CA LEU A 1036 -8.82 -37.88 -18.78
C LEU A 1036 -8.41 -39.17 -19.47
N SER A 1037 -7.29 -39.77 -19.05
CA SER A 1037 -6.75 -40.95 -19.72
C SER A 1037 -7.66 -42.16 -19.57
N SER A 1038 -8.46 -42.22 -18.50
CA SER A 1038 -9.34 -43.36 -18.27
C SER A 1038 -10.68 -43.22 -18.97
N LYS A 1039 -10.91 -42.13 -19.69
CA LYS A 1039 -12.18 -41.89 -20.38
C LYS A 1039 -11.87 -41.48 -21.82
N SER A 1040 -11.93 -42.45 -22.73
CA SER A 1040 -11.65 -42.18 -24.14
C SER A 1040 -12.82 -41.54 -24.87
N GLU A 1041 -14.03 -41.60 -24.30
CA GLU A 1041 -15.22 -41.06 -24.92
C GLU A 1041 -15.69 -39.82 -24.18
N SER A 1042 -16.30 -38.90 -24.92
CA SER A 1042 -16.75 -37.63 -24.39
C SER A 1042 -18.26 -37.60 -24.33
N ARG A 1043 -18.80 -37.21 -23.18
CA ARG A 1043 -20.22 -36.94 -23.00
C ARG A 1043 -20.32 -35.52 -22.45
N SER A 1044 -20.34 -34.53 -23.34
CA SER A 1044 -20.31 -33.14 -22.89
C SER A 1044 -20.93 -32.24 -23.94
N SER A 1045 -21.62 -31.20 -23.47
CA SER A 1045 -22.14 -30.17 -24.35
C SER A 1045 -21.07 -29.16 -24.76
N ASP A 1046 -19.88 -29.22 -24.15
CA ASP A 1046 -18.80 -28.31 -24.48
C ASP A 1046 -17.91 -28.93 -25.55
N PRO A 1047 -17.76 -28.30 -26.72
CA PRO A 1047 -16.89 -28.87 -27.77
C PRO A 1047 -15.44 -29.01 -27.36
N PHE A 1048 -14.92 -28.11 -26.52
CA PHE A 1048 -13.51 -28.17 -26.16
C PHE A 1048 -13.18 -29.43 -25.35
N ARG A 1049 -14.10 -29.85 -24.48
CA ARG A 1049 -13.85 -31.05 -23.68
C ARG A 1049 -13.69 -32.28 -24.58
N GLU A 1050 -14.57 -32.41 -25.57
CA GLU A 1050 -14.47 -33.51 -26.52
C GLU A 1050 -13.20 -33.39 -27.37
N ALA A 1051 -12.87 -32.16 -27.80
CA ALA A 1051 -11.68 -31.96 -28.61
C ALA A 1051 -10.41 -32.34 -27.83
N MET A 1052 -10.36 -31.99 -26.56
CA MET A 1052 -9.20 -32.33 -25.73
C MET A 1052 -9.11 -33.83 -25.47
N THR A 1053 -10.24 -34.48 -25.21
CA THR A 1053 -10.26 -35.92 -25.04
C THR A 1053 -9.75 -36.62 -26.29
N ASP A 1054 -10.24 -36.18 -27.46
CA ASP A 1054 -9.84 -36.83 -28.71
C ASP A 1054 -8.38 -36.55 -29.04
N ALA A 1055 -7.89 -35.34 -28.72
CA ALA A 1055 -6.50 -35.02 -28.97
C ALA A 1055 -5.57 -35.86 -28.12
N PHE A 1056 -5.89 -36.03 -26.83
CA PHE A 1056 -5.06 -36.87 -25.99
C PHE A 1056 -5.14 -38.33 -26.42
N HIS A 1057 -6.32 -38.80 -26.78
CA HIS A 1057 -6.50 -40.19 -27.14
C HIS A 1057 -6.17 -40.48 -28.61
N GLY A 1058 -5.87 -39.46 -29.41
CA GLY A 1058 -5.49 -39.66 -30.79
C GLY A 1058 -6.63 -39.80 -31.77
N ASN A 1059 -7.88 -39.62 -31.34
CA ASN A 1059 -9.00 -39.78 -32.26
C ASN A 1059 -9.12 -38.62 -33.24
N ARG A 1060 -8.52 -37.47 -32.94
CA ARG A 1060 -8.42 -36.38 -33.90
C ARG A 1060 -7.03 -35.79 -33.84
N ASP A 1061 -6.73 -34.95 -34.82
CA ASP A 1061 -5.48 -34.22 -34.89
C ASP A 1061 -5.76 -32.73 -34.76
N VAL A 1062 -5.09 -32.10 -33.80
CA VAL A 1062 -5.14 -30.65 -33.61
C VAL A 1062 -3.71 -30.15 -33.46
N SER A 1063 -3.53 -28.86 -33.70
CA SER A 1063 -2.19 -28.28 -33.69
C SER A 1063 -1.64 -28.05 -32.29
N TRP A 1064 -2.45 -28.17 -31.24
CA TRP A 1064 -2.02 -27.80 -29.91
C TRP A 1064 -1.72 -28.98 -28.98
N MET A 1065 -2.19 -30.19 -29.30
CA MET A 1065 -1.89 -31.35 -28.47
C MET A 1065 -1.65 -32.57 -29.35
N ASP A 1066 -0.61 -33.33 -29.00
CA ASP A 1066 -0.32 -34.62 -29.61
C ASP A 1066 -0.84 -35.74 -28.72
N LYS A 1067 -0.78 -36.96 -29.25
CA LYS A 1067 -1.33 -38.11 -28.54
C LYS A 1067 -0.42 -38.53 -27.40
N GLY A 1068 -1.01 -38.71 -26.22
CA GLY A 1068 -0.27 -39.20 -25.07
C GLY A 1068 0.81 -38.25 -24.58
N ARG A 1069 0.54 -36.96 -24.60
CA ARG A 1069 1.48 -35.94 -24.14
C ARG A 1069 0.89 -35.18 -22.97
N THR A 1070 1.76 -34.66 -22.12
CA THR A 1070 1.36 -34.00 -20.89
C THR A 1070 1.25 -32.49 -21.03
N TYR A 1071 1.31 -31.96 -22.25
CA TYR A 1071 1.39 -30.53 -22.44
C TYR A 1071 0.54 -30.10 -23.63
N ILE A 1072 0.25 -28.81 -23.66
CA ILE A 1072 -0.34 -28.14 -24.82
C ILE A 1072 0.72 -27.23 -25.42
N LYS A 1073 0.82 -27.24 -26.75
CA LYS A 1073 1.81 -26.43 -27.44
C LYS A 1073 1.13 -25.20 -28.03
N THR A 1074 1.80 -24.06 -27.95
CA THR A 1074 1.21 -22.79 -28.34
C THR A 1074 2.26 -21.91 -29.00
N GLU A 1075 1.86 -21.27 -30.10
CA GLU A 1075 2.73 -20.35 -30.82
C GLU A 1075 2.35 -18.89 -30.65
N THR A 1076 1.06 -18.57 -30.54
CA THR A 1076 0.58 -17.20 -30.50
C THR A 1076 0.59 -16.68 -29.07
N GLY A 1077 0.65 -15.35 -28.96
CA GLY A 1077 0.50 -14.68 -27.69
C GLY A 1077 1.76 -14.62 -26.86
N MET A 1078 1.97 -13.50 -26.17
CA MET A 1078 2.87 -13.56 -25.04
C MET A 1078 2.13 -14.21 -23.88
N MET A 1079 2.83 -14.41 -22.78
CA MET A 1079 2.18 -15.00 -21.62
C MET A 1079 1.72 -13.87 -20.71
N GLN A 1080 1.06 -14.23 -19.60
CA GLN A 1080 0.52 -13.23 -18.69
C GLN A 1080 1.66 -12.49 -18.00
N GLY A 1081 1.87 -11.23 -18.39
CA GLY A 1081 2.81 -10.34 -17.73
C GLY A 1081 4.27 -10.67 -17.95
N ILE A 1082 4.58 -11.68 -18.77
CA ILE A 1082 5.98 -12.06 -18.96
C ILE A 1082 6.71 -10.99 -19.77
N LEU A 1083 6.14 -10.60 -20.90
CA LEU A 1083 6.66 -9.49 -21.69
C LEU A 1083 5.87 -8.20 -21.38
N HIS A 1084 5.86 -7.86 -20.09
CA HIS A 1084 5.04 -6.75 -19.61
C HIS A 1084 5.51 -5.41 -20.16
N PHE A 1085 6.81 -5.13 -20.04
CA PHE A 1085 7.32 -3.81 -20.38
C PHE A 1085 7.40 -3.57 -21.88
N THR A 1086 7.69 -4.59 -22.68
CA THR A 1086 7.72 -4.36 -24.12
C THR A 1086 6.31 -4.20 -24.69
N SER A 1087 5.31 -4.84 -24.07
CA SER A 1087 3.93 -4.59 -24.48
C SER A 1087 3.47 -3.20 -24.04
N SER A 1088 3.94 -2.73 -22.88
CA SER A 1088 3.69 -1.34 -22.50
C SER A 1088 4.34 -0.38 -23.48
N LEU A 1089 5.52 -0.73 -23.98
CA LEU A 1089 6.20 0.08 -24.99
C LEU A 1089 5.40 0.13 -26.30
N LEU A 1090 4.89 -1.02 -26.74
CA LEU A 1090 4.05 -1.05 -27.93
C LEU A 1090 2.79 -0.21 -27.76
N HIS A 1091 2.16 -0.29 -26.59
CA HIS A 1091 0.95 0.47 -26.35
C HIS A 1091 1.25 1.97 -26.28
N SER A 1092 2.42 2.31 -25.73
CA SER A 1092 2.87 3.71 -25.74
C SER A 1092 3.06 4.22 -27.17
N CYS A 1093 3.65 3.39 -28.04
CA CYS A 1093 3.78 3.77 -29.45
C CYS A 1093 2.42 4.01 -30.09
N VAL A 1094 1.48 3.09 -29.85
CA VAL A 1094 0.15 3.18 -30.47
C VAL A 1094 -0.58 4.43 -30.01
N GLN A 1095 -0.53 4.72 -28.71
CA GLN A 1095 -1.25 5.89 -28.21
C GLN A 1095 -0.54 7.19 -28.57
N SER A 1096 0.78 7.16 -28.76
CA SER A 1096 1.48 8.32 -29.31
C SER A 1096 1.02 8.60 -30.73
N PHE A 1097 0.85 7.54 -31.54
CA PHE A 1097 0.27 7.69 -32.86
C PHE A 1097 -1.13 8.29 -32.79
N TYR A 1098 -1.95 7.80 -31.86
CA TYR A 1098 -3.31 8.32 -31.72
C TYR A 1098 -3.32 9.79 -31.33
N LYS A 1099 -2.45 10.19 -30.40
CA LYS A 1099 -2.38 11.59 -30.00
C LYS A 1099 -1.97 12.48 -31.15
N SER A 1100 -0.95 12.08 -31.91
CA SER A 1100 -0.53 12.86 -33.06
C SER A 1100 -1.64 12.97 -34.10
N TYR A 1101 -2.32 11.85 -34.37
CA TYR A 1101 -3.40 11.83 -35.35
C TYR A 1101 -4.57 12.70 -34.91
N PHE A 1102 -4.92 12.67 -33.62
CA PHE A 1102 -5.99 13.51 -33.10
C PHE A 1102 -5.65 14.98 -33.19
N VAL A 1103 -4.38 15.33 -32.89
CA VAL A 1103 -3.94 16.72 -33.01
C VAL A 1103 -4.06 17.20 -34.45
N SER A 1104 -3.61 16.37 -35.40
CA SER A 1104 -3.69 16.76 -36.81
C SER A 1104 -5.15 16.89 -37.26
N LYS A 1105 -6.02 16.00 -36.79
CA LYS A 1105 -7.43 16.08 -37.17
C LYS A 1105 -8.10 17.31 -36.59
N LEU A 1106 -7.77 17.67 -35.35
CA LEU A 1106 -8.33 18.88 -34.75
C LEU A 1106 -7.82 20.12 -35.46
N LYS A 1107 -6.58 20.08 -35.94
CA LYS A 1107 -6.06 21.20 -36.71
C LYS A 1107 -6.73 21.29 -38.07
N GLU A 1108 -7.14 20.16 -38.64
CA GLU A 1108 -7.83 20.17 -39.92
C GLU A 1108 -9.24 20.76 -39.79
N GLY A 1109 -10.01 20.29 -38.81
CA GLY A 1109 -11.36 20.79 -38.62
C GLY A 1109 -12.39 20.04 -39.47
N TYR A 1110 -13.66 20.37 -39.24
CA TYR A 1110 -14.78 19.68 -39.87
C TYR A 1110 -15.26 20.35 -41.15
N MET A 1111 -15.28 21.69 -41.19
CA MET A 1111 -15.59 22.41 -42.42
C MET A 1111 -14.47 23.37 -42.82
N GLY A 1112 -13.25 23.11 -42.39
CA GLY A 1112 -12.12 23.91 -42.79
C GLY A 1112 -11.42 24.64 -41.65
N GLU A 1113 -12.20 25.23 -40.74
CA GLU A 1113 -11.61 25.95 -39.62
C GLU A 1113 -11.17 24.98 -38.53
N SER A 1114 -10.01 25.26 -37.94
CA SER A 1114 -9.45 24.38 -36.93
C SER A 1114 -10.27 24.40 -35.65
N ILE A 1115 -10.24 23.28 -34.93
CA ILE A 1115 -10.82 23.19 -33.61
C ILE A 1115 -9.69 23.34 -32.60
N SER A 1116 -9.82 24.33 -31.72
CA SER A 1116 -8.86 24.48 -30.64
C SER A 1116 -9.00 23.33 -29.65
N GLY A 1117 -7.90 22.67 -29.33
CA GLY A 1117 -7.99 21.49 -28.49
C GLY A 1117 -6.66 21.11 -27.88
N VAL A 1118 -6.76 20.42 -26.75
CA VAL A 1118 -5.61 19.88 -26.02
C VAL A 1118 -5.83 18.38 -25.85
N VAL A 1119 -4.86 17.58 -26.26
CA VAL A 1119 -4.96 16.12 -26.23
C VAL A 1119 -3.90 15.57 -25.28
N ASP A 1120 -4.32 14.73 -24.34
CA ASP A 1120 -3.41 14.03 -23.44
C ASP A 1120 -3.73 12.54 -23.49
N VAL A 1121 -2.68 11.72 -23.39
CA VAL A 1121 -2.84 10.27 -23.38
C VAL A 1121 -2.09 9.69 -22.19
N ILE A 1122 -2.61 8.58 -21.68
CA ILE A 1122 -1.96 7.85 -20.59
C ILE A 1122 -2.11 6.36 -20.86
N GLU A 1123 -1.06 5.59 -20.53
CA GLU A 1123 -0.96 4.20 -20.94
C GLU A 1123 -0.53 3.36 -19.75
N GLY A 1124 -1.05 2.15 -19.67
CA GLY A 1124 -0.60 1.21 -18.65
C GLY A 1124 0.08 0.03 -19.31
N SER A 1125 -0.51 -1.16 -19.19
CA SER A 1125 -0.16 -2.27 -20.06
C SER A 1125 -1.20 -2.37 -21.16
N ASP A 1126 -2.45 -2.64 -20.82
CA ASP A 1126 -3.55 -2.52 -21.77
C ASP A 1126 -4.49 -1.39 -21.42
N ASP A 1127 -4.26 -0.72 -20.30
CA ASP A 1127 -5.14 0.34 -19.85
C ASP A 1127 -4.70 1.66 -20.46
N SER A 1128 -5.67 2.45 -20.91
CA SER A 1128 -5.34 3.73 -21.51
C SER A 1128 -6.43 4.72 -21.19
N ALA A 1129 -6.08 6.00 -21.28
CA ALA A 1129 -7.09 7.05 -21.23
C ALA A 1129 -6.67 8.20 -22.13
N ILE A 1130 -7.67 8.81 -22.75
CA ILE A 1130 -7.48 9.94 -23.65
C ILE A 1130 -8.32 11.10 -23.14
N MET A 1131 -7.71 12.27 -23.05
CA MET A 1131 -8.35 13.46 -22.49
C MET A 1131 -8.26 14.57 -23.54
N ILE A 1132 -9.39 15.00 -24.06
CA ILE A 1132 -9.45 16.03 -25.09
C ILE A 1132 -10.24 17.21 -24.54
N SER A 1133 -9.64 18.39 -24.55
CA SER A 1133 -10.28 19.59 -24.02
C SER A 1133 -10.44 20.59 -25.16
N ILE A 1134 -11.63 21.16 -25.28
CA ILE A 1134 -11.96 22.09 -26.36
C ILE A 1134 -12.65 23.32 -25.78
N ARG A 1135 -12.60 24.43 -26.52
CA ARG A 1135 -13.40 25.61 -26.19
C ARG A 1135 -14.09 26.12 -27.45
N PRO A 1136 -15.41 26.01 -27.55
CA PRO A 1136 -16.04 26.21 -28.87
C PRO A 1136 -16.42 27.65 -29.19
N LYS A 1137 -16.56 28.52 -28.19
CA LYS A 1137 -16.82 29.96 -28.26
C LYS A 1137 -18.28 30.31 -28.58
N SER A 1138 -19.13 29.33 -28.88
CA SER A 1138 -20.55 29.61 -29.10
C SER A 1138 -21.35 28.32 -28.96
N ASP A 1139 -22.68 28.48 -28.98
CA ASP A 1139 -23.56 27.33 -28.84
C ASP A 1139 -23.57 26.47 -30.09
N MET A 1140 -23.64 27.09 -31.27
CA MET A 1140 -23.71 26.37 -32.53
C MET A 1140 -22.43 25.59 -32.82
N ASP A 1141 -21.28 26.20 -32.55
CA ASP A 1141 -20.01 25.52 -32.77
C ASP A 1141 -19.78 24.39 -31.76
N GLU A 1142 -20.43 24.47 -30.58
CA GLU A 1142 -20.22 23.46 -29.55
C GLU A 1142 -20.73 22.10 -29.98
N VAL A 1143 -21.91 22.06 -30.63
CA VAL A 1143 -22.48 20.80 -31.08
C VAL A 1143 -21.57 20.14 -32.11
N ARG A 1144 -21.07 20.93 -33.06
CA ARG A 1144 -20.20 20.39 -34.10
C ARG A 1144 -18.88 19.91 -33.53
N SER A 1145 -18.29 20.68 -32.62
CA SER A 1145 -17.03 20.27 -32.00
C SER A 1145 -17.20 19.00 -31.18
N ARG A 1146 -18.30 18.89 -30.44
CA ARG A 1146 -18.56 17.69 -29.65
C ARG A 1146 -18.79 16.48 -30.54
N PHE A 1147 -19.49 16.65 -31.66
CA PHE A 1147 -19.66 15.55 -32.61
C PHE A 1147 -18.32 15.12 -33.20
N PHE A 1148 -17.47 16.09 -33.53
CA PHE A 1148 -16.14 15.78 -34.06
C PHE A 1148 -15.29 15.02 -33.04
N VAL A 1149 -15.33 15.45 -31.78
CA VAL A 1149 -14.54 14.79 -30.74
C VAL A 1149 -15.10 13.40 -30.45
N ALA A 1150 -16.41 13.22 -30.51
CA ALA A 1150 -17.00 11.89 -30.34
C ALA A 1150 -16.57 10.96 -31.47
N ASN A 1151 -16.54 11.46 -32.70
CA ASN A 1151 -16.06 10.64 -33.81
C ASN A 1151 -14.59 10.28 -33.65
N LEU A 1152 -13.77 11.21 -33.17
CA LEU A 1152 -12.37 10.89 -32.89
C LEU A 1152 -12.26 9.83 -31.81
N LEU A 1153 -12.99 10.00 -30.72
CA LEU A 1153 -13.11 8.97 -29.69
C LEU A 1153 -14.26 8.04 -29.99
N HIS A 1154 -14.32 7.56 -31.22
CA HIS A 1154 -15.07 6.35 -31.56
C HIS A 1154 -14.29 5.43 -32.48
N SER A 1155 -13.28 5.93 -33.19
CA SER A 1155 -12.53 5.15 -34.17
C SER A 1155 -11.33 4.43 -33.55
N VAL A 1156 -11.05 4.63 -32.28
CA VAL A 1156 -9.99 3.86 -31.62
C VAL A 1156 -10.33 2.38 -31.64
N LYS A 1157 -11.61 2.06 -31.48
CA LYS A 1157 -12.10 0.68 -31.62
C LYS A 1157 -11.77 0.10 -33.00
N PHE A 1158 -11.76 0.94 -34.03
CA PHE A 1158 -11.55 0.47 -35.39
C PHE A 1158 -10.10 0.58 -35.85
N LEU A 1159 -9.30 1.42 -35.20
CA LEU A 1159 -7.89 1.53 -35.54
C LEU A 1159 -7.02 0.59 -34.72
N ASN A 1160 -7.48 0.19 -33.53
CA ASN A 1160 -6.75 -0.77 -32.71
C ASN A 1160 -6.40 -2.08 -33.41
N PRO A 1161 -7.28 -2.74 -34.18
CA PRO A 1161 -6.87 -4.01 -34.81
C PRO A 1161 -5.73 -3.88 -35.80
N LEU A 1162 -5.46 -2.68 -36.32
CA LEU A 1162 -4.30 -2.49 -37.19
C LEU A 1162 -2.99 -2.70 -36.45
N PHE A 1163 -2.99 -2.60 -35.13
CA PHE A 1163 -1.81 -2.87 -34.31
C PHE A 1163 -1.91 -4.19 -33.56
N GLY A 1164 -2.88 -5.03 -33.89
CA GLY A 1164 -3.12 -6.25 -33.14
C GLY A 1164 -3.61 -6.01 -31.73
N ILE A 1165 -4.45 -4.99 -31.53
CA ILE A 1165 -5.04 -4.67 -30.24
C ILE A 1165 -6.54 -4.65 -30.42
N TYR A 1166 -7.28 -5.15 -29.44
CA TYR A 1166 -8.72 -5.31 -29.57
C TYR A 1166 -9.40 -4.66 -28.37
N SER A 1167 -10.31 -3.74 -28.65
CA SER A 1167 -10.98 -3.01 -27.58
C SER A 1167 -11.87 -3.93 -26.76
N SER A 1168 -11.76 -3.83 -25.45
CA SER A 1168 -12.64 -4.57 -24.57
C SER A 1168 -13.95 -3.81 -24.38
N GLU A 1169 -15.00 -4.55 -24.02
CA GLU A 1169 -16.26 -3.89 -23.68
C GLU A 1169 -16.19 -3.21 -22.32
N LYS A 1170 -15.12 -3.43 -21.56
CA LYS A 1170 -14.92 -2.70 -20.31
C LYS A 1170 -14.45 -1.27 -20.54
N SER A 1171 -14.36 -0.84 -21.80
CA SER A 1171 -13.97 0.52 -22.12
C SER A 1171 -15.18 1.45 -22.04
N THR A 1172 -15.02 2.58 -21.35
CA THR A 1172 -16.06 3.61 -21.28
C THR A 1172 -15.61 4.81 -22.10
N VAL A 1173 -16.38 5.15 -23.12
CA VAL A 1173 -15.94 6.05 -24.19
C VAL A 1173 -16.85 7.28 -24.21
N ASN A 1174 -16.24 8.46 -24.41
CA ASN A 1174 -16.94 9.73 -24.59
C ASN A 1174 -17.71 10.15 -23.33
N THR A 1175 -16.98 10.35 -22.24
CA THR A 1175 -17.55 10.82 -20.98
C THR A 1175 -17.01 12.21 -20.66
N VAL A 1176 -17.91 13.14 -20.35
CA VAL A 1176 -17.54 14.54 -20.12
C VAL A 1176 -17.30 14.75 -18.63
N TYR A 1177 -16.15 15.35 -18.31
CA TYR A 1177 -15.72 15.73 -16.96
C TYR A 1177 -15.40 14.55 -16.05
N CYS A 1178 -15.23 13.34 -16.57
CA CYS A 1178 -14.87 12.22 -15.72
C CYS A 1178 -13.99 11.23 -16.47
N VAL A 1179 -13.06 10.62 -15.75
CA VAL A 1179 -12.12 9.67 -16.33
C VAL A 1179 -11.70 8.68 -15.26
N GLU A 1180 -11.53 7.42 -15.66
CA GLU A 1180 -11.11 6.36 -14.77
C GLU A 1180 -9.81 5.74 -15.27
N TYR A 1181 -8.88 5.49 -14.36
CA TYR A 1181 -7.62 4.87 -14.73
C TYR A 1181 -7.12 4.01 -13.58
N ASN A 1182 -6.96 2.71 -13.85
CA ASN A 1182 -6.59 1.70 -12.85
C ASN A 1182 -7.43 1.78 -11.58
N SER A 1183 -8.75 1.83 -11.78
CA SER A 1183 -9.73 1.91 -10.70
C SER A 1183 -9.55 3.16 -9.84
N GLU A 1184 -8.96 4.20 -10.41
CA GLU A 1184 -8.97 5.52 -9.79
C GLU A 1184 -9.96 6.36 -10.57
N PHE A 1185 -11.01 6.82 -9.88
CA PHE A 1185 -12.15 7.47 -10.50
C PHE A 1185 -12.06 8.96 -10.25
N HIS A 1186 -11.80 9.73 -11.31
CA HIS A 1186 -11.77 11.18 -11.23
C HIS A 1186 -13.09 11.69 -11.80
N PHE A 1187 -14.00 12.12 -10.91
CA PHE A 1187 -15.28 12.67 -11.29
C PHE A 1187 -15.15 14.18 -11.09
N HIS A 1188 -14.62 14.85 -12.11
CA HIS A 1188 -14.27 16.27 -12.10
C HIS A 1188 -13.35 16.54 -10.91
N ARG A 1189 -13.70 17.43 -9.98
CA ARG A 1189 -12.89 17.69 -8.80
C ARG A 1189 -13.25 16.80 -7.62
N HIS A 1190 -13.75 15.60 -7.87
CA HIS A 1190 -14.05 14.65 -6.81
C HIS A 1190 -13.33 13.34 -7.14
N LEU A 1191 -12.27 13.05 -6.41
CA LEU A 1191 -11.60 11.77 -6.56
C LEU A 1191 -12.30 10.75 -5.68
N VAL A 1192 -12.84 9.70 -6.28
CA VAL A 1192 -13.64 8.70 -5.57
C VAL A 1192 -12.80 7.43 -5.47
N ARG A 1193 -12.47 7.05 -4.25
CA ARG A 1193 -11.80 5.79 -4.01
C ARG A 1193 -12.75 4.83 -3.29
N PRO A 1194 -12.82 3.58 -3.73
CA PRO A 1194 -13.72 2.63 -3.07
C PRO A 1194 -13.18 2.16 -1.74
N THR A 1195 -13.73 2.70 -0.64
CA THR A 1195 -13.22 2.38 0.69
C THR A 1195 -13.59 0.97 1.12
N LEU A 1196 -14.73 0.47 0.65
CA LEU A 1196 -15.21 -0.86 1.00
C LEU A 1196 -14.22 -1.93 0.57
N ARG A 1197 -13.42 -1.66 -0.45
CA ARG A 1197 -12.43 -2.60 -0.93
C ARG A 1197 -11.37 -2.89 0.13
N TRP A 1198 -10.88 -1.86 0.79
CA TRP A 1198 -9.90 -2.03 1.86
C TRP A 1198 -10.53 -2.38 3.20
N ILE A 1199 -11.79 -1.98 3.43
CA ILE A 1199 -12.44 -2.36 4.68
C ILE A 1199 -12.71 -3.87 4.71
N ALA A 1200 -12.99 -4.47 3.55
CA ALA A 1200 -13.22 -5.91 3.49
C ALA A 1200 -11.98 -6.73 3.78
N ALA A 1201 -10.80 -6.12 3.79
CA ALA A 1201 -9.55 -6.83 4.04
C ALA A 1201 -8.86 -6.39 5.32
N SER A 1202 -9.61 -5.84 6.27
CA SER A 1202 -9.01 -5.23 7.46
C SER A 1202 -8.77 -6.22 8.58
N HIS A 1203 -9.23 -7.46 8.48
CA HIS A 1203 -9.06 -8.46 9.54
C HIS A 1203 -8.58 -9.79 8.96
N GLN A 1204 -7.52 -9.74 8.16
CA GLN A 1204 -6.93 -10.96 7.63
C GLN A 1204 -6.36 -11.81 8.76
N ILE A 1205 -6.58 -13.12 8.65
CA ILE A 1205 -6.02 -14.06 9.62
C ILE A 1205 -4.53 -14.20 9.33
N SER A 1206 -3.70 -13.65 10.21
CA SER A 1206 -2.27 -13.56 9.94
C SER A 1206 -1.58 -14.90 10.10
N GLU A 1207 -0.56 -15.12 9.27
CA GLU A 1207 0.31 -16.28 9.38
C GLU A 1207 1.58 -15.97 10.16
N THR A 1208 1.69 -14.78 10.75
CA THR A 1208 2.91 -14.38 11.43
C THR A 1208 3.10 -15.19 12.71
N GLU A 1209 4.35 -15.23 13.17
CA GLU A 1209 4.73 -16.14 14.24
C GLU A 1209 4.89 -15.44 15.59
N ALA A 1210 5.25 -14.16 15.60
CA ALA A 1210 5.29 -13.39 16.83
C ALA A 1210 3.91 -12.88 17.18
N LEU A 1211 3.60 -12.86 18.47
CA LEU A 1211 2.26 -12.47 18.92
C LEU A 1211 1.99 -10.99 18.69
N ALA A 1212 2.99 -10.13 18.91
CA ALA A 1212 2.83 -8.70 18.66
C ALA A 1212 2.85 -8.35 17.17
N SER A 1213 3.47 -9.20 16.35
CA SER A 1213 3.42 -8.99 14.91
C SER A 1213 2.01 -9.11 14.36
N ARG A 1214 1.13 -9.84 15.05
CA ARG A 1214 -0.29 -9.81 14.71
C ARG A 1214 -0.86 -8.40 14.81
N GLN A 1215 -0.54 -7.70 15.90
CA GLN A 1215 -1.04 -6.33 16.07
C GLN A 1215 -0.38 -5.37 15.10
N GLU A 1216 0.89 -5.60 14.76
CA GLU A 1216 1.51 -4.79 13.70
C GLU A 1216 0.81 -4.99 12.36
N ASP A 1217 0.48 -6.24 12.02
CA ASP A 1217 -0.27 -6.52 10.80
C ASP A 1217 -1.64 -5.85 10.83
N TYR A 1218 -2.32 -5.90 11.97
CA TYR A 1218 -3.62 -5.24 12.10
C TYR A 1218 -3.49 -3.74 11.89
N SER A 1219 -2.46 -3.12 12.46
CA SER A 1219 -2.25 -1.68 12.28
C SER A 1219 -1.94 -1.33 10.83
N ASN A 1220 -1.16 -2.17 10.15
CA ASN A 1220 -0.87 -1.94 8.74
C ASN A 1220 -2.13 -2.04 7.89
N LEU A 1221 -3.01 -2.99 8.23
CA LEU A 1221 -4.30 -3.06 7.54
C LEU A 1221 -5.17 -1.84 7.84
N LEU A 1222 -5.13 -1.37 9.08
CA LEU A 1222 -5.94 -0.23 9.50
C LEU A 1222 -5.55 1.05 8.78
N THR A 1223 -4.24 1.25 8.58
CA THR A 1223 -3.76 2.45 7.89
C THR A 1223 -4.28 2.51 6.46
N GLN A 1224 -4.45 1.36 5.81
CA GLN A 1224 -4.94 1.35 4.44
C GLN A 1224 -6.43 1.66 4.38
N CYS A 1225 -7.20 1.24 5.38
CA CYS A 1225 -8.58 1.68 5.47
C CYS A 1225 -8.66 3.18 5.69
N LEU A 1226 -7.76 3.72 6.51
CA LEU A 1226 -7.74 5.17 6.72
C LEU A 1226 -7.41 5.91 5.44
N GLU A 1227 -6.40 5.44 4.71
CA GLU A 1227 -5.98 6.13 3.48
C GLU A 1227 -6.96 5.88 2.35
N GLY A 1228 -7.73 4.80 2.42
CA GLY A 1228 -8.73 4.49 1.42
C GLY A 1228 -9.95 5.38 1.44
N GLY A 1229 -10.07 6.27 2.42
CA GLY A 1229 -11.17 7.21 2.49
C GLY A 1229 -12.00 7.16 3.75
N ALA A 1230 -11.71 6.26 4.69
CA ALA A 1230 -12.50 6.18 5.91
C ALA A 1230 -12.13 7.30 6.87
N SER A 1231 -13.13 7.76 7.64
CA SER A 1231 -12.91 8.76 8.66
C SER A 1231 -12.22 8.14 9.87
N PHE A 1232 -11.91 8.97 10.87
CA PHE A 1232 -11.19 8.49 12.04
C PHE A 1232 -12.09 7.65 12.96
N SER A 1233 -13.35 8.05 13.11
CA SER A 1233 -14.28 7.27 13.93
C SER A 1233 -14.58 5.92 13.30
N LEU A 1234 -14.72 5.87 11.97
CA LEU A 1234 -14.90 4.60 11.29
C LEU A 1234 -13.66 3.73 11.44
N THR A 1235 -12.48 4.32 11.35
CA THR A 1235 -11.24 3.58 11.56
C THR A 1235 -11.17 3.01 12.97
N TYR A 1236 -11.61 3.79 13.97
CA TYR A 1236 -11.64 3.29 15.34
C TYR A 1236 -12.60 2.11 15.50
N LEU A 1237 -13.76 2.19 14.86
CA LEU A 1237 -14.70 1.06 14.92
C LEU A 1237 -14.12 -0.17 14.24
N ILE A 1238 -13.43 0.02 13.12
CA ILE A 1238 -12.75 -1.09 12.45
C ILE A 1238 -11.70 -1.70 13.37
N GLN A 1239 -11.00 -0.86 14.14
CA GLN A 1239 -10.03 -1.39 15.09
C GLN A 1239 -10.69 -2.15 16.23
N CYS A 1240 -11.88 -1.73 16.64
CA CYS A 1240 -12.64 -2.51 17.62
C CYS A 1240 -12.97 -3.90 17.07
N ALA A 1241 -13.38 -3.96 15.81
CA ALA A 1241 -13.61 -5.27 15.17
C ALA A 1241 -12.32 -6.08 15.10
N GLN A 1242 -11.18 -5.41 14.86
CA GLN A 1242 -9.90 -6.11 14.84
C GLN A 1242 -9.54 -6.66 16.22
N LEU A 1243 -9.88 -5.93 17.27
CA LEU A 1243 -9.69 -6.43 18.63
C LEU A 1243 -10.50 -7.69 18.86
N LEU A 1244 -11.77 -7.68 18.42
CA LEU A 1244 -12.59 -8.88 18.55
C LEU A 1244 -12.00 -10.05 17.77
N HIS A 1245 -11.53 -9.79 16.54
CA HIS A 1245 -10.89 -10.82 15.72
C HIS A 1245 -9.66 -11.39 16.42
N HIS A 1246 -8.82 -10.50 16.97
CA HIS A 1246 -7.59 -10.91 17.64
C HIS A 1246 -7.88 -11.80 18.84
N TYR A 1247 -8.89 -11.46 19.62
CA TYR A 1247 -9.20 -12.30 20.77
C TYR A 1247 -9.91 -13.60 20.37
N MET A 1248 -10.67 -13.60 19.28
CA MET A 1248 -11.15 -14.87 18.72
C MET A 1248 -10.00 -15.80 18.37
N LEU A 1249 -8.96 -15.27 17.73
CA LEU A 1249 -7.83 -16.11 17.36
C LEU A 1249 -7.03 -16.61 18.56
N LEU A 1250 -7.23 -16.03 19.74
CA LEU A 1250 -6.56 -16.48 20.95
C LEU A 1250 -7.36 -17.50 21.74
N GLY A 1251 -8.55 -17.85 21.29
CA GLY A 1251 -9.36 -18.83 21.96
C GLY A 1251 -10.50 -18.28 22.80
N LEU A 1252 -11.06 -17.12 22.44
CA LEU A 1252 -12.16 -16.56 23.20
C LEU A 1252 -13.38 -17.47 23.15
N CYS A 1253 -13.69 -18.02 21.99
CA CYS A 1253 -14.85 -18.88 21.81
C CYS A 1253 -14.52 -20.36 21.94
N LEU A 1254 -13.24 -20.72 22.13
CA LEU A 1254 -12.82 -22.12 22.12
C LEU A 1254 -12.33 -22.59 23.47
N HIS A 1255 -11.35 -21.91 24.05
CA HIS A 1255 -10.64 -22.44 25.21
C HIS A 1255 -11.46 -22.21 26.48
N PRO A 1256 -11.68 -23.25 27.28
CA PRO A 1256 -12.38 -23.06 28.56
C PRO A 1256 -11.59 -22.26 29.58
N LEU A 1257 -10.29 -22.10 29.38
CA LEU A 1257 -9.44 -21.33 30.29
C LEU A 1257 -9.26 -19.89 29.85
N PHE A 1258 -10.09 -19.39 28.92
CA PHE A 1258 -9.92 -18.03 28.45
C PHE A 1258 -10.28 -17.00 29.53
N GLY A 1259 -11.20 -17.35 30.43
CA GLY A 1259 -11.51 -16.43 31.52
C GLY A 1259 -10.34 -16.21 32.46
N THR A 1260 -9.65 -17.29 32.83
CA THR A 1260 -8.45 -17.17 33.66
C THR A 1260 -7.37 -16.36 32.94
N PHE A 1261 -7.18 -16.62 31.65
CA PHE A 1261 -6.20 -15.90 30.86
C PHE A 1261 -6.53 -14.41 30.79
N MET A 1262 -7.82 -14.08 30.60
CA MET A 1262 -8.24 -12.69 30.56
C MET A 1262 -8.04 -12.01 31.91
N GLY A 1263 -8.33 -12.71 33.01
CA GLY A 1263 -8.07 -12.16 34.33
C GLY A 1263 -6.60 -11.88 34.56
N MET A 1264 -5.73 -12.76 34.08
CA MET A 1264 -4.30 -12.49 34.16
C MET A 1264 -3.90 -11.31 33.27
N LEU A 1265 -4.53 -11.16 32.11
CA LEU A 1265 -4.20 -10.06 31.22
C LEU A 1265 -4.63 -8.71 31.80
N ILE A 1266 -5.70 -8.68 32.60
CA ILE A 1266 -6.09 -7.42 33.25
C ILE A 1266 -4.98 -6.90 34.15
N SER A 1267 -4.35 -7.79 34.91
CA SER A 1267 -3.26 -7.41 35.79
C SER A 1267 -1.92 -7.34 35.08
N ASP A 1268 -1.86 -7.65 33.78
CA ASP A 1268 -0.61 -7.60 33.02
C ASP A 1268 -0.88 -7.37 31.54
N PRO A 1269 -1.15 -6.13 31.13
CA PRO A 1269 -1.49 -5.85 29.71
C PRO A 1269 -0.26 -5.75 28.82
N ASP A 1270 0.30 -6.91 28.48
CA ASP A 1270 1.51 -6.98 27.67
C ASP A 1270 1.15 -7.37 26.25
N PRO A 1271 1.46 -6.54 25.24
CA PRO A 1271 1.18 -6.94 23.85
C PRO A 1271 1.90 -8.19 23.40
N ALA A 1272 3.10 -8.46 23.93
CA ALA A 1272 3.80 -9.69 23.61
C ALA A 1272 3.10 -10.92 24.16
N LEU A 1273 2.24 -10.75 25.17
CA LEU A 1273 1.49 -11.85 25.75
C LEU A 1273 0.02 -11.82 25.33
N GLY A 1274 -0.32 -11.02 24.32
CA GLY A 1274 -1.62 -11.08 23.70
C GLY A 1274 -2.56 -9.92 23.98
N PHE A 1275 -2.09 -8.84 24.61
CA PHE A 1275 -2.97 -7.71 24.91
C PHE A 1275 -3.04 -6.78 23.71
N PHE A 1276 -4.26 -6.52 23.24
CA PHE A 1276 -4.49 -5.70 22.07
C PHE A 1276 -4.55 -4.23 22.46
N LEU A 1277 -3.74 -3.41 21.80
CA LEU A 1277 -3.67 -1.98 22.06
C LEU A 1277 -4.59 -1.22 21.12
N MET A 1278 -5.40 -0.34 21.67
CA MET A 1278 -6.32 0.48 20.86
C MET A 1278 -5.76 1.88 20.66
N ASP A 1279 -6.13 2.48 19.54
CA ASP A 1279 -5.66 3.80 19.17
C ASP A 1279 -6.50 4.88 19.84
N ASN A 1280 -5.97 6.10 19.81
CA ASN A 1280 -6.75 7.27 20.16
C ASN A 1280 -7.88 7.43 19.15
N PRO A 1281 -9.13 7.56 19.60
CA PRO A 1281 -10.25 7.64 18.65
C PRO A 1281 -10.19 8.82 17.69
N ALA A 1282 -9.52 9.90 18.05
CA ALA A 1282 -9.45 11.06 17.17
C ALA A 1282 -8.38 10.93 16.09
N PHE A 1283 -7.46 9.98 16.20
CA PHE A 1283 -6.40 9.84 15.22
C PHE A 1283 -6.12 8.37 14.95
N ALA A 1284 -7.18 7.58 14.78
CA ALA A 1284 -7.03 6.12 14.69
C ALA A 1284 -6.42 5.72 13.35
N GLY A 1285 -5.42 4.84 13.41
CA GLY A 1285 -4.77 4.34 12.22
C GLY A 1285 -3.76 5.28 11.61
N GLY A 1286 -3.47 6.41 12.24
CA GLY A 1286 -2.57 7.38 11.67
C GLY A 1286 -1.17 7.42 12.26
N ALA A 1287 -0.93 6.70 13.35
CA ALA A 1287 0.33 6.81 14.08
C ALA A 1287 1.18 5.55 14.07
N GLY A 1288 0.58 4.38 13.95
CA GLY A 1288 1.33 3.14 13.92
C GLY A 1288 1.34 2.43 15.26
N PHE A 1289 1.92 1.23 15.23
CA PHE A 1289 1.96 0.37 16.41
C PHE A 1289 3.03 0.81 17.42
N ARG A 1290 4.17 1.31 16.95
CA ARG A 1290 5.23 1.72 17.86
C ARG A 1290 4.83 2.92 18.70
N PHE A 1291 4.06 3.85 18.13
CA PHE A 1291 3.54 4.97 18.91
C PHE A 1291 2.63 4.48 20.03
N ASN A 1292 1.76 3.52 19.73
CA ASN A 1292 0.87 3.00 20.77
C ASN A 1292 1.62 2.19 21.80
N LEU A 1293 2.69 1.49 21.39
CA LEU A 1293 3.54 0.80 22.35
C LEU A 1293 4.23 1.78 23.30
N TRP A 1294 4.72 2.90 22.76
CA TRP A 1294 5.31 3.94 23.60
C TRP A 1294 4.26 4.53 24.54
N ARG A 1295 3.04 4.73 24.05
CA ARG A 1295 1.97 5.23 24.92
C ARG A 1295 1.66 4.24 26.05
N ALA A 1296 1.64 2.94 25.73
CA ALA A 1296 1.37 1.93 26.74
C ALA A 1296 2.48 1.87 27.78
N CYS A 1297 3.73 2.05 27.35
CA CYS A 1297 4.83 2.13 28.29
C CYS A 1297 4.72 3.36 29.18
N LYS A 1298 4.31 4.49 28.61
CA LYS A 1298 4.18 5.71 29.39
C LYS A 1298 2.95 5.74 30.27
N THR A 1299 1.96 4.88 30.03
CA THR A 1299 0.67 4.98 30.69
C THR A 1299 0.38 3.79 31.59
N THR A 1300 0.51 2.57 31.10
CA THR A 1300 0.15 1.39 31.88
C THR A 1300 1.36 0.85 32.63
N ASP A 1301 1.24 -0.36 33.18
CA ASP A 1301 2.31 -1.01 33.91
C ASP A 1301 3.30 -1.72 32.99
N LEU A 1302 3.21 -1.46 31.68
CA LEU A 1302 4.22 -1.99 30.76
C LEU A 1302 5.55 -1.27 30.91
N GLY A 1303 5.52 -0.02 31.40
CA GLY A 1303 6.75 0.70 31.62
C GLY A 1303 7.64 0.06 32.66
N ARG A 1304 7.06 -0.46 33.73
CA ARG A 1304 7.83 -1.16 34.75
C ARG A 1304 8.48 -2.41 34.18
N LYS A 1305 7.74 -3.18 33.39
CA LYS A 1305 8.26 -4.40 32.79
C LYS A 1305 9.39 -4.09 31.82
N TYR A 1306 9.24 -3.03 31.03
CA TYR A 1306 10.29 -2.68 30.07
C TYR A 1306 11.52 -2.12 30.78
N ALA A 1307 11.32 -1.40 31.88
CA ALA A 1307 12.46 -0.95 32.68
C ALA A 1307 13.22 -2.13 33.27
N TYR A 1308 12.49 -3.15 33.75
CA TYR A 1308 13.13 -4.35 34.26
C TYR A 1308 13.90 -5.07 33.16
N TYR A 1309 13.31 -5.18 31.97
CA TYR A 1309 13.99 -5.82 30.84
C TYR A 1309 15.25 -5.07 30.47
N PHE A 1310 15.18 -3.73 30.44
CA PHE A 1310 16.33 -2.90 30.14
C PHE A 1310 17.44 -3.11 31.16
N ASN A 1311 17.09 -3.14 32.45
CA ASN A 1311 18.10 -3.35 33.49
C ASN A 1311 18.74 -4.73 33.38
N GLU A 1312 17.95 -5.76 33.06
CA GLU A 1312 18.50 -7.10 32.92
C GLU A 1312 19.43 -7.20 31.71
N ILE A 1313 19.05 -6.56 30.61
CA ILE A 1313 19.90 -6.59 29.42
C ILE A 1313 21.19 -5.82 29.64
N GLN A 1314 21.10 -4.65 30.27
CA GLN A 1314 22.26 -3.80 30.49
C GLN A 1314 23.28 -4.43 31.43
N GLY A 1315 22.87 -5.41 32.24
CA GLY A 1315 23.74 -5.95 33.26
C GLY A 1315 24.70 -7.03 32.80
N LYS A 1316 24.55 -7.53 31.58
CA LYS A 1316 25.35 -8.66 31.13
C LYS A 1316 26.56 -8.21 30.31
N THR A 1317 27.50 -9.13 30.15
CA THR A 1317 28.71 -8.93 29.35
C THR A 1317 28.67 -9.81 28.12
N LYS A 1318 29.65 -9.61 27.24
CA LYS A 1318 29.62 -10.22 25.91
C LYS A 1318 29.65 -11.75 25.98
N GLY A 1319 30.46 -12.30 26.88
CA GLY A 1319 30.52 -13.74 27.01
C GLY A 1319 29.42 -14.37 27.84
N ASP A 1320 28.53 -13.57 28.40
CA ASP A 1320 27.50 -14.08 29.30
C ASP A 1320 26.41 -14.83 28.54
N GLU A 1321 25.71 -15.68 29.28
CA GLU A 1321 24.56 -16.37 28.72
C GLU A 1321 23.44 -15.40 28.41
N ASP A 1322 22.78 -15.61 27.28
CA ASP A 1322 21.65 -14.79 26.82
C ASP A 1322 22.02 -13.32 26.72
N TYR A 1323 23.24 -13.06 26.27
CA TYR A 1323 23.69 -11.68 26.09
C TYR A 1323 23.18 -11.15 24.76
N ARG A 1324 22.78 -9.88 24.75
CA ARG A 1324 22.45 -9.18 23.53
C ARG A 1324 22.84 -7.71 23.68
N ALA A 1325 23.15 -7.08 22.56
CA ALA A 1325 23.60 -5.70 22.58
C ALA A 1325 22.48 -4.77 22.99
N LEU A 1326 22.75 -3.89 23.97
CA LEU A 1326 21.77 -2.89 24.37
C LEU A 1326 21.58 -1.83 23.28
N ASP A 1327 22.60 -1.61 22.46
CA ASP A 1327 22.48 -0.62 21.40
C ASP A 1327 21.50 -1.06 20.32
N ALA A 1328 21.44 -2.36 20.04
CA ALA A 1328 20.53 -2.90 19.03
C ALA A 1328 19.18 -3.30 19.62
N THR A 1329 18.83 -2.80 20.79
CA THR A 1329 17.64 -3.20 21.52
C THR A 1329 16.64 -2.04 21.55
N SER A 1330 15.45 -2.27 21.03
CA SER A 1330 14.39 -1.26 20.99
C SER A 1330 13.12 -1.83 21.62
N GLY A 1331 12.07 -0.99 21.66
CA GLY A 1331 10.79 -1.46 22.16
C GLY A 1331 10.19 -2.56 21.30
N GLY A 1332 10.38 -2.46 19.98
CA GLY A 1332 9.93 -3.52 19.10
C GLY A 1332 10.60 -4.84 19.35
N THR A 1333 11.88 -4.81 19.74
CA THR A 1333 12.58 -6.04 20.11
C THR A 1333 11.96 -6.69 21.35
N LEU A 1334 11.64 -5.87 22.35
CA LEU A 1334 11.02 -6.40 23.57
C LEU A 1334 9.62 -6.93 23.31
N SER A 1335 8.87 -6.30 22.40
CA SER A 1335 7.54 -6.81 22.10
C SER A 1335 7.56 -8.09 21.27
N HIS A 1336 8.68 -8.41 20.61
CA HIS A 1336 8.79 -9.60 19.79
C HIS A 1336 9.44 -10.77 20.52
N SER A 1337 9.24 -10.88 21.83
CA SER A 1337 9.93 -11.87 22.64
C SER A 1337 9.19 -13.18 22.75
N VAL A 1338 7.95 -13.27 22.26
CA VAL A 1338 7.14 -14.48 22.35
C VAL A 1338 6.70 -14.87 20.95
N MET A 1339 6.97 -16.12 20.56
CA MET A 1339 6.72 -16.58 19.22
C MET A 1339 6.09 -17.96 19.25
N VAL A 1340 5.32 -18.28 18.22
CA VAL A 1340 4.81 -19.63 18.01
C VAL A 1340 5.00 -19.99 16.54
N TYR A 1341 5.55 -21.16 16.28
CA TYR A 1341 5.98 -21.54 14.95
C TYR A 1341 4.89 -22.34 14.25
N TRP A 1342 4.66 -22.03 12.97
CA TRP A 1342 3.58 -22.63 12.21
C TRP A 1342 4.07 -23.61 11.14
N GLY A 1343 5.30 -23.45 10.65
CA GLY A 1343 5.79 -24.24 9.55
C GLY A 1343 6.58 -25.44 10.02
N ASP A 1344 7.01 -26.23 9.05
CA ASP A 1344 7.80 -27.43 9.30
C ASP A 1344 9.27 -27.11 9.05
N ARG A 1345 10.10 -27.30 10.07
CA ARG A 1345 11.53 -27.08 9.89
C ARG A 1345 12.21 -28.18 9.09
N LYS A 1346 11.60 -29.36 8.99
CA LYS A 1346 12.19 -30.45 8.23
C LYS A 1346 12.32 -30.11 6.75
N LYS A 1347 11.31 -29.45 6.17
CA LYS A 1347 11.39 -29.01 4.78
C LYS A 1347 12.54 -28.03 4.57
N TYR A 1348 12.71 -27.08 5.49
CA TYR A 1348 13.77 -26.10 5.36
C TYR A 1348 15.14 -26.72 5.56
N GLN A 1349 15.27 -27.67 6.49
CA GLN A 1349 16.54 -28.38 6.67
C GLN A 1349 16.90 -29.20 5.44
N ALA A 1350 15.92 -29.91 4.85
CA ALA A 1350 16.17 -30.66 3.64
C ALA A 1350 16.53 -29.74 2.48
N LEU A 1351 15.94 -28.55 2.44
CA LEU A 1351 16.32 -27.56 1.43
C LEU A 1351 17.76 -27.10 1.63
N LEU A 1352 18.17 -26.90 2.89
CA LEU A 1352 19.56 -26.53 3.16
C LEU A 1352 20.53 -27.62 2.73
N ASN A 1353 20.19 -28.88 3.03
CA ASN A 1353 21.08 -29.99 2.70
C ASN A 1353 21.24 -30.19 1.20
N ARG A 1354 20.38 -29.58 0.39
CA ARG A 1354 20.47 -29.65 -1.06
C ARG A 1354 21.19 -28.46 -1.68
N MET A 1355 21.84 -27.62 -0.86
CA MET A 1355 22.48 -26.42 -1.37
C MET A 1355 23.97 -26.33 -1.08
N GLY A 1356 24.47 -27.06 -0.08
CA GLY A 1356 25.90 -27.09 0.17
C GLY A 1356 26.51 -25.76 0.60
N LEU A 1357 25.89 -25.09 1.53
CA LEU A 1357 26.50 -23.85 1.98
C LEU A 1357 27.44 -24.09 3.16
N PRO A 1358 28.51 -23.30 3.28
CA PRO A 1358 29.43 -23.49 4.41
C PRO A 1358 28.76 -23.22 5.75
N GLU A 1359 29.15 -24.01 6.74
CA GLU A 1359 28.59 -23.86 8.09
C GLU A 1359 29.19 -22.65 8.81
N ASP A 1360 30.48 -22.40 8.60
CA ASP A 1360 31.15 -21.27 9.24
C ASP A 1360 31.11 -20.01 8.37
N TRP A 1361 29.92 -19.68 7.89
CA TRP A 1361 29.77 -18.47 7.08
C TRP A 1361 29.90 -17.20 7.92
N VAL A 1362 29.48 -17.25 9.18
CA VAL A 1362 29.66 -16.11 10.08
C VAL A 1362 31.14 -15.85 10.32
N GLU A 1363 31.92 -16.90 10.55
CA GLU A 1363 33.36 -16.74 10.78
C GLU A 1363 34.07 -16.23 9.54
N GLN A 1364 33.71 -16.75 8.37
CA GLN A 1364 34.34 -16.29 7.14
C GLN A 1364 33.96 -14.86 6.80
N ILE A 1365 32.74 -14.44 7.18
CA ILE A 1365 32.38 -13.03 7.05
C ILE A 1365 33.15 -12.19 8.06
N ASP A 1366 33.39 -12.72 9.25
CA ASP A 1366 34.21 -12.01 10.23
C ASP A 1366 35.64 -11.83 9.74
N GLU A 1367 36.14 -12.77 8.94
CA GLU A 1367 37.48 -12.60 8.38
C GLU A 1367 37.51 -11.51 7.31
N ASN A 1368 36.46 -11.40 6.50
CA ASN A 1368 36.34 -10.39 5.46
C ASN A 1368 35.02 -9.65 5.63
N PRO A 1369 34.99 -8.61 6.49
CA PRO A 1369 33.72 -7.88 6.71
C PRO A 1369 33.20 -7.17 5.47
N GLY A 1370 34.08 -6.82 4.52
CA GLY A 1370 33.68 -6.04 3.36
C GLY A 1370 32.63 -6.70 2.49
N VAL A 1371 32.44 -8.01 2.63
CA VAL A 1371 31.39 -8.71 1.89
C VAL A 1371 30.00 -8.17 2.22
N LEU A 1372 29.84 -7.53 3.38
CA LEU A 1372 28.54 -7.02 3.81
C LEU A 1372 28.26 -5.61 3.32
N TYR A 1373 29.14 -5.02 2.51
CA TYR A 1373 28.98 -3.63 2.13
C TYR A 1373 29.08 -3.36 0.63
N ARG A 1374 29.55 -4.31 -0.18
CA ARG A 1374 29.53 -4.14 -1.63
C ARG A 1374 29.35 -5.51 -2.28
N ARG A 1375 29.25 -5.49 -3.61
CA ARG A 1375 28.97 -6.69 -4.38
C ARG A 1375 30.14 -7.68 -4.31
N ALA A 1376 29.83 -8.93 -4.59
CA ALA A 1376 30.84 -9.98 -4.57
C ALA A 1376 31.80 -9.83 -5.75
N ALA A 1377 32.99 -10.39 -5.59
CA ALA A 1377 34.01 -10.41 -6.62
C ALA A 1377 34.37 -11.81 -7.09
N ASN A 1378 34.10 -12.84 -6.29
CA ASN A 1378 34.48 -14.21 -6.61
C ASN A 1378 33.39 -15.16 -6.14
N LYS A 1379 33.67 -16.46 -6.23
CA LYS A 1379 32.73 -17.47 -5.76
C LYS A 1379 32.50 -17.36 -4.26
N LYS A 1380 33.57 -17.09 -3.50
CA LYS A 1380 33.50 -17.14 -2.04
C LYS A 1380 32.56 -16.08 -1.48
N GLU A 1381 32.70 -14.84 -1.95
CA GLU A 1381 31.86 -13.76 -1.43
C GLU A 1381 30.40 -13.95 -1.82
N LEU A 1382 30.15 -14.45 -3.03
CA LEU A 1382 28.78 -14.73 -3.44
C LEU A 1382 28.16 -15.85 -2.62
N LEU A 1383 28.95 -16.89 -2.32
CA LEU A 1383 28.44 -17.93 -1.43
C LEU A 1383 28.14 -17.41 -0.04
N LEU A 1384 28.99 -16.52 0.48
CA LEU A 1384 28.74 -15.93 1.79
C LEU A 1384 27.47 -15.07 1.78
N LYS A 1385 27.27 -14.29 0.72
CA LYS A 1385 26.05 -13.49 0.63
C LYS A 1385 24.80 -14.36 0.46
N LEU A 1386 24.92 -15.47 -0.29
CA LEU A 1386 23.80 -16.40 -0.41
C LEU A 1386 23.47 -17.04 0.94
N ALA A 1387 24.50 -17.46 1.68
CA ALA A 1387 24.26 -18.04 3.01
C ALA A 1387 23.68 -17.02 3.97
N GLU A 1388 24.08 -15.75 3.83
CA GLU A 1388 23.47 -14.69 4.63
C GLU A 1388 22.00 -14.50 4.28
N LYS A 1389 21.66 -14.58 2.98
CA LYS A 1389 20.27 -14.43 2.57
C LYS A 1389 19.41 -15.58 3.08
N VAL A 1390 19.88 -16.82 2.95
CA VAL A 1390 19.04 -17.96 3.30
C VAL A 1390 18.85 -18.12 4.80
N HIS A 1391 19.75 -17.56 5.61
CA HIS A 1391 19.64 -17.67 7.06
C HIS A 1391 18.93 -16.49 7.69
N SER A 1392 18.46 -15.54 6.88
CA SER A 1392 17.65 -14.45 7.39
C SER A 1392 16.33 -14.99 7.93
N PRO A 1393 15.78 -14.38 8.98
CA PRO A 1393 14.52 -14.88 9.53
C PRO A 1393 13.35 -14.83 8.55
N GLY A 1394 13.29 -13.80 7.70
CA GLY A 1394 12.20 -13.71 6.75
C GLY A 1394 12.24 -14.80 5.70
N VAL A 1395 13.43 -15.10 5.19
CA VAL A 1395 13.57 -16.14 4.17
C VAL A 1395 13.31 -17.51 4.77
N THR A 1396 13.79 -17.75 6.00
CA THR A 1396 13.53 -19.03 6.66
C THR A 1396 12.04 -19.22 6.92
N SER A 1397 11.37 -18.18 7.44
CA SER A 1397 9.95 -18.31 7.72
C SER A 1397 9.12 -18.42 6.45
N SER A 1398 9.60 -17.83 5.36
CA SER A 1398 8.89 -17.97 4.09
C SER A 1398 9.06 -19.37 3.51
N LEU A 1399 10.27 -19.90 3.53
CA LEU A 1399 10.52 -21.23 2.98
C LEU A 1399 10.13 -22.35 3.92
N SER A 1400 9.70 -22.05 5.14
CA SER A 1400 9.18 -23.05 6.06
C SER A 1400 7.66 -23.14 6.02
N LYS A 1401 6.96 -22.02 6.14
CA LYS A 1401 5.51 -22.03 6.15
C LYS A 1401 4.96 -22.24 4.75
N GLY A 1402 3.88 -23.00 4.66
CA GLY A 1402 3.09 -23.07 3.45
C GLY A 1402 1.83 -22.25 3.60
N HIS A 1403 0.67 -22.90 3.62
CA HIS A 1403 -0.59 -22.27 3.97
C HIS A 1403 -0.98 -22.80 5.34
N VAL A 1404 -1.06 -21.90 6.32
CA VAL A 1404 -1.19 -22.31 7.72
C VAL A 1404 -2.35 -21.59 8.38
N VAL A 1405 -3.20 -20.95 7.57
CA VAL A 1405 -4.40 -20.31 8.12
C VAL A 1405 -5.29 -21.27 8.89
N PRO A 1406 -5.62 -22.48 8.40
CA PRO A 1406 -6.42 -23.39 9.23
C PRO A 1406 -5.74 -23.76 10.54
N ARG A 1407 -4.42 -23.93 10.54
CA ARG A 1407 -3.70 -24.25 11.76
C ARG A 1407 -3.75 -23.08 12.74
N VAL A 1408 -3.65 -21.85 12.22
CA VAL A 1408 -3.78 -20.66 13.06
C VAL A 1408 -5.17 -20.60 13.69
N VAL A 1409 -6.21 -20.88 12.90
CA VAL A 1409 -7.57 -20.83 13.42
C VAL A 1409 -7.79 -21.91 14.47
N ALA A 1410 -7.28 -23.11 14.22
CA ALA A 1410 -7.46 -24.23 15.13
C ALA A 1410 -6.53 -24.19 16.34
N ALA A 1411 -5.54 -23.29 16.36
CA ALA A 1411 -4.69 -23.17 17.53
C ALA A 1411 -5.39 -22.56 18.73
N GLY A 1412 -6.58 -21.97 18.55
CA GLY A 1412 -7.29 -21.37 19.65
C GLY A 1412 -7.70 -22.34 20.74
N VAL A 1413 -7.69 -23.65 20.46
CA VAL A 1413 -8.01 -24.64 21.48
C VAL A 1413 -6.83 -25.02 22.35
N TYR A 1414 -5.60 -24.64 21.99
CA TYR A 1414 -4.45 -25.09 22.75
C TYR A 1414 -3.38 -24.05 23.04
N LEU A 1415 -3.52 -22.81 22.55
CA LEU A 1415 -2.47 -21.81 22.76
C LEU A 1415 -2.32 -21.44 24.22
N LEU A 1416 -3.43 -21.40 24.95
CA LEU A 1416 -3.41 -20.93 26.34
C LEU A 1416 -2.79 -21.94 27.29
N SER A 1417 -2.99 -23.23 27.05
CA SER A 1417 -2.66 -24.25 28.03
C SER A 1417 -1.55 -25.20 27.62
N ARG A 1418 -1.22 -25.29 26.34
CA ARG A 1418 -0.18 -26.21 25.89
C ARG A 1418 1.09 -25.45 25.55
N HIS A 1419 2.22 -26.11 25.75
CA HIS A 1419 3.54 -25.48 25.65
C HIS A 1419 3.98 -25.47 24.20
N CYS A 1420 3.63 -24.38 23.50
CA CYS A 1420 3.97 -24.20 22.10
C CYS A 1420 4.66 -22.89 21.80
N PHE A 1421 4.84 -22.03 22.80
CA PHE A 1421 5.45 -20.72 22.60
C PHE A 1421 6.93 -20.77 22.96
N ARG A 1422 7.77 -20.33 22.04
CA ARG A 1422 9.17 -20.08 22.32
C ARG A 1422 9.34 -18.64 22.76
N PHE A 1423 10.11 -18.44 23.82
CA PHE A 1423 10.29 -17.12 24.40
C PHE A 1423 11.78 -16.79 24.45
N SER A 1424 12.08 -15.51 24.31
CA SER A 1424 13.47 -15.06 24.34
C SER A 1424 14.01 -15.16 25.76
N SER A 1425 15.08 -15.95 25.93
CA SER A 1425 15.63 -16.15 27.26
C SER A 1425 16.39 -14.94 27.76
N SER A 1426 16.87 -14.08 26.85
CA SER A 1426 17.51 -12.82 27.27
C SER A 1426 16.52 -11.89 27.95
N ILE A 1427 15.23 -12.04 27.65
CA ILE A 1427 14.20 -11.15 28.15
C ILE A 1427 13.38 -11.82 29.24
N HIS A 1428 12.82 -12.99 28.97
CA HIS A 1428 11.96 -13.68 29.91
C HIS A 1428 12.73 -14.56 30.89
N GLY A 1429 14.04 -14.75 30.70
CA GLY A 1429 14.82 -15.55 31.61
C GLY A 1429 14.88 -17.01 31.21
N ARG A 1430 15.86 -17.72 31.78
CA ARG A 1430 15.98 -19.16 31.58
C ARG A 1430 14.76 -19.85 32.20
N GLY A 1431 14.06 -20.64 31.39
CA GLY A 1431 12.97 -21.45 31.88
C GLY A 1431 13.41 -22.89 32.16
N SER A 1432 12.47 -23.66 32.68
CA SER A 1432 12.72 -25.08 32.89
C SER A 1432 12.81 -25.84 31.57
N THR A 1433 12.26 -25.27 30.50
CA THR A 1433 12.33 -25.86 29.17
C THR A 1433 12.20 -24.74 28.15
N GLN A 1434 12.44 -25.08 26.89
CA GLN A 1434 12.51 -24.08 25.83
C GLN A 1434 11.14 -23.58 25.38
N LYS A 1435 10.05 -24.25 25.78
CA LYS A 1435 8.72 -23.89 25.32
C LYS A 1435 7.79 -23.70 26.50
N ALA A 1436 6.73 -22.92 26.29
CA ALA A 1436 5.79 -22.61 27.36
C ALA A 1436 4.43 -22.31 26.76
N SER A 1437 3.41 -22.34 27.62
CA SER A 1437 2.08 -21.88 27.26
C SER A 1437 1.95 -20.39 27.58
N LEU A 1438 0.87 -19.79 27.08
CA LEU A 1438 0.65 -18.36 27.31
C LEU A 1438 0.38 -18.07 28.78
N ILE A 1439 -0.38 -18.94 29.45
CA ILE A 1439 -0.65 -18.77 30.87
C ILE A 1439 0.64 -18.96 31.68
N LYS A 1440 1.48 -19.89 31.26
CA LYS A 1440 2.78 -20.09 31.91
C LYS A 1440 3.65 -18.85 31.77
N LEU A 1441 3.66 -18.23 30.59
CA LEU A 1441 4.43 -17.01 30.38
C LEU A 1441 3.88 -15.87 31.21
N LEU A 1442 2.55 -15.78 31.34
CA LEU A 1442 1.97 -14.77 32.21
C LEU A 1442 2.35 -14.96 33.67
N MET A 1443 2.41 -16.20 34.15
CA MET A 1443 2.86 -16.41 35.53
C MET A 1443 4.33 -16.10 35.70
N MET A 1444 5.16 -16.48 34.73
CA MET A 1444 6.59 -16.15 34.77
C MET A 1444 6.80 -14.64 34.82
N SER A 1445 6.01 -13.88 34.05
CA SER A 1445 6.11 -12.43 34.13
C SER A 1445 5.55 -11.90 35.44
N SER A 1446 4.52 -12.56 35.99
CA SER A 1446 3.89 -12.09 37.22
C SER A 1446 4.76 -12.29 38.44
N ILE A 1447 5.67 -13.27 38.44
CA ILE A 1447 6.56 -13.46 39.58
C ILE A 1447 7.88 -12.70 39.44
N SER A 1448 8.38 -12.47 38.23
CA SER A 1448 9.66 -11.78 38.07
C SER A 1448 9.51 -10.33 37.65
N ALA A 1449 8.88 -10.10 36.50
CA ALA A 1449 8.91 -8.78 35.88
C ALA A 1449 7.99 -7.77 36.57
N MET A 1450 6.88 -8.23 37.15
CA MET A 1450 5.93 -7.33 37.78
C MET A 1450 6.33 -6.92 39.19
N LYS A 1451 7.36 -7.53 39.76
CA LYS A 1451 7.86 -7.12 41.07
C LYS A 1451 8.76 -5.89 41.01
N HIS A 1452 9.30 -5.57 39.84
N HIS A 1452 9.30 -5.57 39.84
CA HIS A 1452 10.19 -4.42 39.70
CA HIS A 1452 10.20 -4.42 39.70
C HIS A 1452 9.43 -3.13 39.90
C HIS A 1452 9.43 -3.13 39.90
N GLY A 1453 10.02 -2.21 40.66
CA GLY A 1453 9.42 -0.92 40.96
C GLY A 1453 10.08 0.17 40.12
N GLY A 1454 9.26 1.12 39.66
CA GLY A 1454 9.76 2.24 38.91
C GLY A 1454 9.63 2.07 37.41
N SER A 1455 9.04 3.05 36.74
CA SER A 1455 8.88 3.03 35.29
C SER A 1455 10.19 3.41 34.61
N LEU A 1456 10.10 3.60 33.29
CA LEU A 1456 11.27 3.98 32.50
C LEU A 1456 11.75 5.37 32.89
N ASN A 1457 13.06 5.52 33.04
CA ASN A 1457 13.67 6.82 33.17
C ASN A 1457 13.87 7.41 31.78
N PRO A 1458 14.12 8.73 31.66
CA PRO A 1458 14.23 9.34 30.32
C PRO A 1458 15.30 8.72 29.42
N ASN A 1459 16.40 8.23 29.99
CA ASN A 1459 17.42 7.60 29.16
C ASN A 1459 16.91 6.29 28.56
N GLN A 1460 16.24 5.48 29.37
CA GLN A 1460 15.66 4.24 28.86
C GLN A 1460 14.58 4.50 27.83
N GLU A 1461 13.74 5.51 28.09
CA GLU A 1461 12.69 5.87 27.14
C GLU A 1461 13.28 6.37 25.83
N ARG A 1462 14.40 7.10 25.89
CA ARG A 1462 15.03 7.59 24.69
C ARG A 1462 15.71 6.48 23.91
N MET A 1463 16.29 5.50 24.61
CA MET A 1463 16.96 4.40 23.92
C MET A 1463 15.97 3.40 23.31
N LEU A 1464 14.91 3.04 24.05
CA LEU A 1464 13.95 2.07 23.52
C LEU A 1464 13.09 2.67 22.41
N PHE A 1465 12.69 3.94 22.56
CA PHE A 1465 11.87 4.64 21.57
C PHE A 1465 12.60 5.90 21.14
N PRO A 1466 13.44 5.83 20.11
CA PRO A 1466 14.20 7.02 19.70
C PRO A 1466 13.35 8.19 19.25
N GLN A 1467 12.14 7.95 18.73
CA GLN A 1467 11.24 9.02 18.29
C GLN A 1467 10.27 9.45 19.38
N ALA A 1468 10.63 9.29 20.65
CA ALA A 1468 9.70 9.56 21.74
C ALA A 1468 9.33 11.03 21.83
N GLN A 1469 10.22 11.94 21.42
CA GLN A 1469 9.94 13.36 21.51
C GLN A 1469 8.87 13.79 20.51
N GLU A 1470 8.97 13.32 19.27
CA GLU A 1470 7.92 13.57 18.29
C GLU A 1470 6.62 12.88 18.69
N TYR A 1471 6.72 11.66 19.22
CA TYR A 1471 5.55 10.97 19.76
C TYR A 1471 4.83 11.83 20.79
N ASP A 1472 5.60 12.40 21.72
CA ASP A 1472 5.02 13.23 22.77
C ASP A 1472 4.43 14.52 22.22
N ARG A 1473 5.08 15.11 21.21
CA ARG A 1473 4.53 16.31 20.57
C ARG A 1473 3.17 16.02 19.96
N VAL A 1474 3.06 14.91 19.23
CA VAL A 1474 1.79 14.56 18.59
C VAL A 1474 0.74 14.20 19.64
N CYS A 1475 1.14 13.47 20.68
CA CYS A 1475 0.21 13.12 21.74
C CYS A 1475 -0.29 14.34 22.49
N THR A 1476 0.56 15.36 22.67
CA THR A 1476 0.11 16.61 23.24
C THR A 1476 -0.87 17.32 22.30
N LEU A 1477 -0.61 17.26 20.99
CA LEU A 1477 -1.58 17.79 20.05
C LEU A 1477 -2.89 17.01 20.03
N LEU A 1478 -2.91 15.76 20.47
CA LEU A 1478 -4.12 14.96 20.43
C LEU A 1478 -4.99 15.08 21.68
N GLU A 1479 -4.46 15.64 22.77
CA GLU A 1479 -5.23 15.74 24.00
C GLU A 1479 -6.08 16.99 24.08
N GLU A 1480 -6.11 17.82 23.03
CA GLU A 1480 -7.04 18.92 22.96
C GLU A 1480 -8.41 18.50 22.42
N VAL A 1481 -8.54 17.27 21.96
CA VAL A 1481 -9.82 16.71 21.53
C VAL A 1481 -10.11 15.50 22.41
N GLU A 1482 -10.79 15.75 23.52
CA GLU A 1482 -11.20 14.69 24.44
C GLU A 1482 -12.70 14.64 24.65
N HIS A 1483 -13.46 15.49 23.96
CA HIS A 1483 -14.90 15.57 24.12
C HIS A 1483 -15.55 15.54 22.74
N LEU A 1484 -16.76 14.96 22.70
CA LEU A 1484 -17.50 14.85 21.45
C LEU A 1484 -18.37 16.10 21.31
N THR A 1485 -17.73 17.19 20.91
CA THR A 1485 -18.39 18.46 20.68
C THR A 1485 -17.98 18.98 19.31
N GLY A 1486 -18.96 19.50 18.57
CA GLY A 1486 -18.70 20.00 17.24
C GLY A 1486 -19.98 20.43 16.57
N LYS A 1487 -19.87 20.72 15.28
CA LYS A 1487 -21.01 21.18 14.51
C LYS A 1487 -21.05 20.46 13.17
N PHE A 1488 -22.26 20.17 12.70
CA PHE A 1488 -22.39 19.59 11.38
C PHE A 1488 -22.26 20.67 10.31
N VAL A 1489 -21.44 20.37 9.30
CA VAL A 1489 -21.08 21.36 8.28
C VAL A 1489 -21.34 20.79 6.89
N VAL A 1490 -20.96 21.55 5.87
CA VAL A 1490 -21.10 21.13 4.48
C VAL A 1490 -19.79 20.48 4.04
N ARG A 1491 -19.90 19.32 3.38
CA ARG A 1491 -18.73 18.53 3.05
C ARG A 1491 -17.90 19.14 1.92
N GLU A 1492 -18.49 20.05 1.14
CA GLU A 1492 -17.81 20.95 0.19
C GLU A 1492 -17.30 20.24 -1.06
N ARG A 1493 -17.31 18.91 -1.08
CA ARG A 1493 -17.22 18.04 -2.25
C ARG A 1493 -15.88 18.15 -2.99
N ASN A 1494 -14.98 19.06 -2.63
CA ASN A 1494 -13.67 19.18 -3.25
C ASN A 1494 -12.72 18.22 -2.55
N ILE A 1495 -12.37 17.13 -3.23
CA ILE A 1495 -11.69 16.00 -2.60
C ILE A 1495 -10.42 15.69 -3.39
N VAL A 1496 -9.29 15.58 -2.69
CA VAL A 1496 -7.99 15.36 -3.31
C VAL A 1496 -7.09 14.63 -2.32
N ARG A 1497 -6.15 13.87 -2.85
CA ARG A 1497 -5.13 13.24 -2.02
C ARG A 1497 -4.19 14.28 -1.44
N SER A 1498 -3.82 14.10 -0.17
CA SER A 1498 -2.90 15.02 0.50
C SER A 1498 -2.14 14.27 1.58
N ARG A 1499 -0.81 14.43 1.59
CA ARG A 1499 0.05 13.69 2.51
C ARG A 1499 0.25 14.48 3.80
N ILE A 1500 0.23 13.75 4.92
CA ILE A 1500 0.44 14.33 6.24
C ILE A 1500 1.72 13.71 6.79
N ASP A 1501 2.72 14.55 7.05
CA ASP A 1501 4.01 14.12 7.56
C ASP A 1501 4.04 14.29 9.07
N LEU A 1502 4.52 13.28 9.78
CA LEU A 1502 4.66 13.39 11.22
C LEU A 1502 5.78 12.46 11.68
N PHE A 1503 6.25 12.70 12.91
CA PHE A 1503 7.38 11.97 13.49
C PHE A 1503 8.62 12.12 12.60
N GLN A 1504 8.87 13.34 12.14
CA GLN A 1504 9.91 13.59 11.15
C GLN A 1504 11.30 13.33 11.71
N GLU A 1505 12.18 12.85 10.84
CA GLU A 1505 13.52 12.43 11.24
C GLU A 1505 14.38 13.64 11.61
N PRO A 1506 15.04 13.64 12.78
CA PRO A 1506 15.86 14.79 13.18
C PRO A 1506 17.11 14.93 12.34
N VAL A 1507 17.79 16.05 12.57
CA VAL A 1507 18.99 16.44 11.83
C VAL A 1507 20.20 16.02 12.66
N ASP A 1508 20.82 14.88 12.30
CA ASP A 1508 22.02 14.42 12.98
C ASP A 1508 23.21 14.28 12.06
N LEU A 1509 23.09 13.54 10.95
CA LEU A 1509 24.21 13.26 10.07
C LEU A 1509 23.90 13.72 8.67
N ARG A 1510 24.96 14.07 7.93
CA ARG A 1510 24.82 14.48 6.54
C ARG A 1510 24.41 13.29 5.67
N CYS A 1511 24.96 12.12 5.93
CA CYS A 1511 24.71 10.93 5.14
C CYS A 1511 24.27 9.79 6.04
N LYS A 1512 23.99 8.64 5.42
CA LYS A 1512 23.67 7.43 6.15
C LYS A 1512 24.93 6.86 6.78
N ALA A 1513 24.78 6.32 7.99
CA ALA A 1513 25.92 5.70 8.66
C ALA A 1513 26.41 4.45 7.95
N GLU A 1514 25.55 3.79 7.18
CA GLU A 1514 26.01 2.68 6.33
C GLU A 1514 27.11 3.15 5.39
N ASP A 1515 26.84 4.21 4.64
CA ASP A 1515 27.79 4.71 3.66
C ASP A 1515 29.02 5.32 4.32
N LEU A 1516 28.85 5.96 5.47
CA LEU A 1516 29.97 6.58 6.17
C LEU A 1516 30.92 5.51 6.71
N VAL A 1517 30.38 4.47 7.36
CA VAL A 1517 31.20 3.37 7.81
C VAL A 1517 31.85 2.65 6.64
N SER A 1518 31.11 2.47 5.54
CA SER A 1518 31.66 1.82 4.36
C SER A 1518 32.85 2.59 3.80
N GLU A 1519 32.71 3.92 3.69
CA GLU A 1519 33.80 4.74 3.14
C GLU A 1519 35.00 4.80 4.08
N VAL A 1520 34.75 4.94 5.38
CA VAL A 1520 35.87 5.06 6.31
C VAL A 1520 36.62 3.73 6.43
N TRP A 1521 35.90 2.61 6.46
CA TRP A 1521 36.53 1.33 6.71
C TRP A 1521 37.12 0.71 5.46
N PHE A 1522 36.44 0.85 4.32
CA PHE A 1522 36.78 0.06 3.15
C PHE A 1522 37.09 0.87 1.90
N GLY A 1523 37.05 2.19 1.97
CA GLY A 1523 37.44 3.03 0.84
C GLY A 1523 36.42 3.16 -0.27
N LEU A 1524 35.20 2.67 -0.06
CA LEU A 1524 34.14 2.76 -1.06
C LEU A 1524 33.51 4.16 -1.02
N LYS A 1525 33.50 4.84 -2.16
CA LYS A 1525 32.96 6.18 -2.25
C LYS A 1525 31.43 6.17 -2.28
N ARG A 1526 30.81 5.62 -1.23
CA ARG A 1526 29.35 5.54 -1.16
C ARG A 1526 28.71 6.86 -0.76
N THR A 1527 29.46 7.79 -0.18
CA THR A 1527 28.94 9.11 0.15
C THR A 1527 29.28 10.06 -1.00
N LYS A 1528 29.02 11.35 -0.79
CA LYS A 1528 29.31 12.38 -1.79
C LYS A 1528 30.11 13.51 -1.18
N LEU A 1529 30.92 13.22 -0.17
CA LEU A 1529 31.60 14.24 0.62
C LEU A 1529 33.08 14.27 0.32
N GLY A 1530 33.68 15.44 0.55
CA GLY A 1530 35.12 15.57 0.56
C GLY A 1530 35.70 15.12 1.87
N PRO A 1531 37.04 15.05 1.93
CA PRO A 1531 37.70 14.54 3.14
C PRO A 1531 37.41 15.33 4.40
N ARG A 1532 37.28 16.66 4.30
CA ARG A 1532 36.98 17.46 5.49
C ARG A 1532 35.59 17.16 6.03
N LEU A 1533 34.59 17.15 5.15
CA LEU A 1533 33.23 16.83 5.60
C LEU A 1533 33.10 15.38 6.01
N LEU A 1534 33.85 14.48 5.37
CA LEU A 1534 33.85 13.08 5.77
C LEU A 1534 34.40 12.91 7.18
N LYS A 1535 35.50 13.59 7.49
CA LYS A 1535 36.04 13.55 8.84
C LYS A 1535 35.10 14.19 9.84
N GLU A 1536 34.43 15.28 9.44
CA GLU A 1536 33.46 15.92 10.33
C GLU A 1536 32.28 15.00 10.65
N GLU A 1537 31.80 14.25 9.66
CA GLU A 1537 30.71 13.32 9.91
C GLU A 1537 31.16 12.12 10.74
N TRP A 1538 32.38 11.64 10.49
CA TRP A 1538 32.93 10.57 11.31
C TRP A 1538 33.11 10.99 12.75
N ASP A 1539 33.41 12.27 13.00
CA ASP A 1539 33.46 12.77 14.36
C ASP A 1539 32.11 12.69 15.07
N LYS A 1540 31.01 13.01 14.38
CA LYS A 1540 29.70 12.86 14.98
C LYS A 1540 29.30 11.40 15.19
N LEU A 1541 29.66 10.51 14.26
CA LEU A 1541 29.44 9.08 14.52
C LEU A 1541 30.19 8.63 15.76
N ARG A 1542 31.47 9.00 15.89
CA ARG A 1542 32.22 8.61 17.07
C ARG A 1542 31.68 9.25 18.33
N ALA A 1543 31.13 10.46 18.22
CA ALA A 1543 30.46 11.07 19.38
C ALA A 1543 29.26 10.25 19.79
N SER A 1544 28.49 9.73 18.83
CA SER A 1544 27.35 8.90 19.16
C SER A 1544 27.77 7.57 19.79
N PHE A 1545 28.81 6.94 19.26
CA PHE A 1545 29.30 5.66 19.76
C PHE A 1545 30.81 5.75 19.92
N ALA A 1546 31.27 5.89 21.17
CA ALA A 1546 32.70 6.06 21.44
C ALA A 1546 33.50 4.81 21.13
N TRP A 1547 32.88 3.63 21.13
CA TRP A 1547 33.57 2.39 20.82
C TRP A 1547 33.85 2.22 19.34
N LEU A 1548 33.27 3.05 18.49
CA LEU A 1548 33.49 2.95 17.06
C LEU A 1548 34.91 3.39 16.70
N SER A 1549 35.53 2.66 15.78
CA SER A 1549 36.91 2.91 15.40
C SER A 1549 37.07 2.71 13.90
N THR A 1550 38.17 3.23 13.35
CA THR A 1550 38.44 3.12 11.93
C THR A 1550 38.88 1.72 11.51
N ASP A 1551 39.19 0.85 12.46
CA ASP A 1551 39.53 -0.54 12.18
C ASP A 1551 38.32 -1.41 12.45
N PRO A 1552 37.87 -2.22 11.49
CA PRO A 1552 36.72 -3.11 11.78
C PRO A 1552 36.96 -4.09 12.92
N SER A 1553 38.18 -4.63 13.05
CA SER A 1553 38.45 -5.59 14.11
C SER A 1553 38.41 -4.93 15.48
N GLU A 1554 38.93 -3.71 15.58
CA GLU A 1554 38.89 -2.98 16.84
C GLU A 1554 37.45 -2.67 17.26
N THR A 1555 36.61 -2.29 16.31
CA THR A 1555 35.20 -2.06 16.61
C THR A 1555 34.52 -3.35 17.02
N LEU A 1556 34.86 -4.47 16.36
CA LEU A 1556 34.26 -5.75 16.70
C LEU A 1556 34.63 -6.17 18.13
N ARG A 1557 35.88 -5.97 18.54
CA ARG A 1557 36.27 -6.38 19.88
C ARG A 1557 36.03 -5.31 20.95
N ASP A 1558 35.66 -4.09 20.57
CA ASP A 1558 35.36 -3.04 21.54
C ASP A 1558 33.89 -2.70 21.65
N GLY A 1559 33.08 -3.06 20.65
CA GLY A 1559 31.67 -2.76 20.68
C GLY A 1559 30.88 -3.81 21.42
N PRO A 1560 29.55 -3.63 21.46
CA PRO A 1560 28.70 -4.61 22.14
C PRO A 1560 28.24 -5.75 21.25
N PHE A 1561 28.86 -5.94 20.09
CA PHE A 1561 28.36 -6.86 19.08
C PHE A 1561 29.30 -8.05 18.94
N LEU A 1562 28.75 -9.25 19.04
CA LEU A 1562 29.54 -10.47 18.99
C LEU A 1562 30.02 -10.76 17.57
N SER A 1563 29.13 -10.63 16.59
CA SER A 1563 29.46 -10.87 15.19
C SER A 1563 29.36 -9.56 14.43
N HIS A 1564 29.95 -9.54 13.23
CA HIS A 1564 29.98 -8.32 12.44
C HIS A 1564 28.72 -8.15 11.60
N VAL A 1565 28.02 -9.25 11.31
CA VAL A 1565 26.70 -9.18 10.70
C VAL A 1565 25.74 -8.43 11.60
N GLN A 1566 25.83 -8.66 12.92
CA GLN A 1566 24.99 -7.94 13.86
C GLN A 1566 25.28 -6.45 13.84
N PHE A 1567 26.56 -6.07 13.74
CA PHE A 1567 26.90 -4.66 13.64
C PHE A 1567 26.36 -4.06 12.34
N ARG A 1568 26.42 -4.81 11.25
CA ARG A 1568 25.87 -4.34 9.98
C ARG A 1568 24.37 -4.08 10.10
N ASN A 1569 23.65 -5.01 10.73
CA ASN A 1569 22.21 -4.84 10.94
C ASN A 1569 21.91 -3.66 11.83
N PHE A 1570 22.72 -3.44 12.88
CA PHE A 1570 22.51 -2.31 13.76
C PHE A 1570 22.77 -0.99 13.06
N ILE A 1571 23.88 -0.89 12.32
CA ILE A 1571 24.24 0.35 11.66
C ILE A 1571 23.32 0.64 10.49
N ALA A 1572 22.59 -0.37 10.01
CA ALA A 1572 21.58 -0.13 9.00
C ALA A 1572 20.40 0.70 9.50
N HIS A 1573 20.19 0.81 10.81
CA HIS A 1573 18.96 1.38 11.35
C HIS A 1573 19.24 2.42 12.43
N VAL A 1574 20.31 3.22 12.27
CA VAL A 1574 20.57 4.29 13.23
C VAL A 1574 19.56 5.42 13.08
N ASP A 1575 19.21 5.77 11.84
CA ASP A 1575 18.11 6.69 11.58
C ASP A 1575 16.80 5.91 11.64
N ALA A 1576 15.86 6.36 12.47
CA ALA A 1576 14.80 5.45 12.89
C ALA A 1576 13.75 5.26 11.79
N LYS A 1577 12.92 6.28 11.56
CA LYS A 1577 11.75 6.17 10.69
C LYS A 1577 11.26 7.58 10.36
N SER A 1578 10.36 7.63 9.38
CA SER A 1578 9.61 8.84 9.08
C SER A 1578 8.25 8.42 8.54
N ARG A 1579 7.18 8.80 9.24
CA ARG A 1579 5.85 8.33 8.93
C ARG A 1579 5.02 9.43 8.26
N SER A 1580 4.48 9.11 7.09
CA SER A 1580 3.54 9.98 6.41
C SER A 1580 2.30 9.18 6.03
N VAL A 1581 1.12 9.71 6.34
CA VAL A 1581 -0.14 9.09 5.98
C VAL A 1581 -0.83 9.95 4.93
N ARG A 1582 -1.28 9.32 3.85
CA ARG A 1582 -1.87 10.03 2.72
C ARG A 1582 -3.38 10.02 2.87
N LEU A 1583 -3.93 11.13 3.37
CA LEU A 1583 -5.37 11.24 3.53
C LEU A 1583 -6.01 11.67 2.20
N LEU A 1584 -7.33 11.61 2.17
CA LEU A 1584 -8.11 11.96 0.97
C LEU A 1584 -9.21 12.92 1.40
N GLY A 1585 -8.96 14.22 1.26
CA GLY A 1585 -9.89 15.19 1.78
C GLY A 1585 -9.85 16.56 1.15
N ALA A 1586 -10.07 17.59 1.96
CA ALA A 1586 -10.12 18.95 1.46
C ALA A 1586 -8.75 19.38 0.94
N PRO A 1587 -8.71 20.28 -0.06
CA PRO A 1587 -7.43 20.64 -0.68
C PRO A 1587 -6.56 21.53 0.19
N VAL A 1588 -5.80 20.91 1.08
CA VAL A 1588 -4.88 21.66 1.94
C VAL A 1588 -3.59 22.00 1.19
N VAL A 1594 2.22 20.66 13.33
CA VAL A 1594 1.71 21.45 14.44
C VAL A 1594 0.39 22.12 14.06
N THR A 1595 0.15 22.22 12.76
CA THR A 1595 -1.05 22.86 12.23
C THR A 1595 -1.90 21.94 11.37
N THR A 1596 -1.27 21.23 10.42
CA THR A 1596 -2.04 20.43 9.47
C THR A 1596 -2.63 19.18 10.13
N ILE A 1597 -1.93 18.65 11.14
CA ILE A 1597 -2.46 17.55 11.92
C ILE A 1597 -3.74 17.97 12.65
N SER A 1598 -3.74 19.18 13.20
CA SER A 1598 -4.93 19.68 13.88
C SER A 1598 -6.11 19.82 12.91
N GLN A 1599 -5.85 20.31 11.70
CA GLN A 1599 -6.92 20.44 10.72
C GLN A 1599 -7.48 19.08 10.30
N VAL A 1600 -6.61 18.10 10.05
CA VAL A 1600 -7.13 16.81 9.61
C VAL A 1600 -7.82 16.09 10.75
N VAL A 1601 -7.39 16.30 12.00
CA VAL A 1601 -8.09 15.69 13.12
C VAL A 1601 -9.47 16.32 13.30
N ARG A 1602 -9.56 17.64 13.08
CA ARG A 1602 -10.85 18.31 13.19
C ARG A 1602 -11.79 17.91 12.07
N MET A 1603 -11.30 17.86 10.83
CA MET A 1603 -12.16 17.78 9.65
C MET A 1603 -12.40 16.37 9.15
N ASN A 1604 -11.77 15.36 9.73
CA ASN A 1604 -11.89 13.99 9.24
C ASN A 1604 -12.39 13.02 10.29
N PHE A 1605 -12.93 13.51 11.41
CA PHE A 1605 -13.52 12.60 12.39
C PHE A 1605 -14.78 11.93 11.83
N PHE A 1606 -15.60 12.69 11.11
CA PHE A 1606 -16.82 12.17 10.50
C PHE A 1606 -17.15 13.06 9.31
N PRO A 1607 -17.67 12.50 8.21
CA PRO A 1607 -18.02 13.34 7.06
C PRO A 1607 -19.10 14.36 7.39
N GLY A 1608 -18.87 15.60 6.96
CA GLY A 1608 -19.81 16.67 7.22
C GLY A 1608 -19.87 17.11 8.66
N PHE A 1609 -18.84 16.83 9.45
CA PHE A 1609 -18.81 17.17 10.86
C PHE A 1609 -17.48 17.84 11.18
N SER A 1610 -17.53 18.87 12.04
CA SER A 1610 -16.35 19.56 12.51
C SER A 1610 -16.25 19.32 14.01
N LEU A 1611 -15.13 18.75 14.45
CA LEU A 1611 -14.91 18.38 15.83
C LEU A 1611 -14.17 19.51 16.55
N GLU A 1612 -14.88 20.26 17.38
CA GLU A 1612 -14.27 21.32 18.16
C GLU A 1612 -14.03 20.88 19.60
N SER A 1625 -18.58 33.14 25.66
CA SER A 1625 -18.12 34.49 25.92
C SER A 1625 -16.62 34.61 25.68
N ILE A 1626 -15.88 33.59 26.14
CA ILE A 1626 -14.44 33.57 25.93
C ILE A 1626 -14.11 33.44 24.45
N SER A 1627 -14.83 32.58 23.73
CA SER A 1627 -14.60 32.44 22.30
C SER A 1627 -15.00 33.69 21.54
N ILE A 1628 -15.97 34.45 22.05
CA ILE A 1628 -16.28 35.76 21.47
C ILE A 1628 -15.10 36.71 21.63
N LEU A 1629 -14.44 36.66 22.80
CA LEU A 1629 -13.22 37.44 23.00
C LEU A 1629 -12.13 37.01 22.03
N LYS A 1630 -12.02 35.70 21.78
CA LYS A 1630 -11.06 35.21 20.79
C LYS A 1630 -11.36 35.75 19.41
N HIS A 1631 -12.64 35.75 19.03
CA HIS A 1631 -13.06 36.26 17.72
C HIS A 1631 -12.78 37.75 17.59
N VAL A 1632 -12.95 38.50 18.68
CA VAL A 1632 -12.60 39.91 18.66
C VAL A 1632 -11.09 40.10 18.51
N LEU A 1633 -10.31 39.37 19.32
CA LEU A 1633 -8.86 39.55 19.34
C LEU A 1633 -8.21 39.11 18.03
N PHE A 1634 -8.77 38.10 17.37
CA PHE A 1634 -8.20 37.66 16.09
C PHE A 1634 -8.31 38.75 15.04
N MET A 1635 -9.46 39.41 14.96
CA MET A 1635 -9.62 40.52 14.01
C MET A 1635 -8.84 41.75 14.46
N VAL A 1636 -8.63 41.91 15.77
CA VAL A 1636 -7.83 43.03 16.25
C VAL A 1636 -6.37 42.88 15.85
N LEU A 1637 -5.79 41.71 16.11
CA LEU A 1637 -4.36 41.54 15.92
C LEU A 1637 -4.00 41.39 14.45
N ASN A 1638 -4.97 41.06 13.60
CA ASN A 1638 -4.75 40.95 12.17
C ASN A 1638 -5.24 42.17 11.40
N GLY A 1639 -5.80 43.17 12.09
CA GLY A 1639 -6.39 44.31 11.44
C GLY A 1639 -5.36 45.31 10.97
N PRO A 1640 -5.82 46.24 10.12
CA PRO A 1640 -4.91 47.29 9.59
C PRO A 1640 -4.82 48.49 10.53
N TYR A 1641 -4.22 48.25 11.69
CA TYR A 1641 -4.04 49.28 12.71
C TYR A 1641 -2.57 49.29 13.14
N THR A 1642 -2.22 50.33 13.91
CA THR A 1642 -0.88 50.43 14.46
C THR A 1642 -0.88 49.96 15.92
N GLU A 1643 0.30 49.97 16.54
CA GLU A 1643 0.43 49.49 17.91
C GLU A 1643 -0.38 50.33 18.88
N GLU A 1644 -0.38 51.65 18.71
CA GLU A 1644 -1.14 52.54 19.58
C GLU A 1644 -2.64 52.25 19.49
N TYR A 1645 -3.19 52.16 18.27
CA TYR A 1645 -4.63 51.97 18.11
C TYR A 1645 -5.04 50.55 18.47
N LYS A 1646 -4.18 49.57 18.22
CA LYS A 1646 -4.47 48.19 18.61
C LYS A 1646 -4.45 48.02 20.12
N LEU A 1647 -3.55 48.72 20.81
CA LEU A 1647 -3.37 48.53 22.25
C LEU A 1647 -4.61 48.95 23.03
N GLU A 1648 -5.39 49.88 22.48
CA GLU A 1648 -6.55 50.42 23.19
C GLU A 1648 -7.66 49.39 23.31
N MET A 1649 -8.13 48.86 22.18
CA MET A 1649 -9.36 48.09 22.23
C MET A 1649 -9.15 46.67 22.74
N ILE A 1650 -7.92 46.16 22.78
CA ILE A 1650 -7.64 44.93 23.52
C ILE A 1650 -7.92 45.14 25.00
N ILE A 1651 -7.42 46.24 25.56
CA ILE A 1651 -7.70 46.59 26.95
C ILE A 1651 -9.19 46.81 27.14
N GLU A 1652 -9.84 47.44 26.17
CA GLU A 1652 -11.28 47.67 26.25
C GLU A 1652 -12.06 46.36 26.29
N ALA A 1653 -11.66 45.38 25.46
CA ALA A 1653 -12.33 44.09 25.44
C ALA A 1653 -12.08 43.28 26.70
N PHE A 1654 -10.88 43.36 27.28
CA PHE A 1654 -10.66 42.71 28.57
C PHE A 1654 -11.32 43.47 29.70
N SER A 1655 -11.67 44.74 29.49
CA SER A 1655 -12.39 45.51 30.49
C SER A 1655 -13.91 45.38 30.38
N THR A 1656 -14.42 44.87 29.26
CA THR A 1656 -15.86 44.66 29.09
C THR A 1656 -16.27 43.22 29.38
N LEU A 1657 -15.69 42.26 28.66
CA LEU A 1657 -16.09 40.87 28.79
C LEU A 1657 -15.60 40.27 30.11
N VAL A 1658 -16.30 39.25 30.57
CA VAL A 1658 -16.01 38.60 31.85
C VAL A 1658 -15.41 37.22 31.56
N ILE A 1659 -14.36 36.88 32.30
CA ILE A 1659 -13.61 35.66 32.07
C ILE A 1659 -13.63 34.86 33.37
N PRO A 1660 -13.80 33.53 33.32
CA PRO A 1660 -13.73 32.74 34.55
C PRO A 1660 -12.35 32.83 35.21
N GLN A 1661 -12.34 32.71 36.54
CA GLN A 1661 -11.10 32.82 37.28
C GLN A 1661 -10.21 31.59 37.02
N PRO A 1662 -8.89 31.76 37.05
CA PRO A 1662 -7.98 30.68 36.67
C PRO A 1662 -7.96 29.56 37.71
N SER A 1663 -7.29 28.47 37.33
CA SER A 1663 -7.21 27.26 38.14
C SER A 1663 -5.86 26.61 37.87
N GLU A 1664 -5.73 25.34 38.26
CA GLU A 1664 -4.48 24.60 38.11
C GLU A 1664 -4.65 23.58 36.99
N VAL A 1665 -3.97 23.80 35.88
CA VAL A 1665 -3.95 22.85 34.78
C VAL A 1665 -2.50 22.47 34.52
N ILE A 1666 -2.32 21.24 34.02
CA ILE A 1666 -0.99 20.70 33.77
C ILE A 1666 -0.82 20.48 32.27
N ARG A 1667 -1.48 21.33 31.49
CA ARG A 1667 -1.32 21.32 30.03
C ARG A 1667 -1.63 22.72 29.51
N LYS A 1668 -1.22 22.96 28.26
CA LYS A 1668 -1.34 24.30 27.70
C LYS A 1668 -2.79 24.59 27.33
N SER A 1669 -3.36 25.60 27.98
CA SER A 1669 -4.71 26.06 27.66
C SER A 1669 -4.64 27.53 27.29
N ARG A 1670 -5.25 27.89 26.16
CA ARG A 1670 -5.32 29.29 25.77
C ARG A 1670 -6.35 30.04 26.59
N THR A 1671 -7.39 29.35 27.07
CA THR A 1671 -8.44 30.01 27.83
C THR A 1671 -7.91 30.58 29.13
N MET A 1672 -7.17 29.78 29.91
CA MET A 1672 -6.68 30.27 31.18
C MET A 1672 -5.49 31.20 30.99
N THR A 1673 -4.78 31.08 29.87
CA THR A 1673 -3.81 32.09 29.49
C THR A 1673 -4.48 33.44 29.26
N LEU A 1674 -5.66 33.44 28.63
CA LEU A 1674 -6.45 34.66 28.52
C LEU A 1674 -6.93 35.13 29.89
N CYS A 1675 -7.30 34.20 30.77
CA CYS A 1675 -7.71 34.55 32.13
C CYS A 1675 -6.61 35.30 32.86
N LEU A 1676 -5.37 34.89 32.68
CA LEU A 1676 -4.26 35.52 33.38
C LEU A 1676 -4.06 36.97 32.93
N LEU A 1677 -4.19 37.24 31.62
CA LEU A 1677 -4.11 38.62 31.16
C LEU A 1677 -5.36 39.41 31.52
N SER A 1678 -6.49 38.72 31.68
CA SER A 1678 -7.70 39.38 32.18
C SER A 1678 -7.51 39.86 33.61
N ASN A 1679 -6.83 39.05 34.44
CA ASN A 1679 -6.53 39.47 35.80
C ASN A 1679 -5.39 40.49 35.86
N TYR A 1680 -4.41 40.39 34.94
CA TYR A 1680 -3.32 41.35 34.92
C TYR A 1680 -3.82 42.76 34.63
N LEU A 1681 -4.76 42.90 33.69
CA LEU A 1681 -5.31 44.20 33.38
C LEU A 1681 -6.28 44.69 34.45
N SER A 1682 -6.63 43.85 35.41
CA SER A 1682 -7.56 44.22 36.47
C SER A 1682 -6.91 44.31 37.84
N SER A 1683 -5.83 43.58 38.07
CA SER A 1683 -5.10 43.55 39.34
C SER A 1683 -6.02 43.18 40.51
N ARG A 1684 -6.80 42.12 40.30
CA ARG A 1684 -7.78 41.70 41.30
C ARG A 1684 -7.11 40.97 42.47
N GLY A 1685 -6.46 39.84 42.18
CA GLY A 1685 -5.92 39.00 43.24
C GLY A 1685 -4.73 39.63 43.95
N GLY A 1686 -3.99 40.48 43.25
CA GLY A 1686 -2.80 41.09 43.83
C GLY A 1686 -1.63 41.05 42.87
N SER A 1687 -0.55 40.38 43.27
CA SER A 1687 0.60 40.24 42.39
C SER A 1687 0.28 39.27 41.26
N ILE A 1688 0.61 39.69 40.03
CA ILE A 1688 0.39 38.86 38.86
C ILE A 1688 1.28 37.61 38.89
N LEU A 1689 2.50 37.75 39.44
CA LEU A 1689 3.44 36.63 39.46
C LEU A 1689 2.94 35.48 40.32
N ASP A 1690 2.29 35.79 41.45
CA ASP A 1690 1.73 34.73 42.28
C ASP A 1690 0.57 34.02 41.58
N GLN A 1691 -0.26 34.78 40.87
CA GLN A 1691 -1.36 34.18 40.12
C GLN A 1691 -0.84 33.26 39.03
N ILE A 1692 0.24 33.67 38.34
CA ILE A 1692 0.84 32.83 37.31
C ILE A 1692 1.50 31.61 37.92
N GLU A 1693 2.15 31.78 39.07
CA GLU A 1693 2.80 30.66 39.76
C GLU A 1693 1.79 29.61 40.20
N ARG A 1694 0.67 30.05 40.76
CA ARG A 1694 -0.36 29.11 41.19
C ARG A 1694 -1.08 28.49 39.98
N ALA A 1695 -1.33 29.28 38.94
CA ALA A 1695 -1.97 28.75 37.74
C ALA A 1695 -1.03 27.90 36.90
N GLN A 1696 0.28 27.94 37.18
CA GLN A 1696 1.27 27.03 36.58
C GLN A 1696 1.30 27.17 35.06
N SER A 1697 1.14 28.40 34.57
CA SER A 1697 1.14 28.66 33.12
C SER A 1697 2.02 29.87 32.87
N GLY A 1698 3.26 29.64 32.46
CA GLY A 1698 4.18 30.70 32.10
C GLY A 1698 5.53 30.50 32.76
N THR A 1699 6.58 30.84 32.01
CA THR A 1699 7.95 30.72 32.50
C THR A 1699 8.21 31.86 33.48
N LEU A 1700 8.53 31.53 34.73
CA LEU A 1700 8.87 32.53 35.72
C LEU A 1700 10.30 32.28 36.20
N GLY A 1701 10.95 33.35 36.65
CA GLY A 1701 12.30 33.21 37.18
C GLY A 1701 13.17 34.35 36.70
N GLY A 1702 14.46 34.23 37.02
CA GLY A 1702 15.40 35.27 36.68
C GLY A 1702 16.83 34.79 36.76
N PHE A 1703 17.74 35.68 36.38
CA PHE A 1703 19.16 35.38 36.43
C PHE A 1703 19.66 35.45 37.87
N SER A 1704 20.10 34.32 38.40
CA SER A 1704 20.77 34.30 39.69
C SER A 1704 22.24 34.69 39.58
N LYS A 1705 22.75 34.79 38.37
CA LYS A 1705 24.12 35.26 38.12
C LYS A 1705 24.09 35.99 36.79
N PRO A 1706 24.02 37.30 36.79
CA PRO A 1706 23.99 38.05 35.54
C PRO A 1706 25.32 37.96 34.80
N GLN A 1707 25.22 38.01 33.48
CA GLN A 1707 26.40 38.01 32.62
C GLN A 1707 27.00 39.41 32.54
N LYS A 1708 28.31 39.47 32.33
CA LYS A 1708 28.96 40.75 32.13
C LYS A 1708 28.50 41.35 30.81
N THR A 1709 27.96 42.57 30.87
CA THR A 1709 27.33 43.22 29.74
C THR A 1709 28.35 44.13 29.04
N PHE A 1710 28.41 44.02 27.71
CA PHE A 1710 29.46 44.69 26.95
C PHE A 1710 28.82 45.31 25.70
N VAL A 1711 29.45 46.35 25.18
CA VAL A 1711 28.90 47.04 24.01
C VAL A 1711 29.56 46.49 22.74
N ARG A 1712 28.74 45.91 21.87
CA ARG A 1712 29.24 45.42 20.60
C ARG A 1712 29.59 46.59 19.68
N PRO A 1713 30.49 46.39 18.70
CA PRO A 1713 30.79 47.45 17.73
C PRO A 1713 29.57 47.88 16.94
N GLY A 1714 29.14 49.13 17.14
CA GLY A 1714 27.93 49.63 16.51
C GLY A 1714 26.87 49.99 17.52
N GLY A 1715 25.71 49.33 17.43
CA GLY A 1715 24.62 49.58 18.36
C GLY A 1715 24.17 48.36 19.11
N GLY A 1716 24.89 47.24 18.94
CA GLY A 1716 24.52 46.00 19.59
C GLY A 1716 25.12 45.86 20.97
N VAL A 1717 24.56 44.91 21.73
CA VAL A 1717 24.99 44.60 23.09
C VAL A 1717 25.30 43.11 23.18
N GLY A 1718 26.44 42.77 23.78
CA GLY A 1718 26.87 41.41 23.93
C GLY A 1718 27.11 41.00 25.38
N TYR A 1719 27.31 39.70 25.55
CA TYR A 1719 27.52 39.10 26.85
C TYR A 1719 28.66 38.08 26.75
N LYS A 1720 29.41 37.93 27.83
CA LYS A 1720 30.59 37.08 27.82
C LYS A 1720 30.71 36.16 29.04
N GLY A 1721 29.98 36.39 30.12
CA GLY A 1721 30.19 35.67 31.36
C GLY A 1721 29.45 34.35 31.41
N LYS A 1722 29.60 33.68 32.56
CA LYS A 1722 28.97 32.39 32.81
C LYS A 1722 27.66 32.64 33.57
N GLY A 1723 26.67 33.14 32.85
CA GLY A 1723 25.39 33.44 33.46
C GLY A 1723 24.65 32.20 33.92
N VAL A 1724 23.87 32.37 34.98
CA VAL A 1724 23.05 31.31 35.55
C VAL A 1724 21.62 31.82 35.67
N TRP A 1725 20.69 31.07 35.10
CA TRP A 1725 19.26 31.35 35.18
C TRP A 1725 18.62 30.36 36.13
N THR A 1726 17.70 30.83 36.97
CA THR A 1726 16.96 29.96 37.86
C THR A 1726 15.49 30.37 37.87
N GLY A 1727 14.61 29.39 37.79
CA GLY A 1727 13.20 29.71 37.80
C GLY A 1727 12.33 28.47 37.85
N VAL A 1728 11.07 28.66 37.47
CA VAL A 1728 10.09 27.59 37.38
C VAL A 1728 9.45 27.62 36.00
N MET A 1729 9.30 26.43 35.41
CA MET A 1729 8.58 26.24 34.14
C MET A 1729 7.75 24.97 34.32
N GLU A 1730 6.43 25.15 34.46
CA GLU A 1730 5.46 24.08 34.62
C GLU A 1730 5.78 23.22 35.84
N ASP A 1731 5.69 23.87 37.01
CA ASP A 1731 5.80 23.20 38.31
C ASP A 1731 7.13 22.47 38.47
N THR A 1732 8.21 23.09 38.00
CA THR A 1732 9.52 22.44 37.99
C THR A 1732 10.61 23.47 38.18
N HIS A 1733 11.47 23.25 39.17
CA HIS A 1733 12.62 24.12 39.38
C HIS A 1733 13.67 23.85 38.31
N VAL A 1734 14.06 24.89 37.57
CA VAL A 1734 15.00 24.78 36.47
C VAL A 1734 16.17 25.71 36.75
N GLN A 1735 17.38 25.16 36.60
CA GLN A 1735 18.63 25.91 36.72
C GLN A 1735 19.41 25.73 35.42
N ILE A 1736 19.55 26.81 34.66
CA ILE A 1736 20.21 26.79 33.35
C ILE A 1736 21.56 27.47 33.49
N LEU A 1737 22.60 26.81 32.98
CA LEU A 1737 23.94 27.39 32.94
C LEU A 1737 24.28 27.77 31.51
N ILE A 1738 24.68 29.02 31.30
CA ILE A 1738 25.02 29.50 29.97
C ILE A 1738 26.38 30.17 30.01
N ASP A 1739 27.01 30.25 28.83
CA ASP A 1739 28.33 30.82 28.66
C ASP A 1739 28.29 31.78 27.47
N GLY A 1740 29.45 32.33 27.13
CA GLY A 1740 29.58 33.20 25.97
C GLY A 1740 31.02 33.32 25.56
N ASP A 1741 31.22 33.86 24.35
CA ASP A 1741 32.56 34.15 23.86
C ASP A 1741 32.63 35.47 23.13
N GLY A 1742 31.60 36.31 23.24
CA GLY A 1742 31.55 37.60 22.57
C GLY A 1742 30.80 37.60 21.26
N THR A 1743 30.49 36.43 20.72
CA THR A 1743 29.73 36.31 19.49
C THR A 1743 28.39 35.61 19.66
N SER A 1744 28.32 34.62 20.54
CA SER A 1744 27.09 33.86 20.76
C SER A 1744 27.05 33.41 22.21
N ASN A 1745 25.92 32.82 22.59
CA ASN A 1745 25.72 32.26 23.92
C ASN A 1745 25.13 30.87 23.77
N TRP A 1746 25.48 29.98 24.70
CA TRP A 1746 25.09 28.58 24.57
C TRP A 1746 24.77 27.98 25.93
N LEU A 1747 23.95 26.94 25.90
CA LEU A 1747 23.62 26.19 27.11
C LEU A 1747 24.82 25.37 27.58
N GLU A 1748 25.01 25.28 28.88
CA GLU A 1748 26.07 24.50 29.47
C GLU A 1748 25.55 23.30 30.26
N GLU A 1749 24.54 23.50 31.10
CA GLU A 1749 23.93 22.44 31.87
C GLU A 1749 22.49 22.82 32.18
N ILE A 1750 21.63 21.81 32.23
CA ILE A 1750 20.25 21.96 32.68
C ILE A 1750 20.08 21.13 33.94
N ARG A 1751 19.64 21.76 35.03
CA ARG A 1751 19.44 21.09 36.29
C ARG A 1751 17.97 21.15 36.66
N LEU A 1752 17.36 19.99 36.86
CA LEU A 1752 15.93 19.88 37.12
C LEU A 1752 15.70 19.12 38.42
N SER A 1753 14.72 19.56 39.19
CA SER A 1753 14.37 18.89 40.43
C SER A 1753 13.52 17.65 40.20
N SER A 1754 13.04 17.42 38.98
CA SER A 1754 12.17 16.29 38.67
C SER A 1754 12.17 16.08 37.17
N ASP A 1755 11.85 14.86 36.76
CA ASP A 1755 11.76 14.52 35.35
C ASP A 1755 10.38 14.00 34.95
N ALA A 1756 9.35 14.37 35.71
CA ALA A 1756 8.00 13.89 35.43
C ALA A 1756 7.46 14.46 34.12
N ARG A 1757 7.92 15.64 33.73
CA ARG A 1757 7.44 16.33 32.53
C ARG A 1757 8.61 16.91 31.74
N LEU A 1758 9.61 16.05 31.48
CA LEU A 1758 10.86 16.49 30.86
C LEU A 1758 10.62 17.13 29.50
N TYR A 1759 9.73 16.56 28.69
CA TYR A 1759 9.56 17.05 27.31
C TYR A 1759 8.97 18.46 27.29
N ASP A 1760 7.97 18.72 28.13
CA ASP A 1760 7.39 20.06 28.21
C ASP A 1760 8.42 21.07 28.71
N VAL A 1761 9.23 20.68 29.69
CA VAL A 1761 10.28 21.56 30.20
C VAL A 1761 11.31 21.86 29.11
N ILE A 1762 11.67 20.86 28.32
CA ILE A 1762 12.63 21.08 27.23
CA ILE A 1762 12.63 21.08 27.23
C ILE A 1762 12.07 22.04 26.20
N GLU A 1763 10.79 21.87 25.84
CA GLU A 1763 10.19 22.78 24.89
C GLU A 1763 10.10 24.21 25.44
N SER A 1764 9.82 24.33 26.74
CA SER A 1764 9.83 25.64 27.39
C SER A 1764 11.23 26.26 27.37
N ILE A 1765 12.26 25.45 27.58
CA ILE A 1765 13.63 25.94 27.47
C ILE A 1765 13.93 26.39 26.05
N ARG A 1766 13.40 25.68 25.06
CA ARG A 1766 13.58 26.09 23.67
C ARG A 1766 12.97 27.46 23.44
N ARG A 1767 11.76 27.68 23.96
CA ARG A 1767 11.15 29.00 23.82
C ARG A 1767 11.91 30.06 24.60
N LEU A 1768 12.44 29.71 25.76
CA LEU A 1768 13.21 30.65 26.57
C LEU A 1768 14.48 31.08 25.85
N CYS A 1769 15.15 30.13 25.18
CA CYS A 1769 16.36 30.44 24.43
C CYS A 1769 16.08 31.00 23.05
N ASP A 1770 14.85 30.90 22.57
CA ASP A 1770 14.52 31.44 21.25
CA ASP A 1770 14.52 31.44 21.25
C ASP A 1770 14.66 32.95 21.22
N ASP A 1771 14.16 33.64 22.24
CA ASP A 1771 14.21 35.10 22.27
C ASP A 1771 15.42 35.66 23.01
N LEU A 1772 16.05 34.87 23.88
CA LEU A 1772 17.27 35.31 24.55
C LEU A 1772 18.51 35.13 23.69
N GLY A 1773 18.39 34.54 22.51
CA GLY A 1773 19.53 34.35 21.63
C GLY A 1773 20.57 33.38 22.14
N ILE A 1774 20.14 32.23 22.67
CA ILE A 1774 21.01 31.19 23.17
C ILE A 1774 20.77 29.94 22.35
N ASN A 1775 21.85 29.33 21.86
CA ASN A 1775 21.75 28.17 20.99
C ASN A 1775 22.32 26.93 21.67
N ASN A 1776 21.72 25.78 21.38
CA ASN A 1776 22.19 24.49 21.88
C ASN A 1776 22.98 23.79 20.80
N ARG A 1777 24.09 24.41 20.39
CA ARG A 1777 24.93 23.85 19.34
C ARG A 1777 26.36 23.62 19.77
N VAL A 1778 26.69 23.86 21.04
CA VAL A 1778 28.04 23.70 21.57
C VAL A 1778 28.06 22.47 22.46
N ALA A 1779 29.02 21.58 22.22
CA ALA A 1779 29.15 20.36 22.99
C ALA A 1779 29.87 20.63 24.31
N SER A 1780 29.38 20.01 25.38
CA SER A 1780 30.01 20.15 26.68
C SER A 1780 31.09 19.09 26.87
N ALA A 1781 32.13 19.45 27.62
CA ALA A 1781 33.20 18.52 27.93
C ALA A 1781 32.89 17.64 29.14
N TYR A 1782 31.74 17.84 29.79
CA TYR A 1782 31.39 17.06 30.97
C TYR A 1782 31.13 15.62 30.57
N ARG A 1783 32.00 14.72 30.98
CA ARG A 1783 31.91 13.31 30.64
C ARG A 1783 31.40 12.45 31.80
N GLY A 1784 30.83 13.08 32.83
CA GLY A 1784 30.30 12.35 33.95
C GLY A 1784 28.97 11.69 33.66
N HIS A 1785 28.11 11.57 34.66
CA HIS A 1785 26.83 10.89 34.52
C HIS A 1785 25.69 11.90 34.65
N CYS A 1786 24.73 11.79 33.74
CA CYS A 1786 23.50 12.57 33.78
C CYS A 1786 22.34 11.62 33.48
N MET A 1787 21.15 12.16 33.25
CA MET A 1787 20.06 11.31 32.81
C MET A 1787 19.85 11.37 31.30
N VAL A 1788 19.87 12.56 30.71
CA VAL A 1788 19.81 12.72 29.25
C VAL A 1788 20.75 13.85 28.86
N ARG A 1789 20.92 14.00 27.55
CA ARG A 1789 21.68 15.12 27.00
C ARG A 1789 20.85 15.82 25.93
N LEU A 1790 21.05 17.13 25.84
CA LEU A 1790 20.29 17.98 24.92
C LEU A 1790 21.23 18.50 23.85
N SER A 1791 20.90 18.22 22.59
CA SER A 1791 21.67 18.70 21.45
C SER A 1791 20.69 19.27 20.44
N GLY A 1792 20.73 20.58 20.23
CA GLY A 1792 19.73 21.24 19.40
C GLY A 1792 18.34 21.14 19.98
N PHE A 1793 18.22 21.23 21.30
CA PHE A 1793 16.95 21.10 22.03
C PHE A 1793 16.25 19.78 21.71
N LYS A 1794 17.03 18.71 21.62
CA LYS A 1794 16.54 17.37 21.40
C LYS A 1794 17.12 16.44 22.46
N ILE A 1795 16.30 15.53 22.97
CA ILE A 1795 16.72 14.61 24.02
C ILE A 1795 17.57 13.51 23.39
N LYS A 1796 18.74 13.26 23.98
CA LYS A 1796 19.69 12.27 23.53
C LYS A 1796 20.01 11.31 24.67
N PRO A 1797 20.46 10.09 24.37
CA PRO A 1797 20.89 9.17 25.42
C PRO A 1797 22.06 9.73 26.21
N ALA A 1798 22.12 9.36 27.49
CA ALA A 1798 23.09 9.96 28.41
C ALA A 1798 24.53 9.61 28.06
N SER A 1799 24.76 8.57 27.25
CA SER A 1799 26.11 8.20 26.85
C SER A 1799 26.64 9.07 25.71
N ARG A 1800 25.80 9.92 25.13
CA ARG A 1800 26.20 10.80 24.04
C ARG A 1800 27.27 11.78 24.51
N THR A 1801 28.02 12.33 23.54
CA THR A 1801 29.09 13.28 23.86
C THR A 1801 29.09 14.45 22.89
N ASP A 1802 27.90 14.98 22.55
CA ASP A 1802 27.84 16.14 21.68
C ASP A 1802 26.77 17.16 22.09
N GLY A 1803 26.31 17.14 23.33
CA GLY A 1803 25.35 18.14 23.77
C GLY A 1803 25.58 18.56 25.21
N CYS A 1804 24.64 19.35 25.76
CA CYS A 1804 24.82 19.67 27.16
C CYS A 1804 24.09 18.66 28.04
N PRO A 1805 24.63 18.33 29.22
CA PRO A 1805 23.95 17.38 30.09
C PRO A 1805 22.69 17.97 30.72
N VAL A 1806 21.74 17.09 31.04
CA VAL A 1806 20.57 17.43 31.83
C VAL A 1806 20.65 16.60 33.11
N ARG A 1807 20.76 17.28 34.24
CA ARG A 1807 21.07 16.63 35.50
C ARG A 1807 19.94 16.84 36.50
N ILE A 1808 19.85 15.93 37.46
CA ILE A 1808 18.88 16.03 38.54
C ILE A 1808 19.37 17.05 39.57
N MET A 1809 18.46 17.57 40.37
CA MET A 1809 18.83 18.39 41.52
C MET A 1809 18.56 17.66 42.82
N VAL A 1824 6.22 43.88 34.80
CA VAL A 1824 5.22 43.08 34.12
C VAL A 1824 4.35 43.97 33.24
N LYS A 1825 4.67 43.98 31.94
CA LYS A 1825 3.95 44.80 30.98
C LYS A 1825 3.55 43.96 29.78
N MET A 1826 2.51 44.42 29.09
CA MET A 1826 1.90 43.67 28.00
C MET A 1826 2.32 44.28 26.67
N ARG A 1827 2.78 43.41 25.76
CA ARG A 1827 3.36 43.83 24.49
C ARG A 1827 2.67 43.12 23.33
N VAL A 1828 2.78 43.72 22.14
CA VAL A 1828 2.22 43.17 20.92
C VAL A 1828 3.33 43.11 19.87
N ARG A 1829 3.78 41.89 19.56
CA ARG A 1829 4.64 41.66 18.41
C ARG A 1829 3.76 41.41 17.19
N GLY A 1830 4.36 41.13 16.05
CA GLY A 1830 3.60 40.96 14.82
C GLY A 1830 2.62 39.81 14.88
N ASP A 1831 1.34 40.15 15.05
CA ASP A 1831 0.25 39.20 15.30
C ASP A 1831 0.56 38.30 16.50
N ILE A 1832 1.23 38.84 17.52
CA ILE A 1832 1.57 38.11 18.73
C ILE A 1832 1.21 38.96 19.93
N LEU A 1833 0.55 38.36 20.92
CA LEU A 1833 0.08 39.08 22.11
C LEU A 1833 0.73 38.46 23.34
N ASN A 1834 1.59 39.22 24.01
CA ASN A 1834 2.45 38.68 25.05
C ASN A 1834 2.36 39.51 26.32
N LEU A 1835 2.70 38.87 27.44
CA LEU A 1835 2.92 39.52 28.72
C LEU A 1835 4.32 39.17 29.20
N SER A 1836 5.10 40.18 29.56
CA SER A 1836 6.54 40.01 29.76
C SER A 1836 7.03 40.87 30.92
N VAL A 1837 8.33 40.73 31.20
CA VAL A 1837 9.03 41.54 32.19
C VAL A 1837 10.51 41.54 31.82
N THR A 1838 11.19 42.63 32.16
CA THR A 1838 12.60 42.75 31.84
C THR A 1838 13.44 41.80 32.69
N ILE A 1839 14.53 41.33 32.12
CA ILE A 1839 15.44 40.39 32.78
C ILE A 1839 16.86 40.95 32.87
N GLN A 1840 17.35 41.60 31.83
CA GLN A 1840 18.67 42.21 31.86
C GLN A 1840 18.68 43.37 30.86
N GLU A 1841 19.70 44.21 30.98
CA GLU A 1841 19.81 45.39 30.12
C GLU A 1841 20.01 44.98 28.67
N GLY A 1842 19.11 45.45 27.80
CA GLY A 1842 19.11 45.03 26.41
C GLY A 1842 18.72 43.58 26.23
N ARG A 1843 17.77 43.09 27.03
CA ARG A 1843 17.36 41.69 26.98
C ARG A 1843 15.99 41.57 27.62
N VAL A 1844 15.00 41.16 26.84
CA VAL A 1844 13.61 41.03 27.30
C VAL A 1844 13.17 39.60 27.10
N MET A 1845 12.55 39.01 28.13
CA MET A 1845 12.03 37.66 28.06
C MET A 1845 10.53 37.67 28.32
N ASN A 1846 9.82 36.76 27.67
CA ASN A 1846 8.38 36.66 27.79
C ASN A 1846 7.98 35.81 28.99
N ILE A 1847 6.71 35.95 29.38
CA ILE A 1847 6.09 35.11 30.40
C ILE A 1847 4.85 34.41 29.86
N LEU A 1848 3.98 35.14 29.19
CA LEU A 1848 2.76 34.59 28.62
C LEU A 1848 2.66 34.98 27.15
N SER A 1849 2.13 34.07 26.33
CA SER A 1849 1.93 34.31 24.92
C SER A 1849 0.60 33.71 24.48
N TYR A 1850 -0.13 34.44 23.64
CA TYR A 1850 -1.37 33.93 23.06
C TYR A 1850 -1.39 34.26 21.58
N ARG A 1851 -1.43 33.22 20.75
CA ARG A 1851 -1.39 33.40 19.30
C ARG A 1851 -2.77 33.20 18.72
N PRO A 1852 -3.36 34.20 18.07
CA PRO A 1852 -4.67 34.02 17.45
C PRO A 1852 -4.60 33.03 16.31
N ARG A 1853 -5.67 32.26 16.15
CA ARG A 1853 -5.74 31.21 15.14
C ARG A 1853 -6.96 31.43 14.25
N ASP A 1854 -6.87 30.88 13.03
CA ASP A 1854 -7.94 31.05 12.04
C ASP A 1854 -9.22 30.33 12.42
N THR A 1855 -9.18 29.45 13.42
CA THR A 1855 -10.36 28.74 13.89
C THR A 1855 -11.07 29.47 15.02
N ASP A 1856 -10.77 30.75 15.23
CA ASP A 1856 -11.33 31.51 16.33
C ASP A 1856 -12.61 32.25 15.96
N ILE A 1857 -12.85 32.49 14.68
CA ILE A 1857 -14.04 33.21 14.25
C ILE A 1857 -15.30 32.38 14.44
MG MG F . -6.57 -3.73 -17.81
MG MG G . -7.92 -6.29 -20.46
MG MG H . 26.67 24.90 -6.43
PA 2KH I . -6.48 -7.43 -17.53
O1A 2KH I . -6.99 -7.35 -16.11
O2A 2KH I . -7.09 -6.30 -18.32
N3A 2KH I . -6.95 -8.92 -18.19
O5' 2KH I . -4.85 -7.30 -17.52
PB 2KH I . -6.86 -9.25 -19.87
O1B 2KH I . -6.56 -7.99 -20.63
O2B 2KH I . -5.79 -10.27 -20.12
O3B 2KH I . -8.29 -9.85 -20.39
PG 2KH I . -9.73 -9.11 -20.12
O1G 2KH I . -10.63 -9.30 -21.32
O2G 2KH I . -10.37 -9.70 -18.90
O3G 2KH I . -9.49 -7.63 -19.91
C5' 2KH I . -4.17 -7.00 -18.70
C4' 2KH I . -2.83 -7.71 -18.75
O4' 2KH I . -2.00 -7.45 -17.39
C1' 2KH I . -1.29 -8.52 -17.14
C2' 2KH I . -1.65 -9.52 -18.25
O2' 2KH I . -0.71 -9.47 -19.23
C3' 2KH I . -3.00 -9.00 -18.78
O3' 2KH I . -3.23 -9.49 -20.17
N1 2KH I . -1.65 -9.08 -15.82
C6 2KH I . -2.85 -8.64 -15.14
C2 2KH I . -0.78 -10.08 -15.17
O2 2KH I . 0.21 -10.43 -15.72
N3 2KH I . -1.12 -10.64 -13.85
C4 2KH I . -2.31 -10.21 -13.18
O4 2KH I . -2.58 -10.67 -12.12
C5 2KH I . -3.21 -9.20 -13.81
#